data_8F7Z
#
_entry.id   8F7Z
#
_cell.length_a   129.850
_cell.length_b   130.554
_cell.length_c   130.589
_cell.angle_alpha   90.00
_cell.angle_beta   90.00
_cell.angle_gamma   90.00
#
_symmetry.space_group_name_H-M   'P 21 21 21'
#
loop_
_entity.id
_entity.type
_entity.pdbx_description
1 polymer 'HIV-1 Env Fusion Peptide'
2 polymer 'VRC34_mm28 Heavy Chain'
3 polymer 'VRC34_m228 Light Chain'
4 water water
#
loop_
_entity_poly.entity_id
_entity_poly.type
_entity_poly.pdbx_seq_one_letter_code
_entity_poly.pdbx_strand_id
1 'polypeptide(L)' AVGTIGAM I,K,L,M
2 'polypeptide(L)'
;QKVLVQSGAEVKKPGASVKVSCRAFGYTFTGNPLHWVRQAPGQGLEWLGWINPHSGDTFTSQKFQGRVYMTRDKSINTAF
LDVTRLTSDDTGIYYCARDKYYGNEAVGMDVWGQGTSVTVSSASTKGPSVFPLAPSSKSTSGGTAALGCLVKDYFPEPVT
VSWNSGALTSGVHTFPAVLQSSGLYSLSSVVTVPSSSLGTQTYICNVNHKPSNTKVDKKVEPKSCDKGLEVLFQ
;
E,A,C,G
3 'polypeptide(L)'
;DIQLTQSPSFLSASVGDKVTITCRASQGVRNELAWYQQKPGKAPNLLIYYASTLQSGVPSRFSATGSGTHFTLTVSSLQP
EDFATYFCQHMSSYPLTFGGGTKVEIKRTVAAPSVFIFPPSDEQLKSGTASVVCLLNNFYPREAKVQWKVDNALQSGNSQ
ESVTEQDSKDSTYSLSSTLTLSKADYEKHKVYACEVTHQGLSSPVTKSFNRGEC
;
F,B,D,H
#
# COMPACT_ATOMS: atom_id res chain seq x y z
N ALA A 1 29.18 -20.49 11.64
CA ALA A 1 28.61 -19.49 10.76
C ALA A 1 28.38 -20.02 9.35
N VAL A 2 27.88 -19.15 8.48
CA VAL A 2 27.56 -19.51 7.12
C VAL A 2 28.84 -19.78 6.33
N GLY A 3 28.82 -20.85 5.52
CA GLY A 3 29.97 -21.22 4.73
C GLY A 3 29.63 -22.19 3.61
N THR A 4 28.44 -22.05 3.03
CA THR A 4 27.95 -23.00 2.04
C THR A 4 28.71 -22.95 0.72
N ILE A 5 29.38 -21.83 0.40
CA ILE A 5 30.06 -21.69 -0.89
C ILE A 5 31.30 -22.57 -0.99
N GLY A 6 31.65 -23.28 0.07
CA GLY A 6 32.68 -24.29 -0.03
C GLY A 6 33.81 -24.05 0.93
N ALA A 7 34.90 -24.79 0.72
CA ALA A 7 36.10 -24.64 1.53
C ALA A 7 37.27 -24.21 0.66
N MET A 8 38.16 -23.41 1.25
CA MET A 8 39.37 -22.97 0.57
C MET A 8 40.54 -22.78 1.54
N LYS B 2 -39.63 22.77 6.05
CA LYS B 2 -39.49 23.71 7.16
C LYS B 2 -38.34 23.34 8.13
N VAL B 3 -38.48 22.24 8.89
CA VAL B 3 -37.52 21.91 9.95
C VAL B 3 -37.30 20.39 10.01
N LEU B 4 -36.03 19.99 10.15
CA LEU B 4 -35.65 18.61 10.42
C LEU B 4 -34.88 18.54 11.74
N VAL B 5 -35.35 17.71 12.67
CA VAL B 5 -34.77 17.60 14.00
C VAL B 5 -34.14 16.22 14.15
N GLN B 6 -32.85 16.19 14.46
CA GLN B 6 -32.09 14.95 14.57
C GLN B 6 -31.84 14.58 16.03
N SER B 7 -31.50 13.30 16.24
CA SER B 7 -31.24 12.80 17.59
C SER B 7 -29.86 13.26 18.07
N GLY B 8 -29.58 12.99 19.36
CA GLY B 8 -28.40 13.50 20.03
C GLY B 8 -27.11 12.77 19.68
N ALA B 9 -26.01 13.31 20.19
CA ALA B 9 -24.68 12.80 19.90
C ALA B 9 -24.52 11.36 20.36
N GLU B 10 -23.61 10.64 19.69
CA GLU B 10 -23.39 9.23 19.96
C GLU B 10 -21.90 8.95 20.04
N VAL B 11 -21.52 8.08 20.97
CA VAL B 11 -20.14 7.64 21.13
C VAL B 11 -20.14 6.12 21.13
N LYS B 12 -19.38 5.53 20.21
CA LYS B 12 -19.45 4.10 19.97
C LYS B 12 -18.05 3.51 19.92
N LYS B 13 -17.97 2.26 20.28
CA LYS B 13 -16.73 1.52 20.16
C LYS B 13 -16.61 0.92 18.76
N PRO B 14 -15.39 0.69 18.28
CA PRO B 14 -15.23 0.09 16.94
C PRO B 14 -15.98 -1.23 16.83
N GLY B 15 -16.63 -1.43 15.69
CA GLY B 15 -17.43 -2.60 15.46
C GLY B 15 -18.86 -2.51 15.95
N ALA B 16 -19.23 -1.43 16.64
CA ALA B 16 -20.59 -1.28 17.12
C ALA B 16 -21.47 -0.67 16.03
N SER B 17 -22.74 -0.45 16.38
CA SER B 17 -23.71 0.12 15.48
C SER B 17 -24.35 1.35 16.11
N VAL B 18 -24.75 2.29 15.26
CA VAL B 18 -25.41 3.51 15.69
C VAL B 18 -26.70 3.64 14.90
N LYS B 19 -27.72 4.19 15.55
CA LYS B 19 -29.00 4.47 14.90
C LYS B 19 -29.28 5.96 15.06
N VAL B 20 -29.12 6.71 13.98
CA VAL B 20 -29.48 8.12 13.96
C VAL B 20 -30.92 8.24 13.48
N SER B 21 -31.67 9.15 14.09
CA SER B 21 -33.07 9.38 13.72
C SER B 21 -33.26 10.85 13.34
N CYS B 22 -34.31 11.10 12.56
CA CYS B 22 -34.51 12.41 11.97
C CYS B 22 -36.00 12.60 11.71
N ARG B 23 -36.60 13.58 12.40
CA ARG B 23 -38.04 13.82 12.34
C ARG B 23 -38.34 15.11 11.60
N ALA B 24 -39.38 15.09 10.77
CA ALA B 24 -39.71 16.20 9.87
C ALA B 24 -40.89 17.01 10.40
N PHE B 25 -40.79 18.33 10.27
CA PHE B 25 -41.83 19.26 10.70
C PHE B 25 -42.07 20.28 9.61
N GLY B 26 -43.34 20.69 9.46
CA GLY B 26 -43.67 21.78 8.58
C GLY B 26 -43.88 21.42 7.12
N TYR B 27 -43.78 20.14 6.76
CA TYR B 27 -44.12 19.69 5.42
C TYR B 27 -44.57 18.24 5.49
N THR B 28 -45.12 17.75 4.38
CA THR B 28 -45.58 16.37 4.30
C THR B 28 -44.38 15.42 4.25
N PHE B 29 -44.22 14.62 5.29
CA PHE B 29 -43.05 13.74 5.41
C PHE B 29 -42.89 12.84 4.19
N THR B 30 -44.00 12.34 3.66
CA THR B 30 -43.96 11.38 2.55
C THR B 30 -43.97 12.05 1.19
N GLY B 31 -43.77 13.37 1.13
CA GLY B 31 -43.75 14.06 -0.13
C GLY B 31 -42.39 14.37 -0.70
N ASN B 32 -41.32 14.04 0.01
CA ASN B 32 -39.99 14.39 -0.46
C ASN B 32 -38.99 13.32 -0.07
N PRO B 33 -38.03 13.00 -0.93
CA PRO B 33 -36.95 12.10 -0.52
C PRO B 33 -36.13 12.71 0.61
N LEU B 34 -35.50 11.85 1.40
CA LEU B 34 -34.59 12.29 2.44
C LEU B 34 -33.21 11.74 2.13
N HIS B 35 -32.23 12.63 2.04
CA HIS B 35 -30.83 12.25 1.86
C HIS B 35 -30.16 12.06 3.21
N TRP B 36 -29.05 11.33 3.20
CA TRP B 36 -28.18 11.23 4.38
C TRP B 36 -26.78 11.58 3.94
N VAL B 37 -26.18 12.59 4.58
CA VAL B 37 -24.85 13.07 4.24
C VAL B 37 -24.06 13.21 5.53
N ARG B 38 -22.79 12.78 5.48
CA ARG B 38 -21.93 12.85 6.64
C ARG B 38 -20.68 13.64 6.32
N GLN B 39 -20.03 14.14 7.37
CA GLN B 39 -18.83 14.95 7.22
C GLN B 39 -17.85 14.60 8.33
N ALA B 40 -16.67 14.17 7.94
CA ALA B 40 -15.62 13.92 8.91
C ALA B 40 -15.02 15.25 9.37
N PRO B 41 -14.48 15.30 10.60
CA PRO B 41 -13.90 16.55 11.11
C PRO B 41 -12.87 17.16 10.16
N GLY B 42 -13.15 18.38 9.70
CA GLY B 42 -12.25 19.07 8.80
C GLY B 42 -12.29 18.64 7.35
N GLN B 43 -13.20 17.76 6.97
CA GLN B 43 -13.26 17.24 5.62
C GLN B 43 -14.50 17.75 4.89
N GLY B 44 -14.71 17.24 3.68
CA GLY B 44 -15.87 17.58 2.88
C GLY B 44 -17.07 16.71 3.18
N LEU B 45 -18.05 16.77 2.28
CA LEU B 45 -19.30 16.07 2.45
C LEU B 45 -19.31 14.78 1.64
N GLU B 46 -19.97 13.76 2.19
CA GLU B 46 -20.04 12.44 1.57
C GLU B 46 -21.49 11.94 1.60
N TRP B 47 -22.00 11.55 0.43
CA TRP B 47 -23.38 11.08 0.31
C TRP B 47 -23.48 9.62 0.71
N LEU B 48 -24.47 9.29 1.53
CA LEU B 48 -24.68 7.93 1.98
C LEU B 48 -25.81 7.21 1.25
N GLY B 49 -26.80 7.93 0.76
CA GLY B 49 -27.97 7.32 0.15
C GLY B 49 -29.18 8.18 0.46
N TRP B 50 -30.32 7.76 -0.12
CA TRP B 50 -31.57 8.45 0.13
C TRP B 50 -32.72 7.44 0.17
N ILE B 51 -33.83 7.88 0.75
CA ILE B 51 -34.99 7.03 1.00
C ILE B 51 -36.24 7.75 0.51
N ASN B 52 -37.20 6.97 -0.02
CA ASN B 52 -38.54 7.42 -0.32
C ASN B 52 -39.41 7.13 0.90
N PRO B 53 -39.74 8.13 1.71
CA PRO B 53 -40.47 7.85 2.96
C PRO B 53 -41.84 7.25 2.76
N HIS B 54 -42.48 7.48 1.61
CA HIS B 54 -43.80 6.90 1.40
C HIS B 54 -43.71 5.40 1.18
N SER B 55 -42.80 4.97 0.32
CA SER B 55 -42.65 3.56 0.00
C SER B 55 -41.59 2.85 0.82
N GLY B 56 -40.67 3.59 1.41
CA GLY B 56 -39.52 2.98 2.05
C GLY B 56 -38.44 2.55 1.10
N ASP B 57 -38.64 2.72 -0.21
CA ASP B 57 -37.61 2.34 -1.18
C ASP B 57 -36.36 3.17 -0.96
N THR B 58 -35.21 2.55 -1.23
CA THR B 58 -33.93 3.15 -0.93
C THR B 58 -32.95 2.87 -2.06
N PHE B 59 -31.99 3.77 -2.21
CA PHE B 59 -30.73 3.44 -2.85
C PHE B 59 -29.60 3.87 -1.91
N THR B 60 -28.78 2.91 -1.51
CA THR B 60 -27.64 3.16 -0.65
C THR B 60 -26.39 3.31 -1.51
N SER B 61 -25.56 4.29 -1.19
CA SER B 61 -24.37 4.52 -1.98
C SER B 61 -23.51 3.26 -1.98
N GLN B 62 -22.91 2.95 -3.13
CA GLN B 62 -22.30 1.64 -3.33
C GLN B 62 -21.22 1.35 -2.30
N LYS B 63 -20.42 2.35 -1.94
CA LYS B 63 -19.39 2.17 -0.93
C LYS B 63 -19.96 1.67 0.41
N PHE B 64 -21.24 1.97 0.68
CA PHE B 64 -21.82 1.66 1.98
C PHE B 64 -22.87 0.55 1.93
N GLN B 65 -23.05 -0.08 0.77
CA GLN B 65 -24.07 -1.12 0.64
C GLN B 65 -23.74 -2.32 1.52
N GLY B 66 -24.75 -2.82 2.23
CA GLY B 66 -24.56 -3.90 3.19
C GLY B 66 -24.12 -3.46 4.56
N ARG B 67 -23.82 -2.18 4.75
CA ARG B 67 -23.39 -1.65 6.04
C ARG B 67 -24.28 -0.54 6.56
N VAL B 68 -25.02 0.14 5.70
CA VAL B 68 -25.84 1.29 6.07
C VAL B 68 -27.28 1.02 5.64
N TYR B 69 -28.24 1.31 6.52
CA TYR B 69 -29.64 1.01 6.25
C TYR B 69 -30.51 2.20 6.59
N MET B 70 -31.26 2.67 5.61
CA MET B 70 -32.23 3.75 5.79
C MET B 70 -33.63 3.14 5.93
N THR B 71 -34.32 3.52 7.00
CA THR B 71 -35.71 3.14 7.21
C THR B 71 -36.48 4.35 7.70
N ARG B 72 -37.79 4.18 7.92
CA ARG B 72 -38.60 5.28 8.38
C ARG B 72 -39.84 4.73 9.07
N ASP B 73 -40.41 5.58 9.93
CA ASP B 73 -41.66 5.30 10.64
C ASP B 73 -42.62 6.45 10.33
N LYS B 74 -43.55 6.21 9.40
CA LYS B 74 -44.42 7.29 8.95
C LYS B 74 -45.34 7.79 10.05
N SER B 75 -45.72 6.92 10.98
CA SER B 75 -46.66 7.32 12.03
C SER B 75 -46.09 8.46 12.88
N ILE B 76 -44.77 8.68 12.85
CA ILE B 76 -44.14 9.74 13.63
C ILE B 76 -43.17 10.56 12.80
N ASN B 77 -43.34 10.55 11.47
CA ASN B 77 -42.61 11.43 10.55
C ASN B 77 -41.08 11.37 10.74
N THR B 78 -40.57 10.19 11.08
CA THR B 78 -39.16 10.03 11.45
C THR B 78 -38.45 9.11 10.48
N ALA B 79 -37.26 9.52 10.03
CA ALA B 79 -36.38 8.68 9.23
C ALA B 79 -35.24 8.19 10.11
N PHE B 80 -34.75 6.99 9.81
CA PHE B 80 -33.69 6.36 10.59
C PHE B 80 -32.52 6.01 9.68
N LEU B 81 -31.32 6.10 10.24
CA LEU B 81 -30.10 5.69 9.55
C LEU B 81 -29.30 4.77 10.47
N ASP B 82 -29.07 3.54 10.02
CA ASP B 82 -28.27 2.57 10.76
C ASP B 82 -26.92 2.42 10.09
N VAL B 83 -25.86 2.72 10.83
CA VAL B 83 -24.50 2.51 10.38
C VAL B 83 -23.89 1.43 11.26
N THR B 84 -23.55 0.31 10.64
CA THR B 84 -23.06 -0.86 11.37
C THR B 84 -21.55 -1.01 11.15
N ARG B 85 -20.96 -1.87 11.98
CA ARG B 85 -19.53 -2.21 11.88
C ARG B 85 -18.67 -0.95 11.81
N LEU B 86 -18.87 -0.08 12.79
CA LEU B 86 -18.23 1.23 12.78
C LEU B 86 -16.73 1.11 13.01
N THR B 87 -15.97 1.91 12.30
CA THR B 87 -14.57 2.18 12.60
C THR B 87 -14.37 3.67 12.76
N SER B 88 -13.13 4.07 13.03
CA SER B 88 -12.82 5.48 13.18
C SER B 88 -13.11 6.28 11.92
N ASP B 89 -13.11 5.61 10.75
CA ASP B 89 -13.42 6.29 9.51
C ASP B 89 -14.85 6.80 9.45
N ASP B 90 -15.69 6.41 10.40
CA ASP B 90 -17.08 6.85 10.43
C ASP B 90 -17.33 7.94 11.46
N THR B 91 -16.29 8.38 12.16
CA THR B 91 -16.44 9.49 13.09
C THR B 91 -16.71 10.77 12.31
N GLY B 92 -17.74 11.50 12.71
CA GLY B 92 -18.10 12.73 12.04
C GLY B 92 -19.53 13.12 12.39
N ILE B 93 -20.02 14.09 11.64
CA ILE B 93 -21.38 14.61 11.83
C ILE B 93 -22.26 14.04 10.72
N TYR B 94 -23.43 13.53 11.10
CA TYR B 94 -24.36 12.91 10.17
C TYR B 94 -25.61 13.78 10.03
N TYR B 95 -25.94 14.15 8.80
CA TYR B 95 -27.09 14.99 8.50
C TYR B 95 -28.16 14.21 7.73
N CYS B 96 -29.42 14.54 7.98
CA CYS B 96 -30.51 14.22 7.08
C CYS B 96 -30.89 15.49 6.32
N ALA B 97 -31.25 15.34 5.05
CA ALA B 97 -31.54 16.50 4.23
C ALA B 97 -32.63 16.18 3.23
N ARG B 98 -33.62 17.06 3.16
CA ARG B 98 -34.72 16.91 2.22
C ARG B 98 -34.34 17.40 0.83
N ASP B 99 -34.85 16.72 -0.20
CA ASP B 99 -34.66 17.15 -1.58
C ASP B 99 -35.91 17.84 -2.10
N LYS B 100 -35.71 18.92 -2.86
CA LYS B 100 -36.84 19.62 -3.47
C LYS B 100 -37.60 18.70 -4.40
N TYR B 101 -36.87 17.88 -5.16
CA TYR B 101 -37.48 16.81 -5.96
C TYR B 101 -38.50 17.35 -6.95
N TYR B 102 -38.20 18.51 -7.54
CA TYR B 102 -39.03 19.03 -8.61
C TYR B 102 -38.97 18.07 -9.80
N GLY B 103 -40.12 17.86 -10.44
CA GLY B 103 -40.17 16.97 -11.57
C GLY B 103 -39.91 15.51 -11.23
N ASN B 104 -40.17 15.12 -9.97
CA ASN B 104 -39.97 13.74 -9.53
C ASN B 104 -38.54 13.31 -9.77
N GLU B 105 -37.62 14.16 -9.32
CA GLU B 105 -36.24 14.03 -9.75
C GLU B 105 -35.36 14.91 -8.86
N ALA B 106 -34.14 14.42 -8.58
CA ALA B 106 -33.23 15.09 -7.66
C ALA B 106 -32.86 16.47 -8.19
N VAL B 107 -32.89 17.45 -7.29
CA VAL B 107 -32.73 18.85 -7.68
C VAL B 107 -31.76 19.54 -6.73
N GLY B 108 -31.94 19.33 -5.44
CA GLY B 108 -31.10 19.98 -4.46
C GLY B 108 -31.60 19.81 -3.04
N MET B 109 -30.70 19.87 -2.07
CA MET B 109 -31.04 19.56 -0.69
C MET B 109 -31.55 20.81 0.00
N ASP B 110 -32.87 20.84 0.21
CA ASP B 110 -33.62 22.03 0.63
C ASP B 110 -33.44 22.32 2.12
N VAL B 111 -33.77 21.33 2.96
CA VAL B 111 -33.84 21.50 4.40
C VAL B 111 -32.90 20.48 5.03
N TRP B 112 -32.10 20.94 5.99
CA TRP B 112 -31.12 20.09 6.64
C TRP B 112 -31.42 20.00 8.13
N GLY B 113 -31.11 18.85 8.72
CA GLY B 113 -31.15 18.73 10.16
C GLY B 113 -29.93 19.38 10.78
N GLN B 114 -30.00 19.57 12.10
CA GLN B 114 -28.87 20.15 12.81
C GLN B 114 -27.64 19.25 12.78
N GLY B 115 -27.80 17.99 12.44
CA GLY B 115 -26.66 17.11 12.40
C GLY B 115 -26.54 16.30 13.68
N THR B 116 -25.96 15.12 13.55
CA THR B 116 -25.72 14.26 14.70
C THR B 116 -24.25 13.86 14.74
N SER B 117 -23.61 14.11 15.87
CA SER B 117 -22.20 13.76 16.04
C SER B 117 -22.07 12.29 16.39
N VAL B 118 -21.18 11.60 15.70
CA VAL B 118 -20.89 10.19 15.96
C VAL B 118 -19.39 10.07 16.12
N THR B 119 -18.96 9.66 17.31
CA THR B 119 -17.55 9.44 17.61
C THR B 119 -17.32 7.93 17.77
N VAL B 120 -16.40 7.39 16.98
CA VAL B 120 -16.04 5.99 17.05
C VAL B 120 -14.65 5.90 17.67
N SER B 121 -14.56 5.30 18.85
CA SER B 121 -13.28 5.23 19.53
C SER B 121 -13.38 4.22 20.65
N SER B 122 -12.24 3.62 20.99
CA SER B 122 -12.13 2.70 22.11
C SER B 122 -11.98 3.41 23.45
N ALA B 123 -11.71 4.71 23.45
CA ALA B 123 -11.46 5.43 24.69
C ALA B 123 -12.64 5.30 25.64
N SER B 124 -12.35 5.41 26.93
CA SER B 124 -13.37 5.37 27.95
C SER B 124 -13.68 6.80 28.41
N THR B 125 -14.90 6.99 28.91
CA THR B 125 -15.31 8.31 29.38
C THR B 125 -14.37 8.80 30.47
N LYS B 126 -13.78 9.96 30.24
CA LYS B 126 -12.80 10.54 31.14
C LYS B 126 -13.19 11.98 31.42
N GLY B 127 -13.31 12.33 32.69
CA GLY B 127 -13.52 13.70 33.08
C GLY B 127 -12.23 14.47 32.87
N PRO B 128 -12.35 15.73 32.48
CA PRO B 128 -11.14 16.53 32.21
C PRO B 128 -10.48 16.99 33.50
N SER B 129 -9.16 17.15 33.43
CA SER B 129 -8.41 17.84 34.45
C SER B 129 -8.20 19.28 34.00
N VAL B 130 -8.52 20.23 34.88
CA VAL B 130 -8.44 21.65 34.56
C VAL B 130 -7.30 22.27 35.35
N PHE B 131 -6.39 22.94 34.65
CA PHE B 131 -5.23 23.58 35.24
C PHE B 131 -5.19 25.05 34.88
N PRO B 132 -4.85 25.93 35.82
CA PRO B 132 -4.79 27.35 35.52
C PRO B 132 -3.56 27.69 34.69
N LEU B 133 -3.75 28.57 33.71
CA LEU B 133 -2.66 29.15 32.95
C LEU B 133 -2.49 30.58 33.45
N ALA B 134 -1.82 30.72 34.59
CA ALA B 134 -1.59 32.02 35.18
C ALA B 134 -0.60 32.83 34.34
N PRO B 135 -0.75 34.17 34.30
CA PRO B 135 0.13 35.11 33.60
C PRO B 135 1.62 34.78 33.72
N THR B 144 -0.02 42.63 27.72
CA THR B 144 -1.22 43.34 28.13
C THR B 144 -2.21 42.43 28.86
N ALA B 145 -1.66 41.54 29.70
CA ALA B 145 -2.42 40.63 30.56
C ALA B 145 -3.23 39.60 29.77
N ALA B 146 -2.76 38.36 29.76
CA ALA B 146 -3.47 37.24 29.16
C ALA B 146 -3.39 36.06 30.10
N LEU B 147 -4.53 35.43 30.38
CA LEU B 147 -4.61 34.28 31.25
C LEU B 147 -5.50 33.23 30.58
N GLY B 148 -5.56 32.04 31.19
CA GLY B 148 -6.37 31.01 30.59
C GLY B 148 -6.50 29.77 31.45
N CYS B 149 -7.25 28.81 30.91
CA CYS B 149 -7.50 27.51 31.54
C CYS B 149 -7.04 26.40 30.60
N LEU B 150 -6.50 25.33 31.18
CA LEU B 150 -6.06 24.17 30.41
C LEU B 150 -6.99 23.00 30.72
N VAL B 151 -7.78 22.59 29.74
CA VAL B 151 -8.68 21.45 29.86
C VAL B 151 -8.02 20.27 29.17
N LYS B 152 -7.60 19.27 29.95
CA LYS B 152 -6.70 18.23 29.46
C LYS B 152 -7.24 16.85 29.77
N ASP B 153 -7.07 15.94 28.80
CA ASP B 153 -7.25 14.49 28.98
C ASP B 153 -8.71 14.14 29.31
N TYR B 154 -9.59 14.47 28.36
CA TYR B 154 -10.99 14.12 28.52
C TYR B 154 -11.48 13.39 27.27
N PHE B 155 -12.59 12.67 27.45
CA PHE B 155 -13.25 11.96 26.36
C PHE B 155 -14.67 11.64 26.83
N PRO B 156 -15.67 11.83 25.97
CA PRO B 156 -15.58 12.32 24.60
C PRO B 156 -15.85 13.81 24.51
N GLU B 157 -15.89 14.34 23.29
CA GLU B 157 -16.33 15.70 23.08
C GLU B 157 -17.82 15.81 23.41
N PRO B 158 -18.30 17.01 23.75
CA PRO B 158 -17.56 18.27 23.83
C PRO B 158 -17.39 18.75 25.28
N VAL B 159 -16.72 19.88 25.45
CA VAL B 159 -16.71 20.59 26.73
C VAL B 159 -17.12 22.03 26.45
N THR B 160 -17.82 22.62 27.39
CA THR B 160 -18.11 24.05 27.37
C THR B 160 -17.28 24.71 28.46
N VAL B 161 -16.77 25.90 28.16
CA VAL B 161 -15.90 26.57 29.12
C VAL B 161 -16.67 27.71 29.77
N SER B 162 -16.68 28.89 29.14
CA SER B 162 -17.27 30.09 29.72
C SER B 162 -16.44 30.64 30.89
N TRP B 163 -16.40 31.97 31.02
CA TRP B 163 -15.60 32.65 32.02
C TRP B 163 -16.49 33.52 32.91
N ASN B 164 -16.23 33.45 34.21
CA ASN B 164 -17.03 34.15 35.22
C ASN B 164 -18.52 33.96 34.96
N SER B 165 -18.92 32.70 34.76
CA SER B 165 -20.32 32.32 34.61
C SER B 165 -21.04 33.15 33.55
N GLY B 166 -20.30 33.59 32.53
CA GLY B 166 -20.88 34.28 31.40
C GLY B 166 -20.65 35.78 31.36
N ALA B 167 -20.09 36.36 32.42
CA ALA B 167 -19.87 37.81 32.41
C ALA B 167 -18.75 38.18 31.44
N LEU B 168 -17.62 37.48 31.51
CA LEU B 168 -16.48 37.78 30.68
C LEU B 168 -16.62 37.09 29.32
N THR B 169 -16.74 37.87 28.23
CA THR B 169 -16.99 37.30 26.91
C THR B 169 -16.20 37.94 25.78
N SER B 170 -15.44 39.02 26.03
CA SER B 170 -14.91 39.81 24.92
C SER B 170 -13.70 39.15 24.27
N GLY B 171 -12.54 39.20 24.94
CA GLY B 171 -11.32 38.67 24.39
C GLY B 171 -11.10 37.19 24.69
N VAL B 172 -12.17 36.42 24.71
CA VAL B 172 -12.09 35.01 25.04
C VAL B 172 -11.86 34.22 23.77
N HIS B 173 -10.93 33.27 23.84
CA HIS B 173 -10.64 32.36 22.73
C HIS B 173 -10.59 30.95 23.30
N THR B 174 -11.59 30.14 22.98
CA THR B 174 -11.55 28.72 23.27
C THR B 174 -11.12 27.98 22.01
N PHE B 175 -10.03 27.26 22.11
CA PHE B 175 -9.40 26.62 20.95
C PHE B 175 -10.04 25.28 20.65
N PRO B 176 -10.00 24.86 19.39
CA PRO B 176 -10.44 23.50 19.05
C PRO B 176 -9.62 22.46 19.80
N ALA B 177 -10.32 21.45 20.33
CA ALA B 177 -9.64 20.37 21.02
C ALA B 177 -8.70 19.61 20.08
N VAL B 178 -7.65 19.03 20.65
CA VAL B 178 -6.72 18.18 19.92
C VAL B 178 -6.79 16.77 20.47
N LEU B 179 -6.78 15.80 19.56
CA LEU B 179 -6.88 14.37 19.91
C LEU B 179 -5.48 13.79 20.07
N GLN B 180 -5.17 13.35 21.26
CA GLN B 180 -3.81 12.88 21.47
C GLN B 180 -3.66 11.37 21.27
N SER B 181 -2.61 10.88 21.92
CA SER B 181 -2.13 9.53 22.07
C SER B 181 -3.24 8.51 22.23
N SER B 182 -3.71 8.49 23.46
CA SER B 182 -4.66 7.73 24.23
C SER B 182 -6.11 7.76 23.76
N GLY B 183 -6.34 8.47 22.67
CA GLY B 183 -7.70 8.69 22.29
C GLY B 183 -8.39 9.75 23.11
N LEU B 184 -7.64 10.53 23.89
CA LEU B 184 -8.21 11.55 24.75
C LEU B 184 -8.04 12.92 24.10
N TYR B 185 -8.88 13.85 24.51
CA TYR B 185 -8.86 15.21 24.00
C TYR B 185 -8.24 16.17 25.01
N SER B 186 -7.84 17.34 24.50
CA SER B 186 -7.36 18.43 25.36
C SER B 186 -7.38 19.73 24.57
N LEU B 187 -7.79 20.81 25.24
CA LEU B 187 -7.86 22.13 24.63
C LEU B 187 -7.48 23.18 25.67
N SER B 188 -7.43 24.44 25.23
CA SER B 188 -7.14 25.57 26.10
C SER B 188 -8.12 26.70 25.81
N SER B 189 -8.54 27.38 26.85
CA SER B 189 -9.35 28.59 26.74
C SER B 189 -8.58 29.74 27.38
N VAL B 190 -8.47 30.86 26.66
CA VAL B 190 -7.66 31.99 27.11
C VAL B 190 -8.49 33.26 27.02
N VAL B 191 -8.09 34.26 27.80
CA VAL B 191 -8.71 35.58 27.79
C VAL B 191 -7.62 36.63 27.88
N THR B 192 -7.90 37.78 27.27
CA THR B 192 -7.06 38.97 27.41
C THR B 192 -7.83 39.98 28.24
N VAL B 193 -7.23 40.41 29.36
CA VAL B 193 -7.88 41.28 30.32
C VAL B 193 -7.04 42.56 30.39
N PRO B 194 -7.57 43.64 30.97
CA PRO B 194 -6.77 44.85 31.13
C PRO B 194 -5.44 44.58 31.83
N SER B 195 -4.37 45.15 31.27
CA SER B 195 -2.98 44.91 31.64
C SER B 195 -2.79 44.66 33.14
N SER B 196 -3.54 45.39 33.97
CA SER B 196 -3.66 45.02 35.37
C SER B 196 -5.08 45.34 35.83
N SER B 197 -5.86 44.28 35.99
CA SER B 197 -7.01 44.23 36.86
C SER B 197 -6.89 42.99 37.73
N LEU B 198 -5.71 42.37 37.74
CA LEU B 198 -5.40 41.07 38.29
C LEU B 198 -5.21 41.09 39.81
N GLY B 199 -5.72 42.12 40.48
CA GLY B 199 -5.65 42.20 41.92
C GLY B 199 -7.00 42.51 42.49
N THR B 200 -7.81 43.22 41.71
CA THR B 200 -9.21 43.46 42.05
C THR B 200 -10.14 42.39 41.50
N GLN B 201 -10.07 42.11 40.20
CA GLN B 201 -11.00 41.20 39.55
C GLN B 201 -10.57 39.75 39.69
N THR B 202 -11.53 38.89 40.00
CA THR B 202 -11.30 37.46 40.13
C THR B 202 -11.72 36.80 38.82
N TYR B 203 -10.82 36.04 38.22
CA TYR B 203 -11.08 35.32 36.98
C TYR B 203 -11.24 33.83 37.28
N ILE B 204 -12.40 33.29 36.96
CA ILE B 204 -12.71 31.88 37.16
C ILE B 204 -13.24 31.32 35.85
N CYS B 205 -12.56 30.32 35.30
CA CYS B 205 -13.08 29.59 34.16
C CYS B 205 -13.97 28.47 34.68
N ASN B 206 -15.14 28.33 34.05
CA ASN B 206 -16.03 27.21 34.29
C ASN B 206 -15.77 26.14 33.24
N VAL B 207 -15.96 24.89 33.61
CA VAL B 207 -15.73 23.78 32.68
C VAL B 207 -16.83 22.76 32.89
N ASN B 208 -17.58 22.48 31.84
CA ASN B 208 -18.70 21.55 31.91
C ASN B 208 -18.44 20.44 30.89
N HIS B 209 -18.26 19.23 31.38
CA HIS B 209 -18.06 18.03 30.56
C HIS B 209 -19.25 17.13 30.86
N LYS B 210 -20.23 17.24 30.04
CA LYS B 210 -21.53 16.75 30.40
C LYS B 210 -21.56 15.20 30.39
N PRO B 211 -20.91 14.51 29.41
CA PRO B 211 -20.91 13.04 29.43
C PRO B 211 -20.36 12.41 30.71
N SER B 212 -19.58 13.18 31.47
CA SER B 212 -18.95 12.66 32.68
C SER B 212 -19.56 13.23 33.95
N ASN B 213 -20.52 14.14 33.84
CA ASN B 213 -21.06 14.88 34.98
C ASN B 213 -19.92 15.52 35.76
N THR B 214 -19.16 16.34 35.06
CA THR B 214 -17.99 17.02 35.60
C THR B 214 -18.18 18.51 35.42
N LYS B 215 -18.31 19.22 36.54
CA LYS B 215 -18.29 20.68 36.55
C LYS B 215 -17.10 21.11 37.39
N VAL B 216 -16.32 22.05 36.85
CA VAL B 216 -15.13 22.55 37.52
C VAL B 216 -15.09 24.06 37.34
N ASP B 217 -14.90 24.78 38.44
CA ASP B 217 -14.71 26.23 38.44
C ASP B 217 -13.31 26.48 38.98
N LYS B 218 -12.35 26.67 38.07
CA LYS B 218 -10.96 26.89 38.45
C LYS B 218 -10.69 28.38 38.57
N LYS B 219 -10.27 28.81 39.76
CA LYS B 219 -9.88 30.19 39.98
C LYS B 219 -8.44 30.37 39.51
N VAL B 220 -8.24 31.31 38.58
CA VAL B 220 -6.93 31.57 38.01
C VAL B 220 -6.39 32.83 38.68
N GLU B 221 -5.45 32.65 39.61
CA GLU B 221 -4.86 33.77 40.32
C GLU B 221 -3.39 33.91 39.94
N PRO B 222 -2.86 35.15 39.90
CA PRO B 222 -1.45 35.38 39.57
C PRO B 222 -0.52 34.94 40.69
N ASP C 1 -17.91 6.01 -9.68
CA ASP C 1 -18.15 7.37 -9.23
C ASP C 1 -17.86 8.40 -10.32
N ILE C 2 -17.79 9.66 -9.91
CA ILE C 2 -17.71 10.80 -10.82
C ILE C 2 -17.34 12.01 -9.98
N GLN C 3 -16.08 12.46 -10.09
CA GLN C 3 -15.55 13.43 -9.14
C GLN C 3 -15.77 14.85 -9.61
N LEU C 4 -15.86 15.76 -8.63
CA LEU C 4 -15.95 17.19 -8.88
C LEU C 4 -14.73 17.85 -8.26
N THR C 5 -13.99 18.60 -9.06
CA THR C 5 -12.84 19.33 -8.58
C THR C 5 -13.20 20.81 -8.45
N GLN C 6 -12.97 21.38 -7.27
CA GLN C 6 -13.25 22.79 -7.02
C GLN C 6 -11.95 23.57 -7.00
N SER C 7 -11.96 24.73 -7.67
CA SER C 7 -10.76 25.54 -7.81
C SER C 7 -11.10 27.02 -7.62
N PRO C 8 -10.35 27.73 -6.79
CA PRO C 8 -9.28 27.22 -5.92
C PRO C 8 -9.89 26.59 -4.68
N SER C 9 -9.07 25.98 -3.82
CA SER C 9 -9.58 25.41 -2.59
C SER C 9 -9.66 26.46 -1.48
N PHE C 10 -8.71 27.39 -1.45
CA PHE C 10 -8.67 28.47 -0.48
C PHE C 10 -8.63 29.81 -1.22
N LEU C 11 -9.34 30.80 -0.71
CA LEU C 11 -9.41 32.09 -1.39
C LEU C 11 -9.49 33.20 -0.38
N SER C 12 -8.62 34.21 -0.53
CA SER C 12 -8.63 35.39 0.32
C SER C 12 -9.08 36.60 -0.51
N ALA C 13 -10.04 37.35 0.04
CA ALA C 13 -10.53 38.56 -0.58
C ALA C 13 -11.23 39.35 0.49
N SER C 14 -11.25 40.68 0.32
CA SER C 14 -11.87 41.54 1.31
C SER C 14 -13.30 41.87 0.92
N VAL C 15 -14.00 42.50 1.88
CA VAL C 15 -15.39 42.88 1.72
C VAL C 15 -15.60 43.68 0.46
N GLY C 16 -16.66 43.36 -0.28
CA GLY C 16 -16.98 44.08 -1.48
C GLY C 16 -16.29 43.57 -2.73
N ASP C 17 -15.41 42.59 -2.60
CA ASP C 17 -14.69 42.08 -3.75
C ASP C 17 -15.60 41.24 -4.63
N LYS C 18 -15.36 41.31 -5.93
CA LYS C 18 -16.00 40.41 -6.88
C LYS C 18 -15.13 39.16 -7.01
N VAL C 19 -15.76 38.03 -6.79
CA VAL C 19 -15.13 36.71 -6.66
C VAL C 19 -15.96 35.62 -7.33
N THR C 20 -15.26 34.63 -7.89
CA THR C 20 -15.84 33.57 -8.71
C THR C 20 -15.21 32.22 -8.37
N ILE C 21 -16.06 31.22 -8.08
CA ILE C 21 -15.65 29.87 -7.71
C ILE C 21 -15.86 28.95 -8.91
N THR C 22 -14.99 27.95 -9.08
CA THR C 22 -15.07 27.07 -10.25
C THR C 22 -15.20 25.60 -9.82
N CYS C 23 -16.13 24.89 -10.46
CA CYS C 23 -16.32 23.45 -10.29
C CYS C 23 -16.18 22.80 -11.67
N ARG C 24 -15.27 21.84 -11.78
CA ARG C 24 -15.09 21.07 -13.00
C ARG C 24 -15.49 19.62 -12.75
N ALA C 25 -16.31 19.07 -13.63
CA ALA C 25 -16.87 17.74 -13.45
C ALA C 25 -16.12 16.73 -14.32
N SER C 26 -15.72 15.62 -13.70
CA SER C 26 -15.03 14.55 -14.41
C SER C 26 -15.80 14.05 -15.62
N GLN C 27 -17.12 14.22 -15.63
CA GLN C 27 -17.97 13.71 -16.69
C GLN C 27 -19.09 14.72 -16.90
N GLY C 28 -19.76 14.62 -18.06
CA GLY C 28 -20.83 15.53 -18.37
C GLY C 28 -21.98 15.36 -17.40
N VAL C 29 -22.35 16.43 -16.70
CA VAL C 29 -23.54 16.41 -15.86
C VAL C 29 -24.43 17.56 -16.30
N ARG C 30 -25.19 17.33 -17.37
CA ARG C 30 -25.97 18.38 -17.99
C ARG C 30 -26.91 19.02 -16.97
N ASN C 31 -26.56 20.22 -16.50
CA ASN C 31 -27.49 21.05 -15.73
C ASN C 31 -27.72 20.59 -14.29
N GLU C 32 -27.47 19.32 -13.97
CA GLU C 32 -27.90 18.77 -12.70
C GLU C 32 -26.82 18.97 -11.64
N LEU C 33 -26.68 20.23 -11.21
CA LEU C 33 -25.63 20.63 -10.29
C LEU C 33 -26.17 21.68 -9.33
N ALA C 34 -25.71 21.62 -8.09
CA ALA C 34 -26.16 22.53 -7.04
C ALA C 34 -24.96 23.09 -6.30
N TRP C 35 -25.15 24.28 -5.73
CA TRP C 35 -24.12 24.96 -4.96
C TRP C 35 -24.60 25.14 -3.52
N TYR C 36 -23.70 24.88 -2.58
CA TYR C 36 -24.01 25.00 -1.17
C TYR C 36 -23.00 25.90 -0.50
N GLN C 37 -23.45 26.55 0.58
CA GLN C 37 -22.59 27.36 1.44
C GLN C 37 -22.69 26.81 2.84
N GLN C 38 -21.54 26.56 3.46
CA GLN C 38 -21.49 26.03 4.83
C GLN C 38 -20.58 26.91 5.66
N LYS C 39 -21.12 27.46 6.70
CA LYS C 39 -20.39 28.17 7.74
C LYS C 39 -19.98 27.20 8.84
N PRO C 40 -18.84 27.44 9.49
CA PRO C 40 -18.32 26.44 10.44
C PRO C 40 -19.30 26.21 11.57
N GLY C 41 -19.48 24.93 11.91
CA GLY C 41 -20.40 24.55 12.95
C GLY C 41 -21.84 24.34 12.51
N LYS C 42 -22.20 24.79 11.31
CA LYS C 42 -23.58 24.73 10.83
C LYS C 42 -23.71 23.73 9.69
N ALA C 43 -24.96 23.40 9.38
CA ALA C 43 -25.27 22.59 8.22
C ALA C 43 -25.13 23.40 6.94
N PRO C 44 -24.82 22.75 5.82
CA PRO C 44 -24.76 23.49 4.54
C PRO C 44 -26.10 24.13 4.22
N ASN C 45 -26.04 25.16 3.37
CA ASN C 45 -27.22 25.86 2.89
C ASN C 45 -27.25 25.84 1.37
N LEU C 46 -28.42 25.57 0.82
CA LEU C 46 -28.57 25.53 -0.63
C LEU C 46 -28.63 26.95 -1.18
N LEU C 47 -27.78 27.24 -2.16
CA LEU C 47 -27.77 28.53 -2.85
C LEU C 47 -28.29 28.43 -4.27
N ILE C 48 -27.78 27.47 -5.04
CA ILE C 48 -28.07 27.35 -6.45
C ILE C 48 -28.49 25.92 -6.73
N TYR C 49 -29.50 25.76 -7.58
CA TYR C 49 -29.84 24.47 -8.15
C TYR C 49 -30.13 24.66 -9.63
N TYR C 50 -30.21 23.53 -10.35
CA TYR C 50 -30.23 23.52 -11.81
C TYR C 50 -29.08 24.37 -12.37
N ALA C 51 -27.94 24.37 -11.67
CA ALA C 51 -26.70 25.03 -12.07
C ALA C 51 -26.77 26.55 -12.06
N SER C 52 -27.97 27.13 -12.02
CA SER C 52 -28.06 28.58 -12.15
C SER C 52 -29.28 29.20 -11.47
N THR C 53 -30.18 28.43 -10.89
CA THR C 53 -31.39 28.98 -10.29
C THR C 53 -31.16 29.25 -8.81
N LEU C 54 -31.43 30.48 -8.38
CA LEU C 54 -31.23 30.86 -6.99
C LEU C 54 -32.30 30.24 -6.09
N GLN C 55 -31.87 29.75 -4.92
CA GLN C 55 -32.79 29.23 -3.92
C GLN C 55 -33.51 30.37 -3.19
N SER C 56 -34.70 30.05 -2.68
CA SER C 56 -35.52 30.97 -1.89
C SER C 56 -34.70 31.75 -0.89
N GLY C 57 -34.81 33.08 -0.89
CA GLY C 57 -34.11 33.85 0.11
C GLY C 57 -32.64 34.11 -0.14
N VAL C 58 -32.08 33.68 -1.26
CA VAL C 58 -30.65 33.87 -1.49
C VAL C 58 -30.43 35.26 -2.10
N PRO C 59 -29.54 36.06 -1.54
CA PRO C 59 -29.33 37.43 -2.03
C PRO C 59 -28.97 37.46 -3.52
N SER C 60 -29.37 38.55 -4.16
CA SER C 60 -29.21 38.69 -5.61
C SER C 60 -27.74 38.76 -6.05
N ARG C 61 -26.81 39.07 -5.14
CA ARG C 61 -25.41 39.13 -5.51
C ARG C 61 -24.87 37.76 -5.91
N PHE C 62 -25.49 36.69 -5.43
CA PHE C 62 -25.10 35.34 -5.83
C PHE C 62 -25.65 35.04 -7.21
N SER C 63 -24.81 34.42 -8.04
CA SER C 63 -25.24 33.98 -9.36
C SER C 63 -24.35 32.82 -9.78
N ALA C 64 -24.86 32.02 -10.71
CA ALA C 64 -24.13 30.84 -11.14
C ALA C 64 -24.51 30.52 -12.57
N THR C 65 -23.56 29.90 -13.27
CA THR C 65 -23.79 29.39 -14.61
C THR C 65 -22.94 28.14 -14.77
N GLY C 66 -23.13 27.45 -15.89
CA GLY C 66 -22.36 26.24 -16.10
C GLY C 66 -22.97 25.27 -17.09
N SER C 67 -22.11 24.60 -17.86
CA SER C 67 -22.52 23.76 -18.97
C SER C 67 -21.77 22.43 -18.90
N GLY C 68 -22.48 21.36 -18.59
CA GLY C 68 -21.93 20.03 -18.76
C GLY C 68 -20.86 19.64 -17.76
N THR C 69 -19.64 20.18 -17.94
CA THR C 69 -18.53 19.86 -17.07
C THR C 69 -17.86 21.07 -16.43
N HIS C 70 -18.21 22.28 -16.83
CA HIS C 70 -17.57 23.49 -16.29
C HIS C 70 -18.65 24.37 -15.68
N PHE C 71 -18.55 24.61 -14.38
CA PHE C 71 -19.52 25.40 -13.63
C PHE C 71 -18.81 26.46 -12.80
N THR C 72 -19.44 27.62 -12.67
CA THR C 72 -18.91 28.72 -11.88
C THR C 72 -20.00 29.32 -11.00
N LEU C 73 -19.61 29.75 -9.81
CA LEU C 73 -20.47 30.50 -8.91
C LEU C 73 -19.82 31.85 -8.65
N THR C 74 -20.64 32.90 -8.58
CA THR C 74 -20.12 34.26 -8.50
C THR C 74 -20.88 35.05 -7.45
N VAL C 75 -20.15 35.84 -6.67
CA VAL C 75 -20.72 36.84 -5.78
C VAL C 75 -20.31 38.21 -6.30
N SER C 76 -21.29 39.09 -6.51
CA SER C 76 -20.99 40.40 -7.08
C SER C 76 -20.11 41.23 -6.14
N SER C 77 -20.41 41.20 -4.85
CA SER C 77 -19.64 41.93 -3.85
C SER C 77 -19.78 41.22 -2.52
N LEU C 78 -18.68 40.67 -2.02
CA LEU C 78 -18.73 39.85 -0.80
C LEU C 78 -19.25 40.66 0.38
N GLN C 79 -19.87 39.95 1.33
CA GLN C 79 -20.39 40.52 2.55
C GLN C 79 -19.94 39.66 3.73
N PRO C 80 -20.02 40.20 4.95
CA PRO C 80 -19.54 39.42 6.12
C PRO C 80 -20.12 38.02 6.18
N GLU C 81 -21.40 37.92 5.82
CA GLU C 81 -22.11 36.66 5.83
C GLU C 81 -21.67 35.73 4.70
N ASP C 82 -21.10 36.29 3.63
CA ASP C 82 -20.70 35.47 2.49
C ASP C 82 -19.42 34.69 2.72
N PHE C 83 -18.75 34.90 3.85
CA PHE C 83 -17.47 34.26 4.11
C PHE C 83 -17.73 32.90 4.75
N ALA C 84 -17.46 31.85 4.00
CA ALA C 84 -17.79 30.47 4.36
C ALA C 84 -17.13 29.54 3.36
N THR C 85 -17.47 28.26 3.41
CA THR C 85 -16.98 27.26 2.48
C THR C 85 -18.08 26.87 1.50
N TYR C 86 -17.74 26.79 0.23
CA TYR C 86 -18.72 26.57 -0.82
C TYR C 86 -18.47 25.22 -1.48
N PHE C 87 -19.54 24.44 -1.64
CA PHE C 87 -19.47 23.12 -2.24
C PHE C 87 -20.38 23.07 -3.46
N CYS C 88 -19.88 22.44 -4.52
CA CYS C 88 -20.77 22.02 -5.60
C CYS C 88 -21.20 20.58 -5.35
N GLN C 89 -22.33 20.20 -5.96
CA GLN C 89 -22.82 18.84 -5.87
C GLN C 89 -23.55 18.51 -7.16
N HIS C 90 -23.34 17.31 -7.67
CA HIS C 90 -24.07 16.82 -8.83
C HIS C 90 -25.06 15.76 -8.39
N MET C 91 -26.06 15.54 -9.23
CA MET C 91 -27.04 14.50 -8.98
C MET C 91 -27.38 13.77 -10.27
N SER C 92 -26.37 13.57 -11.11
CA SER C 92 -26.60 13.00 -12.43
C SER C 92 -26.52 11.48 -12.46
N SER C 93 -25.88 10.86 -11.47
CA SER C 93 -25.78 9.41 -11.39
C SER C 93 -25.35 9.03 -9.98
N TYR C 94 -25.51 7.74 -9.67
CA TYR C 94 -25.10 7.36 -8.31
C TYR C 94 -23.61 7.05 -8.27
N PRO C 95 -22.93 7.43 -7.19
CA PRO C 95 -23.46 8.15 -6.02
C PRO C 95 -23.46 9.65 -6.23
N LEU C 96 -24.37 10.39 -5.58
CA LEU C 96 -24.25 11.84 -5.55
C LEU C 96 -22.92 12.21 -4.93
N THR C 97 -22.26 13.22 -5.50
CA THR C 97 -20.90 13.58 -5.09
C THR C 97 -20.78 15.08 -4.91
N PHE C 98 -20.06 15.49 -3.87
CA PHE C 98 -19.77 16.87 -3.58
C PHE C 98 -18.35 17.22 -4.01
N GLY C 99 -18.13 18.49 -4.32
CA GLY C 99 -16.79 18.98 -4.51
C GLY C 99 -16.02 19.01 -3.20
N GLY C 100 -14.69 19.15 -3.34
CA GLY C 100 -13.83 19.22 -2.17
C GLY C 100 -14.02 20.47 -1.34
N GLY C 101 -14.64 21.50 -1.90
CA GLY C 101 -14.97 22.70 -1.17
C GLY C 101 -14.00 23.83 -1.46
N THR C 102 -14.53 25.05 -1.43
CA THR C 102 -13.74 26.26 -1.55
C THR C 102 -14.00 27.09 -0.30
N LYS C 103 -12.97 27.29 0.50
CA LYS C 103 -13.07 28.15 1.68
C LYS C 103 -12.73 29.57 1.27
N VAL C 104 -13.66 30.49 1.47
CA VAL C 104 -13.48 31.90 1.15
C VAL C 104 -13.22 32.64 2.46
N GLU C 105 -12.06 33.30 2.55
CA GLU C 105 -11.58 33.87 3.79
C GLU C 105 -11.46 35.39 3.66
N ILE C 106 -11.70 36.08 4.78
CA ILE C 106 -11.63 37.54 4.81
C ILE C 106 -10.19 37.97 4.67
N LYS C 107 -9.89 38.76 3.64
CA LYS C 107 -8.59 39.41 3.54
C LYS C 107 -8.61 40.69 4.36
N ARG C 108 -7.61 40.85 5.21
CA ARG C 108 -7.49 42.02 6.06
C ARG C 108 -6.02 42.44 6.07
N THR C 109 -5.73 43.53 6.76
CA THR C 109 -4.35 43.99 6.80
C THR C 109 -3.51 43.05 7.66
N VAL C 110 -2.23 42.93 7.30
CA VAL C 110 -1.32 42.07 8.05
C VAL C 110 -1.32 42.48 9.51
N ALA C 111 -1.52 41.50 10.39
CA ALA C 111 -1.53 41.74 11.83
C ALA C 111 -0.59 40.74 12.49
N ALA C 112 0.26 41.24 13.37
CA ALA C 112 1.27 40.44 14.02
C ALA C 112 0.71 39.77 15.27
N PRO C 113 1.20 38.57 15.60
CA PRO C 113 0.72 37.90 16.80
C PRO C 113 1.32 38.51 18.06
N SER C 114 0.48 38.62 19.09
CA SER C 114 0.95 38.95 20.42
C SER C 114 1.22 37.65 21.15
N VAL C 115 2.45 37.49 21.66
CA VAL C 115 2.92 36.21 22.16
C VAL C 115 2.94 36.22 23.67
N PHE C 116 2.49 35.10 24.26
CA PHE C 116 2.43 34.91 25.70
C PHE C 116 2.85 33.48 26.01
N ILE C 117 3.64 33.30 27.06
CA ILE C 117 4.04 31.97 27.51
C ILE C 117 3.46 31.74 28.89
N PHE C 118 3.04 30.52 29.16
CA PHE C 118 2.44 30.14 30.44
C PHE C 118 3.18 28.95 31.02
N PRO C 119 3.90 29.12 32.12
CA PRO C 119 4.53 27.97 32.78
C PRO C 119 3.49 26.99 33.29
N PRO C 120 3.87 25.73 33.54
CA PRO C 120 2.89 24.75 34.00
C PRO C 120 2.37 25.10 35.38
N SER C 121 1.16 24.64 35.66
CA SER C 121 0.56 24.88 36.96
C SER C 121 1.17 23.93 37.98
N ASP C 122 1.23 24.39 39.23
CA ASP C 122 1.72 23.53 40.31
C ASP C 122 0.84 22.30 40.48
N GLU C 123 -0.47 22.45 40.28
CA GLU C 123 -1.37 21.30 40.38
C GLU C 123 -1.04 20.26 39.31
N GLN C 124 -0.71 20.70 38.09
CA GLN C 124 -0.36 19.76 37.05
C GLN C 124 0.99 19.11 37.33
N LEU C 125 2.00 19.90 37.69
CA LEU C 125 3.31 19.34 37.97
C LEU C 125 3.25 18.34 39.12
N LYS C 126 2.38 18.59 40.10
CA LYS C 126 2.17 17.61 41.16
C LYS C 126 1.52 16.34 40.64
N SER C 127 0.86 16.40 39.49
CA SER C 127 0.26 15.21 38.90
C SER C 127 1.24 14.39 38.08
N GLY C 128 2.45 14.91 37.82
CA GLY C 128 3.47 14.15 37.13
C GLY C 128 3.75 14.58 35.70
N THR C 129 2.99 15.55 35.17
CA THR C 129 3.18 16.04 33.82
C THR C 129 3.26 17.56 33.84
N ALA C 130 4.04 18.12 32.91
CA ALA C 130 4.20 19.56 32.78
C ALA C 130 3.91 19.98 31.36
N SER C 131 2.96 20.89 31.18
CA SER C 131 2.62 21.46 29.88
C SER C 131 2.93 22.95 29.90
N VAL C 132 3.78 23.39 28.98
CA VAL C 132 4.06 24.82 28.79
C VAL C 132 3.33 25.28 27.54
N VAL C 133 2.58 26.37 27.67
CA VAL C 133 1.68 26.84 26.62
C VAL C 133 2.20 28.16 26.05
N CYS C 134 2.27 28.24 24.73
CA CYS C 134 2.60 29.47 24.03
C CYS C 134 1.40 29.89 23.19
N LEU C 135 0.99 31.15 23.35
CA LEU C 135 -0.22 31.67 22.72
C LEU C 135 0.14 32.75 21.72
N LEU C 136 -0.40 32.64 20.51
CA LEU C 136 -0.25 33.65 19.47
C LEU C 136 -1.64 34.24 19.21
N ASN C 137 -1.83 35.51 19.58
CA ASN C 137 -3.16 36.07 19.67
C ASN C 137 -3.41 37.10 18.57
N ASN C 138 -4.51 36.92 17.85
CA ASN C 138 -5.05 37.88 16.89
C ASN C 138 -4.00 38.33 15.89
N PHE C 139 -3.69 37.45 14.93
CA PHE C 139 -2.73 37.72 13.88
C PHE C 139 -3.38 37.44 12.54
N TYR C 140 -2.77 38.00 11.49
CA TYR C 140 -3.18 37.72 10.12
C TYR C 140 -1.98 37.98 9.23
N PRO C 141 -1.73 37.14 8.20
CA PRO C 141 -2.51 35.98 7.75
C PRO C 141 -2.37 34.75 8.65
N ARG C 142 -2.88 33.61 8.16
CA ARG C 142 -3.07 32.44 9.01
C ARG C 142 -1.81 31.63 9.23
N GLU C 143 -0.87 31.64 8.28
CA GLU C 143 0.33 30.84 8.43
C GLU C 143 1.25 31.45 9.49
N ALA C 144 1.52 30.67 10.54
CA ALA C 144 2.45 31.06 11.60
C ALA C 144 3.21 29.84 12.08
N LYS C 145 4.50 30.04 12.39
CA LYS C 145 5.38 28.96 12.80
C LYS C 145 5.89 29.21 14.22
N VAL C 146 5.80 28.19 15.07
CA VAL C 146 6.28 28.25 16.44
C VAL C 146 7.43 27.27 16.60
N GLN C 147 8.48 27.68 17.32
CA GLN C 147 9.61 26.82 17.60
C GLN C 147 9.88 26.84 19.10
N TRP C 148 10.07 25.66 19.67
CA TRP C 148 10.30 25.51 21.10
C TRP C 148 11.77 25.30 21.40
N LYS C 149 12.25 25.98 22.43
CA LYS C 149 13.61 25.82 22.93
C LYS C 149 13.51 25.54 24.42
N VAL C 150 13.93 24.36 24.85
CA VAL C 150 13.95 24.11 26.29
C VAL C 150 15.18 24.86 26.81
N ASP C 151 16.34 24.20 26.86
CA ASP C 151 17.53 24.89 27.39
C ASP C 151 18.40 25.39 26.25
N ASN C 152 17.77 26.15 25.36
CA ASN C 152 18.27 26.64 24.09
C ASN C 152 18.31 25.50 23.10
N ALA C 153 17.92 24.30 23.50
CA ALA C 153 17.95 23.17 22.58
C ALA C 153 16.64 23.15 21.82
N LEU C 154 16.74 23.22 20.50
CA LEU C 154 15.56 23.20 19.63
C LEU C 154 14.80 21.90 19.83
N GLN C 155 13.48 22.04 19.99
CA GLN C 155 12.63 20.93 20.44
C GLN C 155 11.77 20.34 19.34
N SER C 156 12.38 19.70 18.34
CA SER C 156 11.61 19.01 17.32
C SER C 156 11.14 17.65 17.82
N GLY C 157 10.54 17.61 19.01
CA GLY C 157 9.99 16.37 19.51
C GLY C 157 8.48 16.35 19.41
N ASN C 158 7.82 16.46 20.56
CA ASN C 158 6.36 16.38 20.63
C ASN C 158 5.83 17.69 21.23
N SER C 159 5.11 18.45 20.40
CA SER C 159 4.33 19.59 20.86
C SER C 159 3.22 19.81 19.84
N GLN C 160 2.11 20.38 20.31
CA GLN C 160 0.87 20.42 19.53
C GLN C 160 0.42 21.85 19.30
N GLU C 161 -0.26 22.06 18.17
CA GLU C 161 -0.80 23.37 17.83
C GLU C 161 -2.30 23.27 17.71
N SER C 162 -2.95 24.43 17.76
CA SER C 162 -4.40 24.51 17.60
C SER C 162 -4.72 25.93 17.17
N VAL C 163 -5.42 26.08 16.06
CA VAL C 163 -5.74 27.38 15.50
C VAL C 163 -7.25 27.56 15.55
N THR C 164 -7.68 28.76 15.93
CA THR C 164 -9.09 29.09 15.90
C THR C 164 -9.54 29.33 14.46
N GLU C 165 -10.84 29.48 14.28
CA GLU C 165 -11.33 29.96 13.01
C GLU C 165 -11.19 31.48 12.94
N GLN C 166 -11.34 32.03 11.74
CA GLN C 166 -11.23 33.48 11.57
C GLN C 166 -12.28 34.17 12.43
N ASP C 167 -11.85 35.16 13.20
CA ASP C 167 -12.75 35.82 14.13
C ASP C 167 -13.81 36.63 13.39
N SER C 168 -15.02 36.66 13.97
CA SER C 168 -16.12 37.42 13.41
C SER C 168 -15.89 38.93 13.54
N LYS C 169 -15.14 39.34 14.56
CA LYS C 169 -14.92 40.76 14.81
C LYS C 169 -13.64 41.26 14.15
N ASP C 170 -12.52 40.58 14.41
CA ASP C 170 -11.21 40.99 13.91
C ASP C 170 -10.92 40.51 12.51
N SER C 171 -11.42 39.33 12.13
CA SER C 171 -10.96 38.57 10.98
C SER C 171 -9.53 38.07 11.16
N THR C 172 -9.06 37.95 12.40
CA THR C 172 -7.73 37.46 12.71
C THR C 172 -7.80 36.01 13.19
N TYR C 173 -6.62 35.44 13.41
CA TYR C 173 -6.48 34.08 13.90
C TYR C 173 -5.75 34.08 15.23
N SER C 174 -5.95 33.00 15.99
CA SER C 174 -5.21 32.79 17.22
C SER C 174 -4.69 31.36 17.22
N LEU C 175 -3.55 31.16 17.89
CA LEU C 175 -2.84 29.89 17.85
C LEU C 175 -2.28 29.59 19.23
N SER C 176 -2.41 28.34 19.64
CA SER C 176 -1.85 27.86 20.90
C SER C 176 -0.92 26.68 20.61
N SER C 177 0.31 26.76 21.12
CA SER C 177 1.24 25.65 21.10
C SER C 177 1.42 25.11 22.51
N THR C 178 1.51 23.80 22.64
CA THR C 178 1.57 23.16 23.95
C THR C 178 2.70 22.14 23.94
N LEU C 179 3.75 22.42 24.71
CA LEU C 179 4.87 21.52 24.87
C LEU C 179 4.67 20.72 26.15
N THR C 180 4.76 19.40 26.03
CA THR C 180 4.45 18.49 27.13
C THR C 180 5.65 17.65 27.49
N LEU C 181 6.01 17.64 28.77
CA LEU C 181 7.11 16.81 29.28
C LEU C 181 6.68 16.22 30.62
N SER C 182 7.56 15.40 31.18
CA SER C 182 7.33 14.82 32.49
C SER C 182 7.75 15.79 33.58
N LYS C 183 7.39 15.46 34.82
CA LYS C 183 7.84 16.28 35.95
C LYS C 183 9.36 16.21 36.07
N ALA C 184 9.94 15.03 35.85
CA ALA C 184 11.38 14.90 35.94
C ALA C 184 12.09 15.62 34.81
N ASP C 185 11.50 15.66 33.62
CA ASP C 185 12.14 16.33 32.51
C ASP C 185 12.02 17.85 32.65
N TYR C 186 10.85 18.33 33.09
CA TYR C 186 10.67 19.78 33.22
C TYR C 186 11.62 20.36 34.26
N GLU C 187 11.81 19.67 35.38
CA GLU C 187 12.63 20.20 36.45
C GLU C 187 14.12 20.06 36.18
N LYS C 188 14.52 19.24 35.20
CA LYS C 188 15.92 19.04 34.88
C LYS C 188 16.52 20.15 34.04
N HIS C 189 15.72 21.09 33.56
CA HIS C 189 16.19 22.23 32.77
C HIS C 189 15.72 23.51 33.43
N LYS C 190 16.00 24.65 32.78
CA LYS C 190 15.72 25.93 33.42
C LYS C 190 14.99 26.90 32.50
N VAL C 191 15.51 27.14 31.31
CA VAL C 191 14.89 28.09 30.38
C VAL C 191 13.85 27.35 29.55
N TYR C 192 12.81 28.08 29.15
CA TYR C 192 11.82 27.58 28.21
C TYR C 192 11.41 28.72 27.30
N ALA C 193 11.67 28.58 26.00
CA ALA C 193 11.49 29.66 25.05
C ALA C 193 10.44 29.28 24.00
N CYS C 194 9.90 30.31 23.35
CA CYS C 194 8.90 30.15 22.31
C CYS C 194 9.23 31.15 21.20
N GLU C 195 9.74 30.66 20.08
CA GLU C 195 10.15 31.51 18.98
C GLU C 195 9.07 31.50 17.91
N VAL C 196 8.54 32.68 17.59
CA VAL C 196 7.38 32.84 16.73
C VAL C 196 7.78 33.53 15.44
N THR C 197 7.41 32.93 14.30
CA THR C 197 7.68 33.47 12.98
C THR C 197 6.36 33.81 12.31
N HIS C 198 6.29 34.99 11.68
CA HIS C 198 5.06 35.45 11.05
C HIS C 198 5.38 36.53 10.04
N GLN C 199 4.47 36.71 9.08
CA GLN C 199 4.63 37.76 8.06
C GLN C 199 4.71 39.15 8.71
N GLY C 200 4.00 39.36 9.82
CA GLY C 200 3.99 40.62 10.53
C GLY C 200 5.14 40.86 11.47
N LEU C 201 6.15 40.00 11.48
CA LEU C 201 7.34 40.15 12.32
C LEU C 201 8.57 40.20 11.41
N SER C 202 9.19 41.38 11.32
CA SER C 202 10.39 41.51 10.49
C SER C 202 11.50 40.61 11.00
N SER C 203 11.61 40.46 12.31
CA SER C 203 12.47 39.48 12.93
C SER C 203 11.61 38.66 13.91
N PRO C 204 11.76 37.34 13.91
CA PRO C 204 10.96 36.52 14.83
C PRO C 204 11.15 36.97 16.27
N VAL C 205 10.09 36.83 17.04
CA VAL C 205 10.10 37.21 18.45
C VAL C 205 10.23 35.95 19.28
N THR C 206 10.92 36.08 20.41
CA THR C 206 11.09 35.00 21.35
C THR C 206 10.50 35.39 22.70
N LYS C 207 9.82 34.45 23.33
CA LYS C 207 9.21 34.65 24.64
C LYS C 207 9.64 33.50 25.52
N SER C 208 10.33 33.81 26.62
CA SER C 208 10.91 32.80 27.47
C SER C 208 10.59 33.09 28.93
N PHE C 209 10.77 32.06 29.76
CA PHE C 209 10.65 32.19 31.19
C PHE C 209 11.66 31.25 31.84
N ASN C 210 12.08 31.59 33.05
CA ASN C 210 13.06 30.83 33.80
C ASN C 210 12.37 30.10 34.96
N ARG C 211 13.09 29.09 35.48
CA ARG C 211 12.73 28.21 36.59
C ARG C 211 12.17 26.89 36.07
N GLY C 212 11.80 26.00 37.00
CA GLY C 212 11.33 24.67 36.64
C GLY C 212 12.48 23.70 36.36
N LYS D 2 45.39 -7.63 0.65
CA LYS D 2 46.08 -6.35 0.48
C LYS D 2 45.19 -5.26 -0.16
N VAL D 3 44.84 -5.40 -1.44
CA VAL D 3 44.12 -4.34 -2.16
C VAL D 3 43.09 -4.94 -3.12
N LEU D 4 41.90 -4.33 -3.14
CA LEU D 4 40.87 -4.61 -4.13
C LEU D 4 40.59 -3.36 -4.94
N VAL D 5 40.68 -3.46 -6.26
CA VAL D 5 40.52 -2.32 -7.16
C VAL D 5 39.26 -2.53 -7.99
N GLN D 6 38.33 -1.57 -7.91
CA GLN D 6 37.04 -1.64 -8.60
C GLN D 6 37.01 -0.75 -9.83
N SER D 7 36.06 -1.04 -10.72
CA SER D 7 35.92 -0.28 -11.95
C SER D 7 35.27 1.08 -11.69
N GLY D 8 35.23 1.91 -12.74
CA GLY D 8 34.80 3.28 -12.56
C GLY D 8 33.28 3.43 -12.43
N ALA D 9 32.88 4.66 -12.13
CA ALA D 9 31.47 4.96 -11.91
C ALA D 9 30.65 4.69 -13.16
N GLU D 10 29.37 4.40 -12.97
CA GLU D 10 28.49 4.01 -14.06
C GLU D 10 27.17 4.77 -13.95
N VAL D 11 26.63 5.17 -15.11
CA VAL D 11 25.35 5.86 -15.18
C VAL D 11 24.47 5.11 -16.18
N LYS D 12 23.31 4.67 -15.72
CA LYS D 12 22.46 3.79 -16.49
C LYS D 12 21.02 4.29 -16.46
N LYS D 13 20.26 3.99 -17.53
CA LYS D 13 18.85 4.31 -17.58
C LYS D 13 18.02 3.18 -16.96
N PRO D 14 16.84 3.49 -16.44
CA PRO D 14 16.01 2.45 -15.82
C PRO D 14 15.77 1.28 -16.77
N GLY D 15 15.84 0.06 -16.21
CA GLY D 15 15.70 -1.15 -16.98
C GLY D 15 16.95 -1.66 -17.64
N ALA D 16 18.06 -0.92 -17.56
CA ALA D 16 19.31 -1.35 -18.13
C ALA D 16 20.08 -2.25 -17.15
N SER D 17 21.27 -2.67 -17.58
CA SER D 17 22.13 -3.53 -16.78
C SER D 17 23.50 -2.88 -16.63
N VAL D 18 24.17 -3.19 -15.52
CA VAL D 18 25.51 -2.70 -15.26
C VAL D 18 26.41 -3.88 -14.88
N LYS D 19 27.66 -3.82 -15.29
CA LYS D 19 28.66 -4.82 -14.93
C LYS D 19 29.82 -4.13 -14.20
N VAL D 20 29.88 -4.32 -12.90
CA VAL D 20 30.99 -3.83 -12.08
C VAL D 20 32.04 -4.92 -11.98
N SER D 21 33.31 -4.51 -11.97
CA SER D 21 34.41 -5.45 -11.87
C SER D 21 35.29 -5.09 -10.66
N CYS D 22 36.03 -6.09 -10.19
CA CYS D 22 36.78 -5.98 -8.94
C CYS D 22 37.98 -6.91 -9.03
N ARG D 23 39.18 -6.34 -8.99
CA ARG D 23 40.41 -7.09 -9.16
C ARG D 23 41.21 -7.13 -7.86
N ALA D 24 41.80 -8.29 -7.57
CA ALA D 24 42.47 -8.52 -6.29
C ALA D 24 43.99 -8.45 -6.45
N PHE D 25 44.65 -7.82 -5.47
CA PHE D 25 46.09 -7.68 -5.45
C PHE D 25 46.63 -8.03 -4.08
N GLY D 26 47.80 -8.65 -4.04
CA GLY D 26 48.51 -8.87 -2.79
C GLY D 26 48.10 -10.09 -2.02
N TYR D 27 47.15 -10.87 -2.53
CA TYR D 27 46.80 -12.15 -1.91
C TYR D 27 46.29 -13.09 -2.98
N THR D 28 46.16 -14.36 -2.62
CA THR D 28 45.67 -15.37 -3.55
C THR D 28 44.19 -15.16 -3.79
N PHE D 29 43.85 -14.79 -5.03
CA PHE D 29 42.45 -14.51 -5.38
C PHE D 29 41.54 -15.68 -5.05
N THR D 30 42.02 -16.90 -5.24
CA THR D 30 41.21 -18.10 -5.07
C THR D 30 41.27 -18.64 -3.63
N GLY D 31 41.79 -17.88 -2.69
CA GLY D 31 41.85 -18.30 -1.30
C GLY D 31 40.80 -17.73 -0.38
N ASN D 32 39.96 -16.81 -0.85
CA ASN D 32 38.97 -16.18 0.03
C ASN D 32 37.70 -15.86 -0.73
N PRO D 33 36.53 -16.02 -0.11
CA PRO D 33 35.30 -15.58 -0.76
C PRO D 33 35.31 -14.07 -0.96
N LEU D 34 34.53 -13.61 -1.93
CA LEU D 34 34.31 -12.19 -2.15
C LEU D 34 32.84 -11.88 -1.93
N HIS D 35 32.58 -10.92 -1.06
CA HIS D 35 31.22 -10.42 -0.84
C HIS D 35 30.95 -9.26 -1.79
N TRP D 36 29.67 -9.00 -2.01
CA TRP D 36 29.24 -7.80 -2.71
C TRP D 36 28.23 -7.10 -1.83
N VAL D 37 28.50 -5.83 -1.51
CA VAL D 37 27.68 -5.02 -0.62
C VAL D 37 27.47 -3.67 -1.28
N ARG D 38 26.25 -3.14 -1.15
CA ARG D 38 25.93 -1.86 -1.73
C ARG D 38 25.40 -0.91 -0.65
N GLN D 39 25.47 0.39 -0.96
CA GLN D 39 25.03 1.42 -0.03
C GLN D 39 24.34 2.52 -0.82
N ALA D 40 23.06 2.76 -0.52
CA ALA D 40 22.33 3.83 -1.17
C ALA D 40 22.74 5.17 -0.57
N PRO D 41 22.68 6.27 -1.37
CA PRO D 41 23.13 7.57 -0.85
C PRO D 41 22.51 7.89 0.49
N GLY D 42 23.36 8.02 1.49
CA GLY D 42 22.93 8.29 2.84
C GLY D 42 22.43 7.08 3.61
N GLN D 43 22.58 5.87 3.10
CA GLN D 43 21.90 4.88 3.88
C GLN D 43 22.90 3.86 4.42
N GLY D 44 22.37 2.75 4.97
CA GLY D 44 23.21 1.70 5.48
C GLY D 44 23.67 0.74 4.39
N LEU D 45 24.16 -0.41 4.83
CA LEU D 45 24.76 -1.41 3.96
C LEU D 45 23.77 -2.54 3.69
N GLU D 46 23.82 -3.09 2.49
CA GLU D 46 22.94 -4.18 2.08
C GLU D 46 23.77 -5.25 1.41
N TRP D 47 23.66 -6.48 1.89
CA TRP D 47 24.44 -7.60 1.36
C TRP D 47 23.76 -8.17 0.13
N LEU D 48 24.54 -8.37 -0.94
CA LEU D 48 24.02 -8.90 -2.19
C LEU D 48 24.31 -10.38 -2.38
N GLY D 49 25.36 -10.91 -1.79
CA GLY D 49 25.78 -12.28 -2.02
C GLY D 49 27.28 -12.37 -1.96
N TRP D 50 27.77 -13.60 -2.08
CA TRP D 50 29.21 -13.83 -2.12
C TRP D 50 29.51 -14.97 -3.07
N ILE D 51 30.78 -15.06 -3.48
CA ILE D 51 31.22 -15.99 -4.51
C ILE D 51 32.48 -16.70 -4.04
N ASN D 52 32.59 -17.99 -4.40
CA ASN D 52 33.81 -18.75 -4.24
C ASN D 52 34.61 -18.59 -5.53
N PRO D 53 35.65 -17.75 -5.54
CA PRO D 53 36.35 -17.46 -6.81
C PRO D 53 37.02 -18.68 -7.42
N HIS D 54 37.39 -19.66 -6.61
CA HIS D 54 38.06 -20.85 -7.15
C HIS D 54 37.09 -21.71 -7.94
N SER D 55 35.90 -21.97 -7.39
CA SER D 55 34.93 -22.83 -8.03
C SER D 55 33.89 -22.06 -8.85
N GLY D 56 33.73 -20.76 -8.61
CA GLY D 56 32.64 -20.00 -9.19
C GLY D 56 31.31 -20.17 -8.49
N ASP D 57 31.23 -21.02 -7.47
CA ASP D 57 29.98 -21.20 -6.74
C ASP D 57 29.57 -19.91 -6.07
N THR D 58 28.26 -19.71 -5.94
CA THR D 58 27.72 -18.47 -5.43
C THR D 58 26.52 -18.76 -4.54
N PHE D 59 26.27 -17.87 -3.61
CA PHE D 59 24.95 -17.71 -3.03
C PHE D 59 24.58 -16.24 -3.15
N THR D 60 23.49 -15.98 -3.86
CA THR D 60 22.97 -14.64 -4.07
C THR D 60 21.87 -14.37 -3.06
N SER D 61 21.88 -13.17 -2.49
CA SER D 61 20.88 -12.83 -1.50
C SER D 61 19.49 -12.97 -2.10
N GLN D 62 18.57 -13.51 -1.30
CA GLN D 62 17.28 -13.94 -1.82
C GLN D 62 16.52 -12.80 -2.48
N LYS D 63 16.61 -11.60 -1.91
CA LYS D 63 15.94 -10.44 -2.50
C LYS D 63 16.37 -10.19 -3.94
N PHE D 64 17.60 -10.57 -4.31
CA PHE D 64 18.16 -10.25 -5.61
C PHE D 64 18.30 -11.46 -6.53
N GLN D 65 17.82 -12.63 -6.12
CA GLN D 65 17.99 -13.83 -6.93
C GLN D 65 17.27 -13.70 -8.26
N GLY D 66 17.97 -14.07 -9.34
CA GLY D 66 17.46 -13.91 -10.68
C GLY D 66 17.67 -12.55 -11.29
N ARG D 67 18.19 -11.58 -10.52
CA ARG D 67 18.47 -10.24 -11.01
C ARG D 67 19.92 -9.84 -10.88
N VAL D 68 20.69 -10.48 -9.99
CA VAL D 68 22.08 -10.14 -9.74
C VAL D 68 22.92 -11.39 -9.96
N TYR D 69 24.05 -11.24 -10.64
CA TYR D 69 24.87 -12.37 -11.04
C TYR D 69 26.33 -12.10 -10.70
N MET D 70 26.92 -13.00 -9.92
CA MET D 70 28.33 -12.97 -9.57
C MET D 70 29.10 -13.96 -10.45
N THR D 71 30.16 -13.47 -11.09
CA THR D 71 31.05 -14.33 -11.86
C THR D 71 32.49 -13.90 -11.58
N ARG D 72 33.44 -14.61 -12.18
CA ARG D 72 34.84 -14.26 -11.97
C ARG D 72 35.68 -14.78 -13.14
N ASP D 73 36.82 -14.13 -13.34
CA ASP D 73 37.81 -14.51 -14.34
C ASP D 73 39.14 -14.70 -13.60
N LYS D 74 39.49 -15.96 -13.32
CA LYS D 74 40.67 -16.21 -12.49
C LYS D 74 41.95 -15.78 -13.17
N SER D 75 42.01 -15.83 -14.50
CA SER D 75 43.26 -15.51 -15.19
C SER D 75 43.72 -14.08 -14.91
N ILE D 76 42.84 -13.20 -14.47
CA ILE D 76 43.20 -11.81 -14.20
C ILE D 76 42.70 -11.40 -12.83
N ASN D 77 42.43 -12.37 -11.96
CA ASN D 77 42.12 -12.13 -10.55
C ASN D 77 40.97 -11.14 -10.37
N THR D 78 39.99 -11.19 -11.28
CA THR D 78 38.92 -10.21 -11.34
C THR D 78 37.58 -10.88 -11.08
N ALA D 79 36.77 -10.28 -10.22
CA ALA D 79 35.41 -10.70 -9.96
C ALA D 79 34.43 -9.75 -10.62
N PHE D 80 33.27 -10.27 -11.03
CA PHE D 80 32.28 -9.45 -11.72
C PHE D 80 30.94 -9.53 -11.02
N LEU D 81 30.22 -8.41 -11.04
CA LEU D 81 28.87 -8.31 -10.50
C LEU D 81 27.96 -7.72 -11.57
N ASP D 82 26.94 -8.48 -11.96
CA ASP D 82 25.97 -8.04 -12.96
C ASP D 82 24.68 -7.72 -12.23
N VAL D 83 24.23 -6.48 -12.31
CA VAL D 83 22.94 -6.07 -11.79
C VAL D 83 22.08 -5.68 -12.97
N THR D 84 20.98 -6.42 -13.16
CA THR D 84 20.10 -6.25 -14.30
C THR D 84 18.81 -5.58 -13.88
N ARG D 85 18.06 -5.12 -14.88
CA ARG D 85 16.74 -4.52 -14.70
C ARG D 85 16.76 -3.43 -13.62
N LEU D 86 17.67 -2.48 -13.80
CA LEU D 86 17.93 -1.47 -12.78
C LEU D 86 16.73 -0.53 -12.62
N THR D 87 16.43 -0.18 -11.38
CA THR D 87 15.54 0.92 -11.06
C THR D 87 16.28 1.90 -10.16
N SER D 88 15.59 3.00 -9.80
CA SER D 88 16.19 4.00 -8.94
C SER D 88 16.58 3.44 -7.58
N ASP D 89 15.92 2.36 -7.15
CA ASP D 89 16.26 1.72 -5.88
C ASP D 89 17.65 1.09 -5.88
N ASP D 90 18.32 1.02 -7.03
CA ASP D 90 19.65 0.44 -7.12
C ASP D 90 20.74 1.49 -7.20
N THR D 91 20.39 2.78 -7.15
CA THR D 91 21.40 3.83 -7.14
C THR D 91 22.17 3.80 -5.82
N GLY D 92 23.49 3.81 -5.92
CA GLY D 92 24.33 3.79 -4.74
C GLY D 92 25.73 3.35 -5.11
N ILE D 93 26.51 3.08 -4.07
CA ILE D 93 27.89 2.65 -4.22
C ILE D 93 27.96 1.15 -3.99
N TYR D 94 28.65 0.43 -4.87
CA TYR D 94 28.77 -1.02 -4.81
C TYR D 94 30.20 -1.37 -4.42
N TYR D 95 30.35 -2.16 -3.35
CA TYR D 95 31.65 -2.58 -2.84
C TYR D 95 31.82 -4.08 -3.04
N CYS D 96 33.04 -4.49 -3.35
CA CYS D 96 33.45 -5.87 -3.19
C CYS D 96 34.32 -5.97 -1.95
N ALA D 97 34.20 -7.08 -1.22
CA ALA D 97 34.92 -7.21 0.04
C ALA D 97 35.34 -8.67 0.24
N ARG D 98 36.61 -8.85 0.59
CA ARG D 98 37.15 -10.16 0.88
C ARG D 98 36.77 -10.57 2.31
N ASP D 99 36.51 -11.85 2.49
CA ASP D 99 36.25 -12.41 3.81
C ASP D 99 37.50 -13.14 4.31
N LYS D 100 37.80 -12.97 5.61
CA LYS D 100 38.92 -13.70 6.21
C LYS D 100 38.70 -15.20 6.12
N TYR D 101 37.47 -15.64 6.35
CA TYR D 101 37.05 -17.03 6.13
C TYR D 101 37.87 -18.03 6.96
N TYR D 102 38.20 -17.66 8.19
CA TYR D 102 38.86 -18.62 9.08
C TYR D 102 37.93 -19.78 9.37
N GLY D 103 38.48 -20.99 9.39
CA GLY D 103 37.68 -22.17 9.63
C GLY D 103 36.70 -22.49 8.52
N ASN D 104 36.97 -22.03 7.29
CA ASN D 104 36.13 -22.31 6.13
C ASN D 104 34.70 -21.86 6.37
N GLU D 105 34.56 -20.59 6.78
CA GLU D 105 33.31 -20.12 7.34
C GLU D 105 33.40 -18.61 7.45
N ALA D 106 32.26 -17.93 7.25
CA ALA D 106 32.24 -16.47 7.25
C ALA D 106 32.70 -15.92 8.59
N VAL D 107 33.52 -14.86 8.55
CA VAL D 107 34.13 -14.33 9.76
C VAL D 107 34.02 -12.81 9.78
N GLY D 108 34.36 -12.17 8.67
CA GLY D 108 34.32 -10.73 8.60
C GLY D 108 34.96 -10.19 7.33
N MET D 109 34.53 -9.01 6.89
CA MET D 109 34.96 -8.48 5.60
C MET D 109 36.26 -7.72 5.78
N ASP D 110 37.34 -8.34 5.35
CA ASP D 110 38.72 -7.98 5.62
C ASP D 110 39.18 -6.80 4.77
N VAL D 111 39.05 -6.92 3.45
CA VAL D 111 39.60 -5.97 2.50
C VAL D 111 38.43 -5.50 1.64
N TRP D 112 38.34 -4.19 1.44
CA TRP D 112 37.26 -3.61 0.66
C TRP D 112 37.84 -2.87 -0.54
N GLY D 113 37.07 -2.84 -1.62
CA GLY D 113 37.40 -1.99 -2.73
C GLY D 113 37.02 -0.56 -2.46
N GLN D 114 37.50 0.34 -3.33
CA GLN D 114 37.17 1.75 -3.18
C GLN D 114 35.69 2.02 -3.44
N GLY D 115 34.98 1.10 -4.05
CA GLY D 115 33.57 1.26 -4.33
C GLY D 115 33.33 1.74 -5.75
N THR D 116 32.19 1.36 -6.30
CA THR D 116 31.77 1.78 -7.63
C THR D 116 30.41 2.45 -7.53
N SER D 117 30.32 3.68 -8.01
CA SER D 117 29.07 4.41 -7.97
C SER D 117 28.21 4.02 -9.16
N VAL D 118 26.93 3.73 -8.89
CA VAL D 118 25.97 3.39 -9.94
C VAL D 118 24.79 4.33 -9.79
N THR D 119 24.54 5.14 -10.82
CA THR D 119 23.40 6.04 -10.84
C THR D 119 22.39 5.55 -11.86
N VAL D 120 21.16 5.33 -11.41
CA VAL D 120 20.06 4.91 -12.27
C VAL D 120 19.11 6.10 -12.40
N SER D 121 18.99 6.62 -13.62
CA SER D 121 18.17 7.81 -13.83
C SER D 121 17.88 7.97 -15.32
N SER D 122 16.76 8.63 -15.60
CA SER D 122 16.39 8.98 -16.97
C SER D 122 17.08 10.24 -17.46
N ALA D 123 17.71 11.00 -16.58
CA ALA D 123 18.34 12.26 -16.97
C ALA D 123 19.40 12.03 -18.04
N SER D 124 19.59 13.03 -18.88
CA SER D 124 20.63 13.04 -19.90
C SER D 124 21.82 13.87 -19.43
N THR D 125 22.99 13.55 -19.97
CA THR D 125 24.21 14.25 -19.60
C THR D 125 24.07 15.75 -19.86
N LYS D 126 24.25 16.55 -18.82
CA LYS D 126 24.09 18.00 -18.89
C LYS D 126 25.27 18.69 -18.21
N GLY D 127 25.91 19.61 -18.92
CA GLY D 127 26.95 20.43 -18.36
C GLY D 127 26.38 21.46 -17.39
N PRO D 128 27.13 21.76 -16.33
CA PRO D 128 26.64 22.71 -15.33
C PRO D 128 26.77 24.15 -15.77
N SER D 129 25.84 24.97 -15.28
CA SER D 129 25.93 26.42 -15.39
C SER D 129 26.52 26.97 -14.11
N VAL D 130 27.53 27.83 -14.24
CA VAL D 130 28.25 28.39 -13.09
C VAL D 130 27.91 29.86 -12.97
N PHE D 131 27.44 30.25 -11.79
CA PHE D 131 27.07 31.63 -11.52
C PHE D 131 27.83 32.14 -10.30
N PRO D 132 28.32 33.38 -10.35
CA PRO D 132 29.05 33.93 -9.21
C PRO D 132 28.10 34.28 -8.07
N LEU D 133 28.52 33.96 -6.85
CA LEU D 133 27.84 34.40 -5.64
C LEU D 133 28.67 35.53 -5.04
N ALA D 134 28.53 36.72 -5.62
CA ALA D 134 29.24 37.88 -5.14
C ALA D 134 28.64 38.35 -3.81
N PRO D 135 29.47 38.92 -2.91
CA PRO D 135 29.09 39.48 -1.60
C PRO D 135 27.77 40.23 -1.60
N THR D 144 32.26 39.21 7.55
CA THR D 144 33.70 39.10 7.37
C THR D 144 34.07 38.56 6.00
N ALA D 145 33.32 38.99 4.98
CA ALA D 145 33.55 38.67 3.56
C ALA D 145 33.38 37.20 3.23
N ALA D 146 32.27 36.86 2.56
CA ALA D 146 32.01 35.50 2.09
C ALA D 146 31.48 35.55 0.67
N LEU D 147 32.09 34.77 -0.22
CA LEU D 147 31.70 34.69 -1.61
C LEU D 147 31.65 33.22 -2.03
N GLY D 148 31.19 32.97 -3.26
CA GLY D 148 31.08 31.59 -3.68
C GLY D 148 30.69 31.45 -5.14
N CYS D 149 30.57 30.19 -5.55
CA CYS D 149 30.14 29.82 -6.89
C CYS D 149 28.91 28.93 -6.81
N LEU D 150 28.01 29.08 -7.78
CA LEU D 150 26.80 28.27 -7.87
C LEU D 150 26.90 27.38 -9.10
N VAL D 151 27.01 26.08 -8.86
CA VAL D 151 27.06 25.07 -9.92
C VAL D 151 25.66 24.47 -10.01
N LYS D 152 24.96 24.73 -11.12
CA LYS D 152 23.53 24.44 -11.20
C LYS D 152 23.19 23.64 -12.45
N ASP D 153 22.26 22.69 -12.28
CA ASP D 153 21.61 21.99 -13.39
C ASP D 153 22.59 21.15 -14.19
N TYR D 154 23.21 20.19 -13.53
CA TYR D 154 24.13 19.28 -14.20
C TYR D 154 23.75 17.83 -13.91
N PHE D 155 24.24 16.94 -14.77
CA PHE D 155 24.03 15.52 -14.62
C PHE D 155 25.06 14.81 -15.48
N PRO D 156 25.70 13.75 -14.97
CA PRO D 156 25.53 13.17 -13.65
C PRO D 156 26.58 13.68 -12.69
N GLU D 157 26.60 13.15 -11.48
CA GLU D 157 27.68 13.43 -10.55
C GLU D 157 28.97 12.81 -11.06
N PRO D 158 30.12 13.34 -10.66
CA PRO D 158 30.33 14.46 -9.74
C PRO D 158 30.84 15.69 -10.45
N VAL D 159 31.05 16.77 -9.69
CA VAL D 159 31.79 17.92 -10.15
C VAL D 159 32.86 18.22 -9.11
N THR D 160 34.01 18.70 -9.57
CA THR D 160 35.07 19.17 -8.69
C THR D 160 35.16 20.68 -8.78
N VAL D 161 35.42 21.33 -7.65
CA VAL D 161 35.45 22.79 -7.63
C VAL D 161 36.87 23.30 -7.61
N SER D 162 37.45 23.44 -6.40
CA SER D 162 38.75 24.06 -6.18
C SER D 162 38.70 25.57 -6.46
N TRP D 163 39.45 26.34 -5.69
CA TRP D 163 39.46 27.79 -5.78
C TRP D 163 40.88 28.26 -6.06
N ASN D 164 41.00 29.22 -7.00
CA ASN D 164 42.30 29.72 -7.46
C ASN D 164 43.27 28.57 -7.73
N SER D 165 42.78 27.60 -8.53
CA SER D 165 43.56 26.46 -9.00
C SER D 165 44.24 25.67 -7.88
N GLY D 166 43.63 25.67 -6.69
CA GLY D 166 44.11 24.85 -5.59
C GLY D 166 44.89 25.58 -4.53
N ALA D 167 45.24 26.85 -4.75
CA ALA D 167 45.96 27.61 -3.73
C ALA D 167 45.05 27.94 -2.54
N LEU D 168 43.86 28.44 -2.82
CA LEU D 168 42.92 28.86 -1.78
C LEU D 168 42.16 27.65 -1.28
N THR D 169 42.36 27.28 -0.01
CA THR D 169 41.81 26.05 0.52
C THR D 169 41.27 26.12 1.94
N SER D 170 41.42 27.25 2.65
CA SER D 170 41.17 27.24 4.10
C SER D 170 39.68 27.28 4.43
N GLY D 171 39.05 28.44 4.27
CA GLY D 171 37.66 28.58 4.67
C GLY D 171 36.68 28.16 3.60
N VAL D 172 37.04 27.13 2.83
CA VAL D 172 36.24 26.66 1.71
C VAL D 172 35.24 25.62 2.19
N HIS D 173 34.00 25.74 1.71
CA HIS D 173 32.95 24.76 1.99
C HIS D 173 32.24 24.46 0.68
N THR D 174 32.48 23.28 0.11
CA THR D 174 31.74 22.81 -1.05
C THR D 174 30.65 21.88 -0.57
N PHE D 175 29.40 22.22 -0.88
CA PHE D 175 28.27 21.51 -0.31
C PHE D 175 27.92 20.27 -1.13
N PRO D 176 27.35 19.26 -0.47
CA PRO D 176 26.86 18.09 -1.22
C PRO D 176 25.79 18.53 -2.21
N ALA D 177 25.87 17.99 -3.42
CA ALA D 177 24.89 18.32 -4.45
C ALA D 177 23.49 17.89 -3.99
N VAL D 178 22.48 18.61 -4.49
CA VAL D 178 21.09 18.27 -4.24
C VAL D 178 20.44 17.91 -5.57
N LEU D 179 19.60 16.89 -5.55
CA LEU D 179 18.89 16.42 -6.73
C LEU D 179 17.54 17.12 -6.81
N GLN D 180 17.33 17.90 -7.86
CA GLN D 180 16.06 18.59 -8.01
C GLN D 180 15.06 17.69 -8.74
N SER D 181 13.82 18.20 -8.89
CA SER D 181 12.77 17.43 -9.55
C SER D 181 13.03 17.23 -11.04
N SER D 182 13.79 18.13 -11.67
CA SER D 182 14.17 17.97 -13.06
C SER D 182 15.09 16.77 -13.30
N GLY D 183 15.47 16.04 -12.26
CA GLY D 183 16.47 15.00 -12.36
C GLY D 183 17.90 15.50 -12.46
N LEU D 184 18.13 16.80 -12.30
CA LEU D 184 19.44 17.39 -12.41
C LEU D 184 19.98 17.75 -11.03
N TYR D 185 21.30 17.85 -10.95
CA TYR D 185 21.98 18.16 -9.71
C TYR D 185 22.34 19.64 -9.68
N SER D 186 22.60 20.15 -8.48
CA SER D 186 23.03 21.52 -8.31
C SER D 186 23.63 21.67 -6.92
N LEU D 187 24.75 22.39 -6.82
CA LEU D 187 25.42 22.61 -5.56
C LEU D 187 26.04 24.00 -5.52
N SER D 188 26.59 24.35 -4.36
CA SER D 188 27.27 25.62 -4.15
C SER D 188 28.59 25.39 -3.44
N SER D 189 29.59 26.17 -3.85
CA SER D 189 30.88 26.21 -3.16
C SER D 189 31.11 27.64 -2.69
N VAL D 190 31.46 27.81 -1.42
CA VAL D 190 31.60 29.12 -0.81
C VAL D 190 32.94 29.20 -0.10
N VAL D 191 33.41 30.43 0.09
CA VAL D 191 34.62 30.68 0.86
C VAL D 191 34.43 31.95 1.69
N THR D 192 35.08 31.98 2.84
CA THR D 192 35.16 33.16 3.69
C THR D 192 36.57 33.73 3.61
N VAL D 193 36.67 34.98 3.22
CA VAL D 193 37.95 35.63 2.93
C VAL D 193 38.10 36.81 3.88
N PRO D 194 39.29 37.37 4.00
CA PRO D 194 39.46 38.55 4.86
C PRO D 194 38.47 39.66 4.50
N SER D 195 37.87 40.24 5.55
CA SER D 195 36.80 41.23 5.46
C SER D 195 36.97 42.17 4.26
N SER D 196 38.21 42.55 3.97
CA SER D 196 38.48 43.17 2.67
C SER D 196 39.85 42.76 2.16
N SER D 197 39.85 41.89 1.16
CA SER D 197 40.91 41.76 0.17
C SER D 197 40.33 41.77 -1.24
N LEU D 198 39.05 42.13 -1.36
CA LEU D 198 38.23 41.99 -2.55
C LEU D 198 38.48 43.07 -3.61
N GLY D 199 39.63 43.72 -3.58
CA GLY D 199 39.97 44.70 -4.59
C GLY D 199 41.34 44.41 -5.16
N THR D 200 42.20 43.83 -4.32
CA THR D 200 43.50 43.35 -4.72
C THR D 200 43.45 41.89 -5.19
N GLN D 201 42.91 41.01 -4.37
CA GLN D 201 42.96 39.57 -4.64
C GLN D 201 41.84 39.17 -5.58
N THR D 202 42.19 38.36 -6.59
CA THR D 202 41.24 37.87 -7.57
C THR D 202 40.85 36.44 -7.19
N TYR D 203 39.56 36.22 -7.01
CA TYR D 203 39.03 34.91 -6.62
C TYR D 203 38.36 34.26 -7.82
N ILE D 204 38.85 33.09 -8.20
CA ILE D 204 38.32 32.33 -9.31
C ILE D 204 38.02 30.91 -8.85
N CYS D 205 36.75 30.51 -8.94
CA CYS D 205 36.38 29.12 -8.71
C CYS D 205 36.52 28.37 -10.02
N ASN D 206 37.13 27.19 -9.96
CA ASN D 206 37.20 26.28 -11.09
C ASN D 206 36.08 25.26 -10.96
N VAL D 207 35.59 24.77 -12.10
CA VAL D 207 34.52 23.78 -12.12
C VAL D 207 34.84 22.77 -13.19
N ASN D 208 34.94 21.51 -12.80
CA ASN D 208 35.28 20.42 -13.71
C ASN D 208 34.10 19.46 -13.62
N HIS D 209 33.36 19.31 -14.72
CA HIS D 209 32.28 18.34 -14.79
C HIS D 209 32.76 17.31 -15.77
N LYS D 210 33.36 16.23 -15.22
CA LYS D 210 34.17 15.54 -16.21
C LYS D 210 33.25 14.83 -17.21
N PRO D 211 32.11 14.20 -16.83
CA PRO D 211 31.29 13.52 -17.85
C PRO D 211 30.86 14.38 -19.03
N SER D 212 30.94 15.69 -18.92
CA SER D 212 30.49 16.56 -20.00
C SER D 212 31.64 17.26 -20.72
N ASN D 213 32.88 17.05 -20.28
CA ASN D 213 34.04 17.81 -20.75
C ASN D 213 33.76 19.30 -20.63
N THR D 214 33.42 19.71 -19.42
CA THR D 214 33.07 21.09 -19.11
C THR D 214 34.00 21.57 -18.00
N LYS D 215 34.89 22.50 -18.35
CA LYS D 215 35.70 23.22 -17.37
C LYS D 215 35.37 24.69 -17.48
N VAL D 216 35.08 25.33 -16.35
CA VAL D 216 34.69 26.73 -16.30
C VAL D 216 35.41 27.40 -15.14
N ASP D 217 36.00 28.55 -15.39
CA ASP D 217 36.64 29.37 -14.37
C ASP D 217 35.86 30.67 -14.24
N LYS D 218 34.98 30.73 -13.25
CA LYS D 218 34.17 31.92 -13.02
C LYS D 218 34.90 32.86 -12.07
N LYS D 219 35.17 34.07 -12.53
CA LYS D 219 35.80 35.10 -11.71
C LYS D 219 34.73 35.75 -10.85
N VAL D 220 34.91 35.71 -9.54
CA VAL D 220 33.92 36.25 -8.60
C VAL D 220 34.42 37.62 -8.16
N GLU D 221 33.83 38.67 -8.74
CA GLU D 221 34.15 40.06 -8.50
C GLU D 221 32.97 40.77 -7.83
N PRO D 222 33.24 41.74 -6.95
CA PRO D 222 32.18 42.49 -6.25
C PRO D 222 31.42 43.44 -7.18
N LYS E 2 -20.91 -16.90 12.34
CA LYS E 2 -21.56 -17.83 13.24
C LYS E 2 -20.76 -19.13 13.39
N VAL E 3 -20.71 -19.95 12.33
CA VAL E 3 -20.10 -21.27 12.40
C VAL E 3 -19.36 -21.59 11.10
N LEU E 4 -18.15 -22.14 11.24
CA LEU E 4 -17.39 -22.69 10.13
C LEU E 4 -17.16 -24.17 10.39
N VAL E 5 -17.56 -25.02 9.45
CA VAL E 5 -17.48 -26.47 9.60
C VAL E 5 -16.44 -27.01 8.63
N GLN E 6 -15.42 -27.68 9.14
CA GLN E 6 -14.32 -28.19 8.35
C GLN E 6 -14.44 -29.70 8.11
N SER E 7 -13.73 -30.18 7.10
CA SER E 7 -13.75 -31.58 6.73
C SER E 7 -12.93 -32.42 7.71
N GLY E 8 -13.01 -33.74 7.55
CA GLY E 8 -12.42 -34.66 8.51
C GLY E 8 -10.92 -34.81 8.40
N ALA E 9 -10.36 -35.54 9.35
CA ALA E 9 -8.92 -35.74 9.45
C ALA E 9 -8.38 -36.45 8.22
N GLU E 10 -7.09 -36.24 7.94
CA GLU E 10 -6.45 -36.76 6.75
C GLU E 10 -5.11 -37.37 7.10
N VAL E 11 -4.77 -38.48 6.44
CA VAL E 11 -3.49 -39.16 6.63
C VAL E 11 -2.86 -39.30 5.25
N LYS E 12 -1.65 -38.76 5.09
CA LYS E 12 -1.05 -38.68 3.77
C LYS E 12 0.39 -39.15 3.82
N LYS E 13 0.84 -39.69 2.71
CA LYS E 13 2.23 -40.07 2.55
C LYS E 13 3.05 -38.88 2.06
N PRO E 14 4.35 -38.85 2.36
CA PRO E 14 5.18 -37.73 1.89
C PRO E 14 5.10 -37.59 0.37
N GLY E 15 4.99 -36.33 -0.07
CA GLY E 15 4.84 -36.06 -1.48
C GLY E 15 3.42 -36.07 -2.00
N ALA E 16 2.45 -36.42 -1.16
CA ALA E 16 1.06 -36.43 -1.56
C ALA E 16 0.44 -35.04 -1.40
N SER E 17 -0.85 -34.94 -1.73
CA SER E 17 -1.60 -33.70 -1.63
C SER E 17 -2.83 -33.93 -0.78
N VAL E 18 -3.29 -32.86 -0.13
CA VAL E 18 -4.48 -32.91 0.69
C VAL E 18 -5.38 -31.75 0.28
N LYS E 19 -6.69 -31.98 0.34
CA LYS E 19 -7.68 -30.94 0.08
C LYS E 19 -8.56 -30.80 1.32
N VAL E 20 -8.35 -29.74 2.09
CA VAL E 20 -9.21 -29.43 3.22
C VAL E 20 -10.30 -28.48 2.76
N SER E 21 -11.51 -28.70 3.25
CA SER E 21 -12.67 -27.89 2.89
C SER E 21 -13.30 -27.28 4.14
N CYS E 22 -14.01 -26.18 3.93
CA CYS E 22 -14.50 -25.36 5.03
C CYS E 22 -15.75 -24.62 4.58
N ARG E 23 -16.89 -24.94 5.20
CA ARG E 23 -18.19 -24.40 4.81
C ARG E 23 -18.72 -23.44 5.87
N ALA E 24 -19.31 -22.34 5.42
CA ALA E 24 -19.73 -21.25 6.30
C ALA E 24 -21.25 -21.28 6.51
N PHE E 25 -21.65 -21.02 7.75
CA PHE E 25 -23.05 -20.95 8.14
C PHE E 25 -23.29 -19.71 8.98
N GLY E 26 -24.46 -19.12 8.84
CA GLY E 26 -24.86 -18.03 9.70
C GLY E 26 -24.42 -16.64 9.29
N TYR E 27 -23.72 -16.52 8.16
CA TYR E 27 -23.39 -15.20 7.61
C TYR E 27 -23.24 -15.34 6.10
N THR E 28 -23.13 -14.19 5.43
CA THR E 28 -22.96 -14.16 3.99
C THR E 28 -21.56 -14.65 3.63
N PHE E 29 -21.47 -15.81 2.98
CA PHE E 29 -20.17 -16.41 2.67
C PHE E 29 -19.24 -15.46 1.91
N THR E 30 -19.80 -14.68 0.99
CA THR E 30 -19.00 -13.81 0.14
C THR E 30 -18.81 -12.41 0.73
N GLY E 31 -19.15 -12.22 2.00
CA GLY E 31 -18.99 -10.93 2.64
C GLY E 31 -17.75 -10.76 3.49
N ASN E 32 -16.93 -11.81 3.65
CA ASN E 32 -15.78 -11.70 4.53
C ASN E 32 -14.65 -12.56 3.97
N PRO E 33 -13.40 -12.10 4.08
CA PRO E 33 -12.28 -12.96 3.71
C PRO E 33 -12.20 -14.18 4.61
N LEU E 34 -11.59 -15.24 4.07
CA LEU E 34 -11.33 -16.44 4.86
C LEU E 34 -9.82 -16.63 4.92
N HIS E 35 -9.29 -16.72 6.14
CA HIS E 35 -7.89 -17.02 6.36
C HIS E 35 -7.70 -18.52 6.48
N TRP E 36 -6.46 -18.96 6.27
CA TRP E 36 -6.06 -20.34 6.55
C TRP E 36 -4.84 -20.31 7.46
N VAL E 37 -4.95 -20.95 8.62
CA VAL E 37 -3.90 -20.96 9.62
C VAL E 37 -3.70 -22.41 10.07
N ARG E 38 -2.44 -22.80 10.24
CA ARG E 38 -2.12 -24.15 10.67
C ARG E 38 -1.26 -24.08 11.92
N GLN E 39 -1.25 -25.19 12.66
CA GLN E 39 -0.50 -25.29 13.91
C GLN E 39 0.08 -26.68 14.01
N ALA E 40 1.41 -26.75 14.09
CA ALA E 40 2.05 -28.04 14.30
C ALA E 40 1.91 -28.45 15.77
N PRO E 41 1.91 -29.77 16.04
CA PRO E 41 1.74 -30.24 17.43
C PRO E 41 2.70 -29.57 18.41
N GLY E 42 2.15 -28.88 19.39
CA GLY E 42 2.96 -28.21 20.40
C GLY E 42 3.59 -26.90 19.98
N GLN E 43 3.28 -26.39 18.80
CA GLN E 43 3.91 -25.18 18.30
C GLN E 43 2.92 -24.01 18.24
N GLY E 44 3.37 -22.89 17.69
CA GLY E 44 2.52 -21.72 17.52
C GLY E 44 1.73 -21.76 16.23
N LEU E 45 1.18 -20.60 15.87
CA LEU E 45 0.30 -20.47 14.72
C LEU E 45 1.07 -19.92 13.52
N GLU E 46 0.71 -20.40 12.34
CA GLU E 46 1.36 -20.00 11.09
C GLU E 46 0.30 -19.69 10.06
N TRP E 47 0.40 -18.50 9.45
CA TRP E 47 -0.55 -18.03 8.44
C TRP E 47 -0.21 -18.60 7.07
N LEU E 48 -1.22 -19.11 6.37
CA LEU E 48 -1.01 -19.66 5.05
C LEU E 48 -1.41 -18.71 3.92
N GLY E 49 -2.38 -17.85 4.17
CA GLY E 49 -2.92 -16.98 3.13
C GLY E 49 -4.41 -16.77 3.37
N TRP E 50 -4.99 -15.91 2.52
CA TRP E 50 -6.43 -15.68 2.62
C TRP E 50 -7.03 -15.50 1.23
N ILE E 51 -8.35 -15.63 1.17
CA ILE E 51 -9.09 -15.64 -0.08
C ILE E 51 -10.30 -14.71 0.04
N ASN E 52 -10.61 -14.03 -1.06
CA ASN E 52 -11.85 -13.28 -1.21
C ASN E 52 -12.88 -14.22 -1.83
N PRO E 53 -13.82 -14.74 -1.04
CA PRO E 53 -14.75 -15.75 -1.60
C PRO E 53 -15.61 -15.22 -2.73
N HIS E 54 -15.87 -13.91 -2.79
CA HIS E 54 -16.70 -13.39 -3.86
C HIS E 54 -15.98 -13.43 -5.20
N SER E 55 -14.74 -12.95 -5.24
CA SER E 55 -13.99 -12.90 -6.49
C SER E 55 -13.07 -14.09 -6.69
N GLY E 56 -12.74 -14.83 -5.63
CA GLY E 56 -11.72 -15.84 -5.71
C GLY E 56 -10.31 -15.31 -5.63
N ASP E 57 -10.12 -14.00 -5.55
CA ASP E 57 -8.78 -13.43 -5.45
C ASP E 57 -8.10 -13.91 -4.17
N THR E 58 -6.78 -14.06 -4.24
CA THR E 58 -6.01 -14.64 -3.15
C THR E 58 -4.70 -13.91 -2.99
N PHE E 59 -4.16 -13.94 -1.77
CA PHE E 59 -2.74 -13.78 -1.54
C PHE E 59 -2.28 -14.94 -0.68
N THR E 60 -1.34 -15.72 -1.21
CA THR E 60 -0.76 -16.85 -0.49
C THR E 60 0.55 -16.42 0.13
N SER E 61 0.78 -16.83 1.38
CA SER E 61 1.98 -16.42 2.06
C SER E 61 3.20 -16.89 1.28
N GLN E 62 4.23 -16.03 1.23
CA GLN E 62 5.33 -16.23 0.29
C GLN E 62 6.01 -17.57 0.51
N LYS E 63 6.16 -17.99 1.76
CA LYS E 63 6.76 -19.29 2.05
C LYS E 63 6.03 -20.43 1.36
N PHE E 64 4.74 -20.28 1.09
CA PHE E 64 3.93 -21.37 0.56
C PHE E 64 3.50 -21.15 -0.89
N GLN E 65 3.98 -20.09 -1.54
CA GLN E 65 3.55 -19.80 -2.90
C GLN E 65 4.01 -20.89 -3.87
N GLY E 66 3.10 -21.34 -4.73
CA GLY E 66 3.36 -22.45 -5.62
C GLY E 66 3.12 -23.82 -5.04
N ARG E 67 2.80 -23.91 -3.74
CA ARG E 67 2.52 -25.18 -3.09
C ARG E 67 1.16 -25.25 -2.44
N VAL E 68 0.55 -24.10 -2.11
CA VAL E 68 -0.73 -24.05 -1.41
C VAL E 68 -1.69 -23.24 -2.26
N TYR E 69 -2.91 -23.74 -2.43
CA TYR E 69 -3.89 -23.12 -3.32
C TYR E 69 -5.22 -22.99 -2.62
N MET E 70 -5.74 -21.77 -2.52
CA MET E 70 -7.04 -21.49 -1.95
C MET E 70 -8.05 -21.29 -3.07
N THR E 71 -9.16 -22.01 -2.99
CA THR E 71 -10.27 -21.86 -3.91
C THR E 71 -11.57 -21.92 -3.12
N ARG E 72 -12.69 -21.75 -3.82
CA ARG E 72 -13.99 -21.78 -3.18
C ARG E 72 -15.06 -22.13 -4.20
N ASP E 73 -16.16 -22.66 -3.68
CA ASP E 73 -17.35 -22.99 -4.47
C ASP E 73 -18.50 -22.23 -3.81
N LYS E 74 -18.89 -21.10 -4.41
CA LYS E 74 -19.88 -20.24 -3.79
C LYS E 74 -21.24 -20.93 -3.69
N SER E 75 -21.56 -21.82 -4.63
CA SER E 75 -22.87 -22.46 -4.65
C SER E 75 -23.13 -23.25 -3.38
N ILE E 76 -22.09 -23.61 -2.62
CA ILE E 76 -22.25 -24.37 -1.39
C ILE E 76 -21.46 -23.75 -0.25
N ASN E 77 -21.15 -22.46 -0.35
CA ASN E 77 -20.53 -21.67 0.73
C ASN E 77 -19.28 -22.33 1.30
N THR E 78 -18.51 -22.99 0.44
CA THR E 78 -17.38 -23.80 0.89
C THR E 78 -16.08 -23.25 0.34
N ALA E 79 -15.08 -23.13 1.22
CA ALA E 79 -13.73 -22.77 0.82
C ALA E 79 -12.86 -24.02 0.85
N PHE E 80 -11.86 -24.06 -0.03
CA PHE E 80 -10.98 -25.20 -0.16
C PHE E 80 -9.53 -24.76 0.03
N LEU E 81 -8.74 -25.66 0.61
CA LEU E 81 -7.30 -25.45 0.76
C LEU E 81 -6.58 -26.68 0.26
N ASP E 82 -5.75 -26.51 -0.76
CA ASP E 82 -4.94 -27.60 -1.31
C ASP E 82 -3.50 -27.41 -0.88
N VAL E 83 -2.96 -28.39 -0.18
CA VAL E 83 -1.55 -28.42 0.21
C VAL E 83 -0.90 -29.57 -0.53
N THR E 84 0.04 -29.24 -1.42
CA THR E 84 0.69 -30.24 -2.26
C THR E 84 2.10 -30.50 -1.77
N ARG E 85 2.69 -31.59 -2.29
CA ARG E 85 4.07 -31.96 -2.00
C ARG E 85 4.35 -31.97 -0.50
N LEU E 86 3.51 -32.70 0.22
CA LEU E 86 3.55 -32.69 1.68
C LEU E 86 4.80 -33.38 2.20
N THR E 87 5.38 -32.82 3.25
CA THR E 87 6.38 -33.49 4.07
C THR E 87 5.90 -33.48 5.52
N SER E 88 6.73 -34.04 6.40
CA SER E 88 6.40 -34.08 7.81
C SER E 88 6.27 -32.69 8.42
N ASP E 89 6.91 -31.68 7.82
CA ASP E 89 6.79 -30.32 8.31
C ASP E 89 5.38 -29.76 8.17
N ASP E 90 4.49 -30.46 7.48
CA ASP E 90 3.12 -30.01 7.27
C ASP E 90 2.13 -30.75 8.16
N THR E 91 2.61 -31.66 9.01
CA THR E 91 1.73 -32.32 9.96
C THR E 91 1.28 -31.31 11.02
N GLY E 92 -0.04 -31.27 11.25
CA GLY E 92 -0.59 -30.35 12.21
C GLY E 92 -2.07 -30.18 11.96
N ILE E 93 -2.65 -29.19 12.63
CA ILE E 93 -4.08 -28.91 12.52
C ILE E 93 -4.25 -27.69 11.63
N TYR E 94 -5.18 -27.77 10.68
CA TYR E 94 -5.42 -26.70 9.72
C TYR E 94 -6.77 -26.07 9.99
N TYR E 95 -6.79 -24.76 10.19
CA TYR E 95 -7.99 -23.99 10.48
C TYR E 95 -8.34 -23.05 9.34
N CYS E 96 -9.63 -22.86 9.11
CA CYS E 96 -10.13 -21.72 8.35
C CYS E 96 -10.74 -20.71 9.32
N ALA E 97 -10.56 -19.43 9.04
CA ALA E 97 -11.00 -18.40 9.97
C ALA E 97 -11.47 -17.17 9.21
N ARG E 98 -12.63 -16.67 9.58
CA ARG E 98 -13.19 -15.46 8.99
C ARG E 98 -12.60 -14.21 9.62
N ASP E 99 -12.40 -13.17 8.80
CA ASP E 99 -11.95 -11.87 9.28
C ASP E 99 -13.13 -10.91 9.36
N LYS E 100 -13.14 -10.09 10.43
CA LYS E 100 -14.17 -9.06 10.57
C LYS E 100 -14.13 -8.09 9.40
N TYR E 101 -12.91 -7.74 8.96
CA TYR E 101 -12.72 -6.95 7.74
C TYR E 101 -13.46 -5.61 7.81
N TYR E 102 -13.46 -5.00 8.98
CA TYR E 102 -14.01 -3.65 9.10
C TYR E 102 -13.18 -2.69 8.26
N GLY E 103 -13.87 -1.79 7.57
CA GLY E 103 -13.16 -0.84 6.73
C GLY E 103 -12.46 -1.45 5.54
N ASN E 104 -12.90 -2.64 5.10
CA ASN E 104 -12.35 -3.32 3.93
C ASN E 104 -10.84 -3.55 4.07
N GLU E 105 -10.47 -4.15 5.19
CA GLU E 105 -9.08 -4.21 5.63
C GLU E 105 -9.00 -5.17 6.81
N ALA E 106 -7.88 -5.89 6.91
CA ALA E 106 -7.73 -6.92 7.93
C ALA E 106 -7.82 -6.31 9.34
N VAL E 107 -8.56 -7.00 10.22
CA VAL E 107 -8.86 -6.46 11.53
C VAL E 107 -8.61 -7.52 12.60
N GLY E 108 -9.13 -8.73 12.38
CA GLY E 108 -9.00 -9.81 13.33
C GLY E 108 -9.86 -11.01 12.97
N MET E 109 -9.45 -12.20 13.38
CA MET E 109 -10.09 -13.43 12.95
C MET E 109 -11.25 -13.77 13.90
N ASP E 110 -12.46 -13.54 13.39
CA ASP E 110 -13.70 -13.56 14.17
C ASP E 110 -14.15 -14.98 14.49
N VAL E 111 -14.33 -15.80 13.46
CA VAL E 111 -14.96 -17.12 13.57
C VAL E 111 -13.97 -18.16 13.04
N TRP E 112 -13.81 -19.24 13.79
CA TRP E 112 -12.88 -20.30 13.44
C TRP E 112 -13.61 -21.61 13.23
N GLY E 113 -13.08 -22.44 12.31
CA GLY E 113 -13.55 -23.79 12.19
C GLY E 113 -12.95 -24.66 13.28
N GLN E 114 -13.51 -25.86 13.43
CA GLN E 114 -13.01 -26.77 14.45
C GLN E 114 -11.59 -27.24 14.16
N GLY E 115 -11.11 -27.05 12.94
CA GLY E 115 -9.77 -27.49 12.60
C GLY E 115 -9.78 -28.84 11.94
N THR E 116 -8.79 -29.08 11.08
CA THR E 116 -8.63 -30.35 10.40
C THR E 116 -7.23 -30.89 10.66
N SER E 117 -7.16 -32.12 11.15
CA SER E 117 -5.87 -32.75 11.43
C SER E 117 -5.31 -33.34 10.15
N VAL E 118 -4.04 -33.05 9.88
CA VAL E 118 -3.32 -33.57 8.73
C VAL E 118 -2.05 -34.23 9.25
N THR E 119 -1.94 -35.53 9.03
CA THR E 119 -0.76 -36.29 9.41
C THR E 119 -0.03 -36.72 8.15
N VAL E 120 1.24 -36.33 8.03
CA VAL E 120 2.09 -36.70 6.91
C VAL E 120 3.10 -37.70 7.43
N SER E 121 3.02 -38.93 6.96
CA SER E 121 3.93 -39.96 7.45
C SER E 121 3.88 -41.13 6.50
N SER E 122 5.01 -41.86 6.44
CA SER E 122 5.10 -43.08 5.63
C SER E 122 4.51 -44.29 6.34
N ALA E 123 4.21 -44.18 7.63
CA ALA E 123 3.70 -45.32 8.39
C ALA E 123 2.42 -45.87 7.77
N SER E 124 2.20 -47.16 7.97
CA SER E 124 0.98 -47.81 7.51
C SER E 124 0.00 -47.95 8.67
N THR E 125 -1.29 -48.02 8.33
CA THR E 125 -2.32 -48.16 9.33
C THR E 125 -2.08 -49.41 10.18
N LYS E 126 -1.99 -49.22 11.49
CA LYS E 126 -1.69 -50.30 12.42
C LYS E 126 -2.68 -50.24 13.56
N GLY E 127 -3.36 -51.36 13.81
CA GLY E 127 -4.19 -51.47 14.97
C GLY E 127 -3.33 -51.57 16.21
N PRO E 128 -3.79 -51.00 17.32
CA PRO E 128 -2.99 -51.01 18.54
C PRO E 128 -3.04 -52.36 19.25
N SER E 129 -1.96 -52.64 19.96
CA SER E 129 -1.93 -53.75 20.91
C SER E 129 -2.18 -53.17 22.29
N VAL E 130 -3.12 -53.77 23.03
CA VAL E 130 -3.50 -53.29 24.36
C VAL E 130 -3.03 -54.31 25.40
N PHE E 131 -2.26 -53.83 26.38
CA PHE E 131 -1.71 -54.64 27.46
C PHE E 131 -2.14 -54.10 28.80
N PRO E 132 -2.48 -54.97 29.75
CA PRO E 132 -2.90 -54.49 31.07
C PRO E 132 -1.69 -54.03 31.87
N LEU E 133 -1.88 -52.93 32.59
CA LEU E 133 -0.91 -52.45 33.58
C LEU E 133 -1.50 -52.77 34.95
N ALA E 134 -1.35 -54.03 35.36
CA ALA E 134 -1.86 -54.46 36.65
C ALA E 134 -1.03 -53.86 37.78
N PRO E 135 -1.67 -53.59 38.93
CA PRO E 135 -1.03 -53.07 40.16
C PRO E 135 0.32 -53.69 40.47
N THR E 144 -2.19 -46.32 46.92
CA THR E 144 -3.64 -46.28 47.09
C THR E 144 -4.38 -46.80 45.86
N ALA E 145 -3.84 -47.86 45.25
CA ALA E 145 -4.41 -48.57 44.12
C ALA E 145 -4.46 -47.75 42.83
N ALA E 146 -3.56 -48.07 41.90
CA ALA E 146 -3.54 -47.44 40.58
C ALA E 146 -3.32 -48.53 39.55
N LEU E 147 -4.16 -48.54 38.51
CA LEU E 147 -4.06 -49.50 37.42
C LEU E 147 -4.17 -48.77 36.10
N GLY E 148 -3.96 -49.49 35.01
CA GLY E 148 -4.04 -48.83 33.72
C GLY E 148 -3.95 -49.79 32.55
N CYS E 149 -4.03 -49.19 31.36
CA CYS E 149 -3.93 -49.90 30.09
C CYS E 149 -2.79 -49.32 29.26
N LEU E 150 -2.11 -50.18 28.50
CA LEU E 150 -1.03 -49.76 27.63
C LEU E 150 -1.48 -49.95 26.18
N VAL E 151 -1.67 -48.84 25.48
CA VAL E 151 -2.03 -48.83 24.06
C VAL E 151 -0.76 -48.53 23.27
N LYS E 152 -0.26 -49.54 22.55
CA LYS E 152 1.08 -49.48 21.99
C LYS E 152 1.10 -49.83 20.51
N ASP E 153 1.91 -49.08 19.75
CA ASP E 153 2.27 -49.40 18.36
C ASP E 153 1.06 -49.33 17.43
N TYR E 154 0.48 -48.14 17.34
CA TYR E 154 -0.63 -47.90 16.44
C TYR E 154 -0.33 -46.67 15.58
N PHE E 155 -1.05 -46.59 14.45
CA PHE E 155 -0.96 -45.46 13.55
C PHE E 155 -2.19 -45.48 12.66
N PRO E 156 -2.82 -44.34 12.41
CA PRO E 156 -2.49 -43.00 12.91
C PRO E 156 -3.28 -42.63 14.14
N GLU E 157 -3.11 -41.39 14.60
CA GLU E 157 -3.97 -40.86 15.65
C GLU E 157 -5.39 -40.70 15.11
N PRO E 158 -6.39 -40.71 16.00
CA PRO E 158 -6.31 -40.84 17.46
C PRO E 158 -6.81 -42.19 17.96
N VAL E 159 -6.76 -42.41 19.26
CA VAL E 159 -7.46 -43.51 19.91
C VAL E 159 -8.29 -42.92 21.03
N THR E 160 -9.44 -43.54 21.27
CA THR E 160 -10.25 -43.23 22.44
C THR E 160 -10.15 -44.40 23.40
N VAL E 161 -10.08 -44.10 24.69
CA VAL E 161 -9.93 -45.16 25.67
C VAL E 161 -11.25 -45.40 26.39
N SER E 162 -11.50 -44.62 27.46
CA SER E 162 -12.67 -44.83 28.31
C SER E 162 -12.58 -46.10 29.15
N TRP E 163 -13.11 -46.06 30.37
CA TRP E 163 -13.04 -47.15 31.32
C TRP E 163 -14.44 -47.59 31.74
N ASN E 164 -14.64 -48.90 31.80
CA ASN E 164 -15.94 -49.50 32.10
C ASN E 164 -17.07 -48.85 31.30
N SER E 165 -16.85 -48.74 29.99
CA SER E 165 -17.86 -48.23 29.06
C SER E 165 -18.44 -46.89 29.51
N GLY E 166 -17.63 -46.09 30.19
CA GLY E 166 -18.00 -44.74 30.57
C GLY E 166 -18.38 -44.55 32.02
N ALA E 167 -18.50 -45.62 32.80
CA ALA E 167 -18.88 -45.45 34.20
C ALA E 167 -17.74 -44.83 35.00
N LEU E 168 -16.53 -45.34 34.85
CA LEU E 168 -15.38 -44.87 35.60
C LEU E 168 -14.77 -43.65 34.90
N THR E 169 -14.80 -42.48 35.57
CA THR E 169 -14.33 -41.24 34.97
C THR E 169 -13.52 -40.35 35.90
N SER E 170 -13.37 -40.69 37.18
CA SER E 170 -12.85 -39.72 38.14
C SER E 170 -11.34 -39.55 38.06
N GLY E 171 -10.59 -40.52 38.56
CA GLY E 171 -9.15 -40.43 38.58
C GLY E 171 -8.48 -40.97 37.33
N VAL E 172 -9.12 -40.76 36.18
CA VAL E 172 -8.62 -41.29 34.91
C VAL E 172 -7.68 -40.25 34.29
N HIS E 173 -6.53 -40.71 33.81
CA HIS E 173 -5.57 -39.87 33.11
C HIS E 173 -5.16 -40.63 31.86
N THR E 174 -5.61 -40.16 30.70
CA THR E 174 -5.12 -40.66 29.43
C THR E 174 -4.04 -39.72 28.94
N PHE E 175 -2.84 -40.27 28.74
CA PHE E 175 -1.66 -39.48 28.43
C PHE E 175 -1.58 -39.17 26.93
N PRO E 176 -0.95 -38.06 26.56
CA PRO E 176 -0.70 -37.81 25.14
C PRO E 176 0.15 -38.92 24.55
N ALA E 177 -0.23 -39.35 23.35
CA ALA E 177 0.55 -40.36 22.65
C ALA E 177 1.94 -39.83 22.35
N VAL E 178 2.90 -40.75 22.27
CA VAL E 178 4.27 -40.43 21.91
C VAL E 178 4.60 -41.12 20.59
N LEU E 179 5.26 -40.38 19.70
CA LEU E 179 5.64 -40.91 18.40
C LEU E 179 7.03 -41.53 18.51
N GLN E 180 7.11 -42.85 18.29
CA GLN E 180 8.38 -43.54 18.37
C GLN E 180 9.11 -43.48 17.04
N SER E 181 10.33 -44.03 17.01
CA SER E 181 11.12 -44.03 15.78
C SER E 181 10.52 -44.92 14.71
N SER E 182 9.75 -45.95 15.10
CA SER E 182 9.09 -46.81 14.12
C SER E 182 8.04 -46.07 13.30
N GLY E 183 7.81 -44.79 13.58
CA GLY E 183 6.70 -44.06 13.00
C GLY E 183 5.35 -44.35 13.61
N LEU E 184 5.31 -45.14 14.67
CA LEU E 184 4.09 -45.57 15.32
C LEU E 184 3.89 -44.81 16.63
N TYR E 185 2.65 -44.77 17.08
CA TYR E 185 2.28 -44.09 18.32
C TYR E 185 2.10 -45.10 19.44
N SER E 186 2.14 -44.58 20.68
CA SER E 186 1.87 -45.39 21.85
C SER E 186 1.59 -44.47 23.03
N LEU E 187 0.59 -44.83 23.84
CA LEU E 187 0.20 -44.05 25.01
C LEU E 187 -0.24 -44.98 26.12
N SER E 188 -0.54 -44.39 27.29
CA SER E 188 -1.02 -45.11 28.45
C SER E 188 -2.22 -44.39 29.06
N SER E 189 -3.18 -45.17 29.53
CA SER E 189 -4.32 -44.66 30.29
C SER E 189 -4.32 -45.32 31.66
N VAL E 190 -4.45 -44.50 32.71
CA VAL E 190 -4.34 -44.98 34.07
C VAL E 190 -5.55 -44.50 34.87
N VAL E 191 -5.85 -45.22 35.94
CA VAL E 191 -6.91 -44.84 36.87
C VAL E 191 -6.42 -45.10 38.29
N THR E 192 -6.91 -44.28 39.22
CA THR E 192 -6.70 -44.49 40.65
C THR E 192 -8.02 -44.91 41.26
N VAL E 193 -8.03 -46.08 41.89
CA VAL E 193 -9.26 -46.66 42.45
C VAL E 193 -9.06 -46.84 43.96
N PRO E 194 -10.11 -47.07 44.74
CA PRO E 194 -9.93 -47.33 46.18
C PRO E 194 -8.93 -48.46 46.41
N SER E 195 -8.04 -48.25 47.40
CA SER E 195 -6.90 -49.11 47.74
C SER E 195 -7.28 -50.58 47.54
N SER E 196 -8.49 -50.95 47.87
CA SER E 196 -8.99 -52.23 47.39
C SER E 196 -10.47 -52.05 47.15
N SER E 197 -10.80 -52.07 45.87
CA SER E 197 -12.06 -52.53 45.35
C SER E 197 -11.73 -53.59 44.33
N LEU E 198 -10.46 -54.05 44.31
CA LEU E 198 -9.85 -54.89 43.29
C LEU E 198 -10.18 -56.38 43.44
N GLY E 199 -11.24 -56.71 44.18
CA GLY E 199 -11.66 -58.09 44.31
C GLY E 199 -13.13 -58.19 44.00
N THR E 200 -13.86 -57.10 44.27
CA THR E 200 -15.25 -56.98 43.90
C THR E 200 -15.44 -56.36 42.51
N GLN E 201 -14.85 -55.18 42.29
CA GLN E 201 -15.07 -54.42 41.06
C GLN E 201 -14.15 -54.87 39.94
N THR E 202 -14.73 -55.00 38.74
CA THR E 202 -14.00 -55.39 37.54
C THR E 202 -13.66 -54.14 36.76
N TYR E 203 -12.38 -53.98 36.44
CA TYR E 203 -11.91 -52.84 35.67
C TYR E 203 -11.57 -53.28 34.25
N ILE E 204 -12.24 -52.68 33.27
CA ILE E 204 -12.03 -52.96 31.86
C ILE E 204 -11.79 -51.65 31.14
N CYS E 205 -10.62 -51.51 30.51
CA CYS E 205 -10.39 -50.39 29.62
C CYS E 205 -10.90 -50.76 28.24
N ASN E 206 -11.62 -49.83 27.63
CA ASN E 206 -12.05 -49.94 26.25
C ASN E 206 -11.06 -49.18 25.37
N VAL E 207 -10.86 -49.64 24.15
CA VAL E 207 -9.91 -48.99 23.25
C VAL E 207 -10.52 -48.98 21.85
N ASN E 208 -10.63 -47.78 21.28
CA ASN E 208 -11.25 -47.58 19.97
C ASN E 208 -10.23 -46.93 19.03
N HIS E 209 -9.84 -47.65 18.00
CA HIS E 209 -8.96 -47.08 16.96
C HIS E 209 -9.75 -47.15 15.66
N LYS E 210 -10.45 -46.06 15.33
CA LYS E 210 -11.36 -46.05 14.20
C LYS E 210 -10.68 -46.27 12.84
N PRO E 211 -9.50 -45.65 12.57
CA PRO E 211 -8.85 -45.89 11.26
C PRO E 211 -8.59 -47.34 10.93
N SER E 212 -8.53 -48.20 11.93
CA SER E 212 -8.23 -49.61 11.73
C SER E 212 -9.42 -50.53 11.99
N ASN E 213 -10.56 -49.97 12.41
CA ASN E 213 -11.70 -50.75 12.87
C ASN E 213 -11.27 -51.76 13.92
N THR E 214 -10.71 -51.22 15.00
CA THR E 214 -10.15 -52.04 16.07
C THR E 214 -10.84 -51.66 17.35
N LYS E 215 -11.60 -52.57 17.89
CA LYS E 215 -12.14 -52.37 19.23
C LYS E 215 -11.65 -53.50 20.11
N VAL E 216 -11.15 -53.12 21.29
CA VAL E 216 -10.56 -54.02 22.28
C VAL E 216 -11.03 -53.58 23.67
N ASP E 217 -11.52 -54.54 24.44
CA ASP E 217 -11.92 -54.34 25.84
C ASP E 217 -11.01 -55.24 26.67
N LYS E 218 -9.95 -54.66 27.24
CA LYS E 218 -9.00 -55.41 28.04
C LYS E 218 -9.42 -55.37 29.51
N LYS E 219 -9.65 -56.55 30.08
CA LYS E 219 -9.96 -56.69 31.50
C LYS E 219 -8.67 -56.66 32.30
N VAL E 220 -8.57 -55.72 33.24
CA VAL E 220 -7.38 -55.55 34.05
C VAL E 220 -7.67 -56.15 35.42
N GLU E 221 -7.11 -57.34 35.68
CA GLU E 221 -7.29 -58.06 36.93
C GLU E 221 -5.97 -58.09 37.70
N PRO E 222 -6.02 -58.06 39.04
CA PRO E 222 -4.78 -58.11 39.82
C PRO E 222 -4.12 -59.50 39.79
N LYS F 2 9.45 -12.70 -24.95
CA LYS F 2 9.58 -12.93 -26.38
C LYS F 2 8.22 -12.97 -27.12
N VAL F 3 7.41 -14.02 -26.90
CA VAL F 3 6.17 -14.20 -27.65
C VAL F 3 5.08 -14.78 -26.75
N LEU F 4 3.87 -14.24 -26.90
CA LEU F 4 2.65 -14.75 -26.27
C LEU F 4 1.69 -15.20 -27.36
N VAL F 5 1.26 -16.46 -27.30
CA VAL F 5 0.40 -17.05 -28.31
C VAL F 5 -0.97 -17.34 -27.68
N GLN F 6 -2.02 -16.76 -28.27
CA GLN F 6 -3.37 -16.88 -27.76
C GLN F 6 -4.19 -17.86 -28.58
N SER F 7 -5.28 -18.35 -27.97
CA SER F 7 -6.13 -19.31 -28.65
C SER F 7 -7.00 -18.59 -29.70
N GLY F 8 -7.71 -19.40 -30.50
CA GLY F 8 -8.42 -18.86 -31.64
C GLY F 8 -9.73 -18.14 -31.28
N ALA F 9 -10.31 -17.53 -32.32
CA ALA F 9 -11.52 -16.74 -32.14
C ALA F 9 -12.67 -17.60 -31.63
N GLU F 10 -13.61 -16.96 -30.93
CA GLU F 10 -14.71 -17.64 -30.26
C GLU F 10 -16.01 -16.92 -30.54
N VAL F 11 -17.09 -17.70 -30.72
CA VAL F 11 -18.43 -17.16 -30.93
C VAL F 11 -19.35 -17.82 -29.92
N LYS F 12 -20.02 -17.00 -29.10
CA LYS F 12 -20.79 -17.48 -27.97
C LYS F 12 -22.16 -16.83 -27.96
N LYS F 13 -23.11 -17.53 -27.42
CA LYS F 13 -24.45 -17.01 -27.25
C LYS F 13 -24.55 -16.26 -25.92
N PRO F 14 -25.47 -15.30 -25.81
CA PRO F 14 -25.61 -14.55 -24.57
C PRO F 14 -25.85 -15.48 -23.38
N GLY F 15 -25.19 -15.20 -22.27
CA GLY F 15 -25.27 -16.02 -21.09
C GLY F 15 -24.31 -17.19 -21.06
N ALA F 16 -23.56 -17.43 -22.14
CA ALA F 16 -22.58 -18.51 -22.16
C ALA F 16 -21.26 -18.04 -21.57
N SER F 17 -20.27 -18.94 -21.58
CA SER F 17 -18.94 -18.67 -21.06
C SER F 17 -17.89 -18.98 -22.12
N VAL F 18 -16.77 -18.28 -22.06
CA VAL F 18 -15.64 -18.52 -22.95
C VAL F 18 -14.38 -18.66 -22.11
N LYS F 19 -13.48 -19.54 -22.56
CA LYS F 19 -12.18 -19.74 -21.93
C LYS F 19 -11.11 -19.46 -22.97
N VAL F 20 -10.45 -18.33 -22.82
CA VAL F 20 -9.31 -17.95 -23.67
C VAL F 20 -8.04 -18.43 -23.00
N SER F 21 -7.08 -18.88 -23.81
CA SER F 21 -5.80 -19.34 -23.30
C SER F 21 -4.66 -18.54 -23.95
N CYS F 22 -3.51 -18.55 -23.27
CA CYS F 22 -2.39 -17.70 -23.65
C CYS F 22 -1.11 -18.38 -23.20
N ARG F 23 -0.25 -18.76 -24.15
CA ARG F 23 0.96 -19.51 -23.86
C ARG F 23 2.19 -18.64 -24.08
N ALA F 24 3.17 -18.78 -23.18
CA ALA F 24 4.35 -17.93 -23.17
C ALA F 24 5.55 -18.66 -23.76
N PHE F 25 6.33 -17.95 -24.56
CA PHE F 25 7.54 -18.48 -25.18
C PHE F 25 8.68 -17.48 -25.02
N GLY F 26 9.89 -17.99 -24.82
CA GLY F 26 11.07 -17.16 -24.84
C GLY F 26 11.42 -16.48 -23.54
N TYR F 27 10.64 -16.69 -22.48
CA TYR F 27 11.00 -16.18 -21.17
C TYR F 27 10.40 -17.09 -20.11
N THR F 28 10.83 -16.88 -18.87
CA THR F 28 10.34 -17.66 -17.74
C THR F 28 8.90 -17.27 -17.44
N PHE F 29 7.98 -18.22 -17.65
CA PHE F 29 6.55 -17.96 -17.47
C PHE F 29 6.25 -17.44 -16.07
N THR F 30 6.93 -17.97 -15.05
CA THR F 30 6.65 -17.63 -13.67
C THR F 30 7.46 -16.44 -13.15
N GLY F 31 8.12 -15.69 -14.04
CA GLY F 31 8.88 -14.54 -13.65
C GLY F 31 8.22 -13.18 -13.84
N ASN F 32 7.02 -13.13 -14.42
CA ASN F 32 6.37 -11.85 -14.70
C ASN F 32 4.86 -12.01 -14.56
N PRO F 33 4.18 -11.00 -14.03
CA PRO F 33 2.71 -11.04 -14.03
C PRO F 33 2.18 -11.01 -15.45
N LEU F 34 0.96 -11.52 -15.61
CA LEU F 34 0.26 -11.45 -16.89
C LEU F 34 -1.02 -10.64 -16.70
N HIS F 35 -1.19 -9.62 -17.52
CA HIS F 35 -2.41 -8.83 -17.54
C HIS F 35 -3.41 -9.42 -18.54
N TRP F 36 -4.67 -9.08 -18.34
CA TRP F 36 -5.70 -9.37 -19.32
C TRP F 36 -6.41 -8.06 -19.65
N VAL F 37 -6.42 -7.71 -20.94
CA VAL F 37 -6.99 -6.46 -21.43
C VAL F 37 -7.85 -6.77 -22.62
N ARG F 38 -9.00 -6.12 -22.70
CA ARG F 38 -9.92 -6.32 -23.82
C ARG F 38 -10.21 -4.99 -24.50
N GLN F 39 -10.68 -5.10 -25.74
CA GLN F 39 -10.99 -3.93 -26.56
C GLN F 39 -12.24 -4.25 -27.37
N ALA F 40 -13.29 -3.46 -27.15
CA ALA F 40 -14.50 -3.60 -27.94
C ALA F 40 -14.30 -2.98 -29.33
N PRO F 41 -15.01 -3.49 -30.36
CA PRO F 41 -14.81 -2.98 -31.72
C PRO F 41 -14.92 -1.47 -31.77
N GLY F 42 -13.81 -0.86 -32.15
CA GLY F 42 -13.77 0.57 -32.24
C GLY F 42 -13.60 1.37 -30.96
N GLN F 43 -13.49 0.76 -29.77
CA GLN F 43 -13.22 1.60 -28.60
C GLN F 43 -11.78 1.41 -28.14
N GLY F 44 -11.54 1.91 -26.94
CA GLY F 44 -10.27 1.80 -26.26
C GLY F 44 -10.09 0.53 -25.46
N LEU F 45 -9.13 0.59 -24.56
CA LEU F 45 -8.69 -0.57 -23.79
C LEU F 45 -9.27 -0.58 -22.39
N GLU F 46 -9.57 -1.78 -21.91
CA GLU F 46 -10.17 -1.97 -20.59
C GLU F 46 -9.42 -3.07 -19.85
N TRP F 47 -8.93 -2.75 -18.65
CA TRP F 47 -8.15 -3.68 -17.86
C TRP F 47 -9.08 -4.63 -17.10
N LEU F 48 -8.78 -5.93 -17.18
CA LEU F 48 -9.58 -6.96 -16.53
C LEU F 48 -8.97 -7.47 -15.23
N GLY F 49 -7.66 -7.42 -15.09
CA GLY F 49 -7.00 -7.99 -13.93
C GLY F 49 -5.64 -8.55 -14.34
N TRP F 50 -4.91 -9.03 -13.34
CA TRP F 50 -3.62 -9.65 -13.61
C TRP F 50 -3.39 -10.80 -12.64
N ILE F 51 -2.46 -11.67 -13.00
CA ILE F 51 -2.22 -12.91 -12.28
C ILE F 51 -0.74 -13.08 -12.03
N ASN F 52 -0.40 -13.65 -10.88
CA ASN F 52 0.95 -14.10 -10.57
C ASN F 52 1.03 -15.57 -10.98
N PRO F 53 1.67 -15.87 -12.12
CA PRO F 53 1.64 -17.26 -12.62
C PRO F 53 2.33 -18.25 -11.70
N HIS F 54 3.29 -17.79 -10.89
CA HIS F 54 4.00 -18.71 -10.00
C HIS F 54 3.09 -19.16 -8.86
N SER F 55 2.40 -18.23 -8.22
CA SER F 55 1.55 -18.55 -7.08
C SER F 55 0.09 -18.76 -7.44
N GLY F 56 -0.35 -18.29 -8.61
CA GLY F 56 -1.75 -18.28 -8.96
C GLY F 56 -2.55 -17.14 -8.35
N ASP F 57 -1.93 -16.30 -7.53
CA ASP F 57 -2.63 -15.18 -6.95
C ASP F 57 -3.08 -14.21 -8.04
N THR F 58 -4.21 -13.56 -7.79
CA THR F 58 -4.85 -12.72 -8.79
C THR F 58 -5.42 -11.48 -8.11
N PHE F 59 -5.54 -10.41 -8.87
CA PHE F 59 -6.48 -9.35 -8.56
C PHE F 59 -7.31 -9.10 -9.81
N THR F 60 -8.62 -9.27 -9.66
CA THR F 60 -9.57 -9.05 -10.74
C THR F 60 -10.18 -7.65 -10.58
N SER F 61 -10.30 -6.93 -11.69
CA SER F 61 -10.84 -5.59 -11.62
C SER F 61 -12.26 -5.65 -11.05
N GLN F 62 -12.59 -4.65 -10.22
CA GLN F 62 -13.80 -4.73 -9.41
C GLN F 62 -15.05 -4.89 -10.27
N LYS F 63 -15.08 -4.21 -11.43
CA LYS F 63 -16.22 -4.33 -12.32
C LYS F 63 -16.49 -5.77 -12.74
N PHE F 64 -15.46 -6.62 -12.77
CA PHE F 64 -15.60 -7.98 -13.28
C PHE F 64 -15.48 -9.05 -12.20
N GLN F 65 -15.39 -8.66 -10.93
CA GLN F 65 -15.22 -9.64 -9.86
C GLN F 65 -16.44 -10.53 -9.75
N GLY F 66 -16.19 -11.84 -9.64
CA GLY F 66 -17.25 -12.83 -9.63
C GLY F 66 -17.73 -13.28 -10.99
N ARG F 67 -17.28 -12.63 -12.07
CA ARG F 67 -17.66 -13.00 -13.42
C ARG F 67 -16.49 -13.39 -14.31
N VAL F 68 -15.27 -12.98 -13.96
CA VAL F 68 -14.08 -13.24 -14.74
C VAL F 68 -13.06 -13.94 -13.86
N TYR F 69 -12.41 -14.96 -14.39
CA TYR F 69 -11.50 -15.79 -13.60
C TYR F 69 -10.20 -16.01 -14.37
N MET F 70 -9.09 -15.66 -13.73
CA MET F 70 -7.75 -15.92 -14.25
C MET F 70 -7.16 -17.13 -13.54
N THR F 71 -6.68 -18.09 -14.33
CA THR F 71 -5.99 -19.26 -13.79
C THR F 71 -4.76 -19.52 -14.66
N ARG F 72 -3.98 -20.53 -14.30
CA ARG F 72 -2.81 -20.85 -15.10
C ARG F 72 -2.42 -22.30 -14.89
N ASP F 73 -1.74 -22.85 -15.89
CA ASP F 73 -1.18 -24.20 -15.88
C ASP F 73 0.32 -24.07 -16.16
N LYS F 74 1.13 -24.14 -15.11
CA LYS F 74 2.57 -23.91 -15.27
C LYS F 74 3.24 -24.98 -16.11
N SER F 75 2.75 -26.21 -16.09
CA SER F 75 3.43 -27.28 -16.81
C SER F 75 3.48 -27.03 -18.31
N ILE F 76 2.65 -26.13 -18.84
CA ILE F 76 2.65 -25.83 -20.27
C ILE F 76 2.67 -24.33 -20.51
N ASN F 77 3.11 -23.58 -19.50
CA ASN F 77 3.37 -22.13 -19.63
C ASN F 77 2.16 -21.38 -20.19
N THR F 78 0.96 -21.81 -19.82
CA THR F 78 -0.27 -21.30 -20.38
C THR F 78 -1.12 -20.63 -19.31
N ALA F 79 -1.63 -19.44 -19.59
CA ALA F 79 -2.57 -18.74 -18.74
C ALA F 79 -3.97 -18.81 -19.33
N PHE F 80 -4.98 -18.79 -18.46
CA PHE F 80 -6.37 -18.90 -18.89
C PHE F 80 -7.19 -17.74 -18.36
N LEU F 81 -8.17 -17.32 -19.16
CA LEU F 81 -9.12 -16.28 -18.78
C LEU F 81 -10.53 -16.81 -19.04
N ASP F 82 -11.33 -16.87 -17.97
CA ASP F 82 -12.71 -17.32 -18.04
C ASP F 82 -13.60 -16.10 -17.90
N VAL F 83 -14.42 -15.84 -18.92
CA VAL F 83 -15.42 -14.79 -18.86
C VAL F 83 -16.78 -15.47 -18.93
N THR F 84 -17.55 -15.33 -17.86
CA THR F 84 -18.83 -16.01 -17.72
C THR F 84 -19.99 -15.03 -17.90
N ARG F 85 -21.18 -15.60 -18.09
CA ARG F 85 -22.43 -14.84 -18.20
C ARG F 85 -22.29 -13.71 -19.22
N LEU F 86 -21.87 -14.08 -20.42
CA LEU F 86 -21.53 -13.10 -21.45
C LEU F 86 -22.76 -12.36 -21.97
N THR F 87 -22.60 -11.07 -22.20
CA THR F 87 -23.55 -10.30 -22.98
C THR F 87 -22.83 -9.63 -24.14
N SER F 88 -23.60 -8.91 -24.96
CA SER F 88 -23.02 -8.21 -26.11
C SER F 88 -21.98 -7.19 -25.69
N ASP F 89 -22.04 -6.70 -24.45
CA ASP F 89 -21.04 -5.77 -23.95
C ASP F 89 -19.66 -6.39 -23.82
N ASP F 90 -19.53 -7.71 -23.98
CA ASP F 90 -18.26 -8.40 -23.87
C ASP F 90 -17.66 -8.76 -25.23
N THR F 91 -18.32 -8.40 -26.32
CA THR F 91 -17.76 -8.64 -27.65
C THR F 91 -16.54 -7.77 -27.88
N GLY F 92 -15.45 -8.38 -28.33
CA GLY F 92 -14.24 -7.64 -28.59
C GLY F 92 -13.03 -8.56 -28.65
N ILE F 93 -11.86 -7.95 -28.64
CA ILE F 93 -10.60 -8.67 -28.70
C ILE F 93 -10.00 -8.72 -27.30
N TYR F 94 -9.57 -9.90 -26.88
CA TYR F 94 -9.02 -10.10 -25.55
C TYR F 94 -7.52 -10.37 -25.67
N TYR F 95 -6.72 -9.57 -24.97
CA TYR F 95 -5.27 -9.68 -25.01
C TYR F 95 -4.75 -10.16 -23.67
N CYS F 96 -3.69 -10.97 -23.72
CA CYS F 96 -2.84 -11.19 -22.56
C CYS F 96 -1.58 -10.37 -22.76
N ALA F 97 -1.04 -9.83 -21.67
CA ALA F 97 0.12 -8.96 -21.78
C ALA F 97 1.02 -9.15 -20.58
N ARG F 98 2.31 -9.34 -20.85
CA ARG F 98 3.29 -9.48 -19.80
C ARG F 98 3.69 -8.10 -19.28
N ASP F 99 3.93 -8.01 -17.98
CA ASP F 99 4.43 -6.80 -17.37
C ASP F 99 5.93 -6.94 -17.08
N LYS F 100 6.69 -5.87 -17.34
CA LYS F 100 8.11 -5.90 -17.04
C LYS F 100 8.36 -6.11 -15.55
N TYR F 101 7.54 -5.49 -14.70
CA TYR F 101 7.52 -5.72 -13.27
C TYR F 101 8.87 -5.43 -12.61
N TYR F 102 9.55 -4.38 -13.05
CA TYR F 102 10.76 -3.96 -12.36
C TYR F 102 10.42 -3.49 -10.96
N GLY F 103 11.27 -3.85 -10.00
CA GLY F 103 11.03 -3.47 -8.62
C GLY F 103 9.84 -4.14 -7.98
N ASN F 104 9.41 -5.30 -8.50
CA ASN F 104 8.30 -6.08 -7.94
C ASN F 104 7.02 -5.25 -7.89
N GLU F 105 6.70 -4.64 -9.03
CA GLU F 105 5.74 -3.56 -9.06
C GLU F 105 5.40 -3.29 -10.52
N ALA F 106 4.15 -2.91 -10.78
CA ALA F 106 3.70 -2.71 -12.16
C ALA F 106 4.50 -1.60 -12.83
N VAL F 107 4.88 -1.83 -14.09
CA VAL F 107 5.78 -0.91 -14.79
C VAL F 107 5.23 -0.62 -16.19
N GLY F 108 4.84 -1.67 -16.90
CA GLY F 108 4.34 -1.50 -18.25
C GLY F 108 4.17 -2.82 -18.97
N MET F 109 3.27 -2.86 -19.94
CA MET F 109 2.91 -4.11 -20.61
C MET F 109 3.87 -4.34 -21.77
N ASP F 110 4.80 -5.25 -21.54
CA ASP F 110 5.98 -5.49 -22.36
C ASP F 110 5.65 -6.27 -23.63
N VAL F 111 5.04 -7.43 -23.45
CA VAL F 111 4.80 -8.39 -24.52
C VAL F 111 3.31 -8.65 -24.56
N TRP F 112 2.73 -8.61 -25.75
CA TRP F 112 1.31 -8.83 -25.94
C TRP F 112 1.08 -10.06 -26.81
N GLY F 113 -0.03 -10.73 -26.56
CA GLY F 113 -0.47 -11.76 -27.47
C GLY F 113 -1.12 -11.14 -28.69
N GLN F 114 -1.35 -11.98 -29.71
CA GLN F 114 -2.01 -11.49 -30.92
C GLN F 114 -3.46 -11.09 -30.67
N GLY F 115 -4.04 -11.52 -29.56
CA GLY F 115 -5.42 -11.21 -29.25
C GLY F 115 -6.35 -12.33 -29.65
N THR F 116 -7.45 -12.46 -28.92
CA THR F 116 -8.49 -13.44 -29.21
C THR F 116 -9.80 -12.71 -29.37
N SER F 117 -10.47 -12.93 -30.51
CA SER F 117 -11.75 -12.28 -30.77
C SER F 117 -12.87 -13.07 -30.12
N VAL F 118 -13.75 -12.37 -29.42
CA VAL F 118 -14.91 -12.98 -28.79
C VAL F 118 -16.15 -12.25 -29.27
N THR F 119 -17.03 -12.95 -29.95
CA THR F 119 -18.30 -12.39 -30.41
C THR F 119 -19.42 -13.01 -29.61
N VAL F 120 -20.22 -12.17 -28.97
CA VAL F 120 -21.39 -12.59 -28.20
C VAL F 120 -22.61 -12.18 -29.00
N SER F 121 -23.38 -13.16 -29.46
CA SER F 121 -24.53 -12.86 -30.31
C SER F 121 -25.46 -14.07 -30.37
N SER F 122 -26.74 -13.78 -30.62
CA SER F 122 -27.75 -14.80 -30.82
C SER F 122 -27.75 -15.37 -32.24
N ALA F 123 -27.07 -14.71 -33.17
CA ALA F 123 -27.08 -15.13 -34.56
C ALA F 123 -26.57 -16.56 -34.71
N SER F 124 -27.06 -17.23 -35.74
CA SER F 124 -26.62 -18.56 -36.11
C SER F 124 -25.65 -18.49 -37.28
N THR F 125 -24.79 -19.51 -37.39
CA THR F 125 -23.81 -19.56 -38.46
C THR F 125 -24.51 -19.52 -39.83
N LYS F 126 -24.15 -18.52 -40.64
CA LYS F 126 -24.76 -18.31 -41.94
C LYS F 126 -23.68 -18.05 -42.99
N GLY F 127 -23.71 -18.83 -44.07
CA GLY F 127 -22.83 -18.59 -45.19
C GLY F 127 -23.22 -17.36 -45.98
N PRO F 128 -22.23 -16.64 -46.50
CA PRO F 128 -22.51 -15.39 -47.22
C PRO F 128 -23.04 -15.64 -48.63
N SER F 129 -23.87 -14.70 -49.08
CA SER F 129 -24.28 -14.62 -50.47
C SER F 129 -23.39 -13.61 -51.19
N VAL F 130 -22.84 -14.01 -52.34
CA VAL F 130 -21.91 -13.18 -53.08
C VAL F 130 -22.60 -12.69 -54.36
N PHE F 131 -22.63 -11.37 -54.54
CA PHE F 131 -23.25 -10.77 -55.70
C PHE F 131 -22.26 -9.88 -56.43
N PRO F 132 -22.22 -9.93 -57.76
CA PRO F 132 -21.29 -9.08 -58.50
C PRO F 132 -21.77 -7.63 -58.53
N LEU F 133 -20.82 -6.71 -58.36
CA LEU F 133 -21.06 -5.29 -58.57
C LEU F 133 -20.43 -4.91 -59.91
N ALA F 134 -21.16 -5.22 -60.97
CA ALA F 134 -20.70 -4.90 -62.32
C ALA F 134 -20.79 -3.39 -62.56
N PRO F 135 -19.86 -2.84 -63.36
CA PRO F 135 -19.79 -1.42 -63.76
C PRO F 135 -21.15 -0.77 -64.04
N THR F 144 -13.38 5.54 -64.68
CA THR F 144 -12.18 4.81 -65.08
C THR F 144 -12.27 3.34 -64.70
N ALA F 145 -13.46 2.76 -64.85
CA ALA F 145 -13.74 1.34 -64.62
C ALA F 145 -13.55 0.91 -63.17
N ALA F 146 -14.66 0.69 -62.47
CA ALA F 146 -14.62 0.17 -61.11
C ALA F 146 -15.67 -0.92 -60.96
N LEU F 147 -15.24 -2.07 -60.43
CA LEU F 147 -16.12 -3.22 -60.22
C LEU F 147 -15.86 -3.77 -58.82
N GLY F 148 -16.69 -4.74 -58.41
CA GLY F 148 -16.52 -5.25 -57.07
C GLY F 148 -17.41 -6.44 -56.78
N CYS F 149 -17.31 -6.92 -55.54
CA CYS F 149 -18.12 -8.01 -55.03
C CYS F 149 -18.88 -7.56 -53.79
N LEU F 150 -20.09 -8.07 -53.64
CA LEU F 150 -20.93 -7.79 -52.47
C LEU F 150 -21.08 -9.09 -51.67
N VAL F 151 -20.50 -9.12 -50.49
CA VAL F 151 -20.60 -10.26 -49.57
C VAL F 151 -21.64 -9.89 -48.52
N LYS F 152 -22.79 -10.59 -48.53
CA LYS F 152 -23.96 -10.13 -47.78
C LYS F 152 -24.53 -11.25 -46.91
N ASP F 153 -24.94 -10.87 -45.69
CA ASP F 153 -25.76 -11.69 -44.80
C ASP F 153 -25.02 -12.95 -44.36
N TYR F 154 -23.92 -12.76 -43.65
CA TYR F 154 -23.14 -13.86 -43.13
C TYR F 154 -22.90 -13.66 -41.64
N PHE F 155 -22.57 -14.77 -40.97
CA PHE F 155 -22.25 -14.76 -39.56
C PHE F 155 -21.52 -16.05 -39.23
N PRO F 156 -20.44 -15.99 -38.44
CA PRO F 156 -19.85 -14.79 -37.83
C PRO F 156 -18.71 -14.27 -38.67
N GLU F 157 -18.03 -13.23 -38.20
CA GLU F 157 -16.81 -12.77 -38.82
C GLU F 157 -15.72 -13.83 -38.67
N PRO F 158 -14.72 -13.83 -39.55
CA PRO F 158 -14.51 -12.94 -40.68
C PRO F 158 -14.73 -13.60 -42.03
N VAL F 159 -14.56 -12.83 -43.10
CA VAL F 159 -14.46 -13.35 -44.45
C VAL F 159 -13.20 -12.76 -45.09
N THR F 160 -12.56 -13.56 -45.93
CA THR F 160 -11.44 -13.09 -46.74
C THR F 160 -11.88 -13.00 -48.20
N VAL F 161 -11.36 -11.99 -48.89
CA VAL F 161 -11.78 -11.78 -50.27
C VAL F 161 -10.71 -12.26 -51.23
N SER F 162 -9.76 -11.39 -51.56
CA SER F 162 -8.74 -11.62 -52.58
C SER F 162 -9.35 -11.66 -53.98
N TRP F 163 -8.61 -11.13 -54.96
CA TRP F 163 -9.07 -11.01 -56.34
C TRP F 163 -8.12 -11.76 -57.26
N ASN F 164 -8.69 -12.51 -58.19
CA ASN F 164 -7.93 -13.36 -59.11
C ASN F 164 -6.88 -14.17 -58.35
N SER F 165 -7.34 -14.82 -57.27
CA SER F 165 -6.52 -15.72 -56.45
C SER F 165 -5.23 -15.07 -55.94
N GLY F 166 -5.24 -13.75 -55.73
CA GLY F 166 -4.12 -13.07 -55.13
C GLY F 166 -3.23 -12.28 -56.08
N ALA F 167 -3.43 -12.41 -57.39
CA ALA F 167 -2.61 -11.66 -58.33
C ALA F 167 -2.98 -10.18 -58.30
N LEU F 168 -4.28 -9.88 -58.36
CA LEU F 168 -4.78 -8.51 -58.41
C LEU F 168 -4.88 -7.95 -57.00
N THR F 169 -4.06 -6.92 -56.69
CA THR F 169 -4.01 -6.39 -55.34
C THR F 169 -3.88 -4.86 -55.24
N SER F 170 -3.75 -4.13 -56.36
CA SER F 170 -3.34 -2.73 -56.26
C SER F 170 -4.47 -1.83 -55.80
N GLY F 171 -5.43 -1.55 -56.67
CA GLY F 171 -6.50 -0.65 -56.33
C GLY F 171 -7.66 -1.31 -55.64
N VAL F 172 -7.36 -2.30 -54.79
CA VAL F 172 -8.38 -3.09 -54.10
C VAL F 172 -8.72 -2.43 -52.78
N HIS F 173 -10.02 -2.37 -52.48
CA HIS F 173 -10.51 -1.85 -51.20
C HIS F 173 -11.56 -2.82 -50.69
N THR F 174 -11.23 -3.59 -49.65
CA THR F 174 -12.20 -4.41 -48.96
C THR F 174 -12.68 -3.68 -47.73
N PHE F 175 -13.96 -3.44 -47.66
CA PHE F 175 -14.47 -2.57 -46.61
C PHE F 175 -14.72 -3.36 -45.32
N PRO F 176 -14.62 -2.69 -44.18
CA PRO F 176 -15.02 -3.31 -42.91
C PRO F 176 -16.47 -3.73 -42.96
N ALA F 177 -16.75 -4.94 -42.47
CA ALA F 177 -18.11 -5.44 -42.43
C ALA F 177 -18.98 -4.53 -41.56
N VAL F 178 -20.28 -4.48 -41.89
CA VAL F 178 -21.26 -3.77 -41.10
C VAL F 178 -22.25 -4.78 -40.55
N LEU F 179 -22.65 -4.59 -39.30
CA LEU F 179 -23.61 -5.46 -38.64
C LEU F 179 -25.00 -4.88 -38.84
N GLN F 180 -25.87 -5.63 -39.52
CA GLN F 180 -27.23 -5.16 -39.73
C GLN F 180 -28.11 -5.56 -38.53
N SER F 181 -29.38 -5.14 -38.58
CA SER F 181 -30.32 -5.46 -37.51
C SER F 181 -30.65 -6.94 -37.44
N SER F 182 -30.54 -7.67 -38.55
CA SER F 182 -30.75 -9.11 -38.54
C SER F 182 -29.71 -9.87 -37.74
N GLY F 183 -28.72 -9.18 -37.16
CA GLY F 183 -27.59 -9.82 -36.52
C GLY F 183 -26.55 -10.40 -37.46
N LEU F 184 -26.68 -10.15 -38.76
CA LEU F 184 -25.78 -10.68 -39.76
C LEU F 184 -24.85 -9.58 -40.28
N TYR F 185 -23.71 -10.01 -40.81
CA TYR F 185 -22.72 -9.08 -41.34
C TYR F 185 -22.84 -8.99 -42.86
N SER F 186 -22.28 -7.92 -43.39
CA SER F 186 -22.26 -7.73 -44.83
C SER F 186 -21.20 -6.69 -45.17
N LEU F 187 -20.44 -6.95 -46.23
CA LEU F 187 -19.39 -6.02 -46.66
C LEU F 187 -19.30 -6.03 -48.17
N SER F 188 -18.45 -5.15 -48.70
CA SER F 188 -18.19 -5.02 -50.13
C SER F 188 -16.69 -4.95 -50.37
N SER F 189 -16.24 -5.60 -51.44
CA SER F 189 -14.87 -5.50 -51.92
C SER F 189 -14.90 -4.96 -53.34
N VAL F 190 -14.09 -3.94 -53.61
CA VAL F 190 -14.11 -3.24 -54.88
C VAL F 190 -12.69 -3.11 -55.42
N VAL F 191 -12.59 -2.94 -56.74
CA VAL F 191 -11.31 -2.69 -57.40
C VAL F 191 -11.49 -1.67 -58.51
N THR F 192 -10.43 -0.89 -58.75
CA THR F 192 -10.36 0.04 -59.88
C THR F 192 -9.42 -0.54 -60.92
N VAL F 193 -9.94 -0.73 -62.12
CA VAL F 193 -9.21 -1.41 -63.20
C VAL F 193 -9.06 -0.45 -64.38
N PRO F 194 -8.20 -0.73 -65.36
CA PRO F 194 -8.10 0.16 -66.52
C PRO F 194 -9.44 0.41 -67.17
N SER F 195 -9.68 1.68 -67.52
CA SER F 195 -10.94 2.15 -68.08
C SER F 195 -11.57 1.12 -69.01
N SER F 196 -10.76 0.37 -69.77
CA SER F 196 -11.26 -0.84 -70.41
C SER F 196 -10.19 -1.93 -70.48
N SER F 197 -10.39 -2.99 -69.69
CA SER F 197 -9.85 -4.32 -69.90
C SER F 197 -11.05 -5.26 -69.98
N LEU F 198 -12.23 -4.68 -69.97
CA LEU F 198 -13.38 -5.44 -69.51
C LEU F 198 -13.94 -6.40 -70.56
N GLY F 199 -13.12 -6.76 -71.53
CA GLY F 199 -13.46 -7.74 -72.54
C GLY F 199 -12.37 -8.77 -72.65
N THR F 200 -11.12 -8.37 -72.34
CA THR F 200 -10.00 -9.30 -72.30
C THR F 200 -9.79 -9.92 -70.92
N GLN F 201 -9.64 -9.08 -69.89
CA GLN F 201 -9.29 -9.59 -68.56
C GLN F 201 -10.53 -10.04 -67.81
N THR F 202 -10.46 -11.21 -67.21
CA THR F 202 -11.55 -11.76 -66.42
C THR F 202 -11.26 -11.52 -64.95
N TYR F 203 -12.19 -10.84 -64.28
CA TYR F 203 -12.03 -10.51 -62.87
C TYR F 203 -12.90 -11.43 -62.02
N ILE F 204 -12.28 -12.15 -61.10
CA ILE F 204 -12.97 -13.07 -60.21
C ILE F 204 -12.60 -12.74 -58.77
N CYS F 205 -13.60 -12.41 -57.96
CA CYS F 205 -13.39 -12.27 -56.52
C CYS F 205 -13.59 -13.63 -55.87
N ASN F 206 -12.67 -13.98 -54.98
CA ASN F 206 -12.81 -15.16 -54.15
C ASN F 206 -13.40 -14.75 -52.81
N VAL F 207 -14.15 -15.67 -52.20
CA VAL F 207 -14.77 -15.39 -50.91
C VAL F 207 -14.64 -16.64 -50.06
N ASN F 208 -14.01 -16.51 -48.88
CA ASN F 208 -13.74 -17.63 -47.98
C ASN F 208 -14.33 -17.36 -46.60
N HIS F 209 -15.24 -18.22 -46.16
CA HIS F 209 -15.82 -18.22 -44.82
C HIS F 209 -15.75 -19.62 -44.20
N LYS F 210 -14.65 -19.91 -43.46
CA LYS F 210 -14.52 -21.22 -42.80
C LYS F 210 -15.61 -21.50 -41.75
N PRO F 211 -16.11 -20.50 -40.92
CA PRO F 211 -17.16 -20.79 -39.94
C PRO F 211 -18.33 -21.49 -40.61
N SER F 212 -18.49 -21.33 -41.93
CA SER F 212 -19.53 -22.02 -42.70
C SER F 212 -18.99 -23.01 -43.72
N ASN F 213 -17.66 -23.10 -43.89
CA ASN F 213 -17.05 -23.87 -44.99
C ASN F 213 -17.68 -23.47 -46.33
N THR F 214 -17.59 -22.18 -46.63
CA THR F 214 -18.18 -21.60 -47.83
C THR F 214 -17.10 -20.90 -48.62
N LYS F 215 -16.74 -21.44 -49.79
CA LYS F 215 -15.89 -20.73 -50.74
C LYS F 215 -16.62 -20.56 -52.06
N VAL F 216 -16.60 -19.34 -52.58
CA VAL F 216 -17.32 -18.94 -53.79
C VAL F 216 -16.40 -18.07 -54.63
N ASP F 217 -16.33 -18.36 -55.93
CA ASP F 217 -15.57 -17.55 -56.88
C ASP F 217 -16.54 -16.93 -57.87
N LYS F 218 -16.93 -15.69 -57.65
CA LYS F 218 -17.86 -15.00 -58.53
C LYS F 218 -17.07 -14.23 -59.59
N LYS F 219 -17.31 -14.56 -60.86
CA LYS F 219 -16.72 -13.79 -61.95
C LYS F 219 -17.56 -12.56 -62.19
N VAL F 220 -16.93 -11.40 -62.16
CA VAL F 220 -17.62 -10.12 -62.31
C VAL F 220 -17.43 -9.69 -63.76
N GLU F 221 -18.49 -9.87 -64.57
CA GLU F 221 -18.51 -9.54 -65.98
C GLU F 221 -19.47 -8.38 -66.25
N PRO F 222 -19.14 -7.49 -67.21
CA PRO F 222 -19.99 -6.34 -67.56
C PRO F 222 -21.25 -6.74 -68.32
N ASP G 1 14.72 -13.13 6.84
CA ASP G 1 15.86 -12.36 7.30
C ASP G 1 16.00 -12.39 8.82
N ILE G 2 16.85 -11.49 9.33
CA ILE G 2 17.26 -11.49 10.73
C ILE G 2 17.91 -10.15 11.01
N GLN G 3 17.17 -9.26 11.66
CA GLN G 3 17.55 -7.86 11.74
C GLN G 3 18.43 -7.57 12.97
N LEU G 4 19.27 -6.55 12.82
CA LEU G 4 20.13 -6.06 13.90
C LEU G 4 19.76 -4.60 14.18
N THR G 5 19.43 -4.31 15.43
CA THR G 5 19.09 -2.96 15.84
C THR G 5 20.26 -2.35 16.60
N GLN G 6 20.71 -1.20 16.15
CA GLN G 6 21.81 -0.48 16.78
C GLN G 6 21.27 0.70 17.58
N SER G 7 21.81 0.87 18.79
CA SER G 7 21.33 1.88 19.69
C SER G 7 22.56 2.54 20.32
N PRO G 8 22.61 3.88 20.34
CA PRO G 8 21.69 4.81 19.71
C PRO G 8 22.03 4.97 18.24
N SER G 9 21.23 5.68 17.45
CA SER G 9 21.58 5.88 16.05
C SER G 9 22.53 7.05 15.89
N PHE G 10 22.33 8.11 16.69
CA PHE G 10 23.20 9.27 16.68
C PHE G 10 23.75 9.48 18.09
N LEU G 11 25.02 9.85 18.16
CA LEU G 11 25.68 10.01 19.44
C LEU G 11 26.67 11.16 19.34
N SER G 12 26.56 12.10 20.27
CA SER G 12 27.50 13.20 20.35
C SER G 12 28.36 12.98 21.59
N ALA G 13 29.67 13.12 21.41
CA ALA G 13 30.62 12.97 22.50
C ALA G 13 31.89 13.71 22.09
N SER G 14 32.60 14.19 23.09
CA SER G 14 33.82 14.95 22.83
C SER G 14 35.03 14.03 22.94
N VAL G 15 36.16 14.54 22.43
CA VAL G 15 37.38 13.75 22.42
C VAL G 15 37.76 13.38 23.85
N GLY G 16 38.21 12.14 24.02
CA GLY G 16 38.59 11.64 25.33
C GLY G 16 37.48 10.97 26.11
N ASP G 17 36.25 10.99 25.60
CA ASP G 17 35.14 10.34 26.28
C ASP G 17 35.18 8.83 26.05
N LYS G 18 34.75 8.09 27.07
CA LYS G 18 34.46 6.67 26.95
C LYS G 18 33.02 6.49 26.49
N VAL G 19 32.82 5.71 25.44
CA VAL G 19 31.52 5.59 24.79
C VAL G 19 31.25 4.12 24.48
N THR G 20 29.97 3.74 24.50
CA THR G 20 29.59 2.35 24.28
C THR G 20 28.40 2.28 23.34
N ILE G 21 28.55 1.47 22.28
CA ILE G 21 27.53 1.27 21.26
C ILE G 21 26.91 -0.10 21.49
N THR G 22 25.62 -0.23 21.19
CA THR G 22 24.89 -1.47 21.44
C THR G 22 24.30 -1.99 20.14
N CYS G 23 24.45 -3.28 19.90
CA CYS G 23 23.83 -3.98 18.79
C CYS G 23 22.97 -5.09 19.37
N ARG G 24 21.67 -5.09 19.05
CA ARG G 24 20.76 -6.13 19.47
C ARG G 24 20.26 -6.92 18.27
N ALA G 25 20.33 -8.24 18.37
CA ALA G 25 19.99 -9.13 17.26
C ALA G 25 18.61 -9.71 17.46
N SER G 26 17.78 -9.65 16.42
CA SER G 26 16.43 -10.24 16.45
C SER G 26 16.45 -11.71 16.82
N GLN G 27 17.56 -12.41 16.60
CA GLN G 27 17.67 -13.83 16.86
C GLN G 27 19.07 -14.12 17.36
N GLY G 28 19.24 -15.30 17.94
CA GLY G 28 20.52 -15.69 18.48
C GLY G 28 21.57 -15.81 17.39
N VAL G 29 22.67 -15.08 17.52
CA VAL G 29 23.82 -15.23 16.64
C VAL G 29 25.03 -15.50 17.52
N ARG G 30 25.20 -16.75 17.94
CA ARG G 30 26.24 -17.09 18.90
C ARG G 30 27.58 -16.65 18.34
N ASN G 31 28.11 -15.54 18.85
CA ASN G 31 29.51 -15.09 18.67
C ASN G 31 29.82 -14.63 17.24
N GLU G 32 28.98 -14.98 16.26
CA GLU G 32 29.31 -14.75 14.84
C GLU G 32 28.86 -13.36 14.41
N LEU G 33 29.61 -12.36 14.88
CA LEU G 33 29.25 -10.96 14.71
C LEU G 33 30.51 -10.13 14.48
N ALA G 34 30.41 -9.10 13.64
CA ALA G 34 31.53 -8.23 13.35
C ALA G 34 31.12 -6.77 13.46
N TRP G 35 32.10 -5.90 13.77
CA TRP G 35 31.91 -4.47 13.88
C TRP G 35 32.76 -3.76 12.85
N TYR G 36 32.18 -2.73 12.21
CA TYR G 36 32.87 -1.96 11.18
C TYR G 36 32.81 -0.48 11.52
N GLN G 37 33.79 0.26 11.01
CA GLN G 37 33.83 1.71 11.13
C GLN G 37 33.93 2.29 9.72
N GLN G 38 33.04 3.23 9.41
CA GLN G 38 33.02 3.89 8.10
C GLN G 38 32.95 5.38 8.29
N LYS G 39 33.91 6.09 7.77
CA LYS G 39 34.00 7.54 7.63
C LYS G 39 33.40 7.95 6.29
N PRO G 40 32.82 9.15 6.21
CA PRO G 40 32.16 9.56 4.96
C PRO G 40 33.17 9.59 3.82
N GLY G 41 32.74 9.05 2.68
CA GLY G 41 33.62 8.91 1.53
C GLY G 41 34.39 7.60 1.42
N LYS G 42 34.44 6.77 2.46
CA LYS G 42 35.24 5.56 2.40
C LYS G 42 34.35 4.32 2.36
N ALA G 43 35.02 3.20 2.08
CA ALA G 43 34.50 1.88 2.33
C ALA G 43 34.63 1.59 3.82
N PRO G 44 33.77 0.74 4.38
CA PRO G 44 33.91 0.39 5.79
C PRO G 44 35.27 -0.26 6.08
N ASN G 45 35.63 -0.24 7.36
CA ASN G 45 36.85 -0.88 7.85
C ASN G 45 36.51 -1.84 8.98
N LEU G 46 37.10 -3.02 8.95
CA LEU G 46 36.82 -4.03 9.96
C LEU G 46 37.52 -3.70 11.27
N LEU G 47 36.78 -3.72 12.37
CA LEU G 47 37.33 -3.51 13.70
C LEU G 47 37.35 -4.78 14.55
N ILE G 48 36.21 -5.46 14.62
CA ILE G 48 36.01 -6.59 15.52
C ILE G 48 35.41 -7.74 14.75
N TYR G 49 35.88 -8.95 15.03
CA TYR G 49 35.21 -10.16 14.57
C TYR G 49 35.18 -11.17 15.71
N TYR G 50 34.40 -12.23 15.53
CA TYR G 50 34.06 -13.16 16.60
C TYR G 50 33.52 -12.42 17.82
N ALA G 51 32.82 -11.31 17.57
CA ALA G 51 32.15 -10.50 18.58
C ALA G 51 33.11 -9.77 19.51
N SER G 52 34.38 -10.17 19.56
CA SER G 52 35.29 -9.58 20.53
C SER G 52 36.75 -9.57 20.13
N THR G 53 37.13 -10.14 18.99
CA THR G 53 38.54 -10.20 18.62
C THR G 53 38.89 -9.01 17.75
N LEU G 54 39.92 -8.27 18.15
CA LEU G 54 40.33 -7.10 17.39
C LEU G 54 40.99 -7.52 16.09
N GLN G 55 40.65 -6.83 15.02
CA GLN G 55 41.34 -7.05 13.77
C GLN G 55 42.73 -6.41 13.85
N SER G 56 43.69 -7.04 13.19
CA SER G 56 45.06 -6.53 13.14
C SER G 56 45.09 -5.05 12.79
N GLY G 57 45.88 -4.29 13.56
CA GLY G 57 46.02 -2.86 13.34
C GLY G 57 44.99 -1.99 14.04
N VAL G 58 44.05 -2.58 14.78
CA VAL G 58 43.03 -1.79 15.48
C VAL G 58 43.60 -1.37 16.83
N PRO G 59 43.59 -0.07 17.16
CA PRO G 59 44.15 0.37 18.43
C PRO G 59 43.47 -0.27 19.62
N SER G 60 44.23 -0.45 20.70
CA SER G 60 43.74 -1.19 21.87
C SER G 60 42.56 -0.50 22.54
N ARG G 61 42.35 0.80 22.29
CA ARG G 61 41.22 1.46 22.91
C ARG G 61 39.89 0.87 22.47
N PHE G 62 39.86 0.22 21.30
CA PHE G 62 38.67 -0.47 20.84
C PHE G 62 38.54 -1.84 21.52
N SER G 63 37.32 -2.15 21.97
CA SER G 63 37.03 -3.45 22.54
C SER G 63 35.54 -3.71 22.36
N ALA G 64 35.17 -4.99 22.41
CA ALA G 64 33.77 -5.38 22.19
C ALA G 64 33.50 -6.69 22.92
N THR G 65 32.24 -6.86 23.29
CA THR G 65 31.77 -8.10 23.88
C THR G 65 30.34 -8.34 23.42
N GLY G 66 29.82 -9.53 23.74
CA GLY G 66 28.46 -9.83 23.34
C GLY G 66 28.14 -11.30 23.26
N SER G 67 26.91 -11.64 23.66
CA SER G 67 26.46 -13.03 23.85
C SER G 67 25.10 -13.18 23.19
N GLY G 68 25.06 -13.94 22.10
CA GLY G 68 23.81 -14.37 21.52
C GLY G 68 23.01 -13.30 20.81
N THR G 69 22.35 -12.42 21.57
CA THR G 69 21.53 -11.37 20.99
C THR G 69 21.87 -9.96 21.45
N HIS G 70 22.78 -9.80 22.41
CA HIS G 70 23.16 -8.49 22.92
C HIS G 70 24.67 -8.31 22.77
N PHE G 71 25.07 -7.31 21.98
CA PHE G 71 26.47 -7.03 21.71
C PHE G 71 26.76 -5.56 21.94
N THR G 72 27.96 -5.26 22.43
CA THR G 72 28.40 -3.88 22.67
C THR G 72 29.80 -3.67 22.16
N LEU G 73 30.05 -2.47 21.64
CA LEU G 73 31.39 -2.02 21.26
C LEU G 73 31.74 -0.78 22.09
N THR G 74 33.00 -0.68 22.51
CA THR G 74 33.41 0.38 23.42
C THR G 74 34.74 0.97 22.98
N VAL G 75 34.84 2.30 23.05
CA VAL G 75 36.11 3.00 22.92
C VAL G 75 36.42 3.64 24.27
N SER G 76 37.60 3.31 24.82
CA SER G 76 37.97 3.79 26.15
C SER G 76 38.12 5.31 26.18
N SER G 77 38.72 5.88 25.12
CA SER G 77 38.89 7.32 25.05
C SER G 77 38.87 7.70 23.58
N LEU G 78 37.81 8.41 23.17
CA LEU G 78 37.63 8.75 21.77
C LEU G 78 38.77 9.61 21.27
N GLN G 79 39.05 9.52 19.98
CA GLN G 79 40.07 10.30 19.31
C GLN G 79 39.46 10.90 18.05
N PRO G 80 40.09 11.94 17.48
CA PRO G 80 39.55 12.52 16.25
C PRO G 80 39.27 11.49 15.17
N GLU G 81 40.15 10.49 15.03
CA GLU G 81 39.99 9.47 14.02
C GLU G 81 38.84 8.52 14.30
N ASP G 82 38.42 8.39 15.56
CA ASP G 82 37.34 7.46 15.89
C ASP G 82 35.96 7.98 15.55
N PHE G 83 35.83 9.22 15.10
CA PHE G 83 34.52 9.82 14.86
C PHE G 83 34.08 9.46 13.45
N ALA G 84 33.07 8.60 13.36
CA ALA G 84 32.62 7.99 12.12
C ALA G 84 31.33 7.24 12.44
N THR G 85 30.85 6.46 11.47
CA THR G 85 29.66 5.64 11.63
C THR G 85 30.05 4.17 11.77
N TYR G 86 29.44 3.49 12.73
CA TYR G 86 29.78 2.13 13.10
C TYR G 86 28.63 1.19 12.77
N PHE G 87 28.94 0.05 12.15
CA PHE G 87 27.95 -0.95 11.77
C PHE G 87 28.30 -2.28 12.42
N CYS G 88 27.28 -2.97 12.93
CA CYS G 88 27.46 -4.38 13.25
C CYS G 88 26.99 -5.24 12.08
N GLN G 89 27.50 -6.45 12.04
CA GLN G 89 27.12 -7.40 11.00
C GLN G 89 27.15 -8.81 11.60
N HIS G 90 26.15 -9.61 11.26
CA HIS G 90 26.13 -11.01 11.63
C HIS G 90 26.38 -11.85 10.38
N MET G 91 26.82 -13.08 10.59
CA MET G 91 27.00 -14.03 9.50
C MET G 91 26.53 -15.42 9.90
N SER G 92 25.42 -15.47 10.63
CA SER G 92 24.94 -16.73 11.17
C SER G 92 24.00 -17.46 10.22
N SER G 93 23.40 -16.75 9.27
CA SER G 93 22.52 -17.36 8.28
C SER G 93 22.32 -16.38 7.14
N TYR G 94 21.81 -16.88 6.03
CA TYR G 94 21.59 -16.01 4.89
C TYR G 94 20.26 -15.29 5.02
N PRO G 95 20.19 -14.01 4.66
CA PRO G 95 21.29 -13.17 4.14
C PRO G 95 22.10 -12.56 5.27
N LEU G 96 23.37 -12.25 5.01
CA LEU G 96 24.13 -11.44 5.95
C LEU G 96 23.45 -10.09 6.10
N THR G 97 23.42 -9.59 7.32
CA THR G 97 22.68 -8.38 7.62
C THR G 97 23.53 -7.43 8.46
N PHE G 98 23.46 -6.14 8.13
CA PHE G 98 24.13 -5.12 8.91
C PHE G 98 23.13 -4.39 9.79
N GLY G 99 23.63 -3.84 10.89
CA GLY G 99 22.83 -2.92 11.67
C GLY G 99 22.61 -1.61 10.94
N GLY G 100 21.66 -0.83 11.45
CA GLY G 100 21.34 0.46 10.85
C GLY G 100 22.43 1.50 10.98
N GLY G 101 23.37 1.30 11.89
CA GLY G 101 24.50 2.20 12.01
C GLY G 101 24.36 3.17 13.16
N THR G 102 25.50 3.52 13.76
CA THR G 102 25.59 4.55 14.80
C THR G 102 26.58 5.60 14.35
N LYS G 103 26.11 6.83 14.16
CA LYS G 103 26.99 7.95 13.81
C LYS G 103 27.49 8.60 15.09
N VAL G 104 28.80 8.63 15.26
CA VAL G 104 29.42 9.25 16.43
C VAL G 104 30.00 10.59 15.99
N GLU G 105 29.54 11.66 16.64
CA GLU G 105 29.85 13.02 16.25
C GLU G 105 30.60 13.73 17.38
N ILE G 106 31.49 14.65 16.99
CA ILE G 106 32.29 15.40 17.96
C ILE G 106 31.40 16.40 18.68
N LYS G 107 31.36 16.31 20.01
CA LYS G 107 30.72 17.34 20.81
C LYS G 107 31.68 18.50 21.05
N ARG G 108 31.20 19.72 20.78
CA ARG G 108 31.97 20.94 20.96
C ARG G 108 31.06 22.02 21.54
N THR G 109 31.62 23.19 21.80
CA THR G 109 30.81 24.25 22.39
C THR G 109 29.84 24.82 21.37
N VAL G 110 28.68 25.26 21.86
CA VAL G 110 27.66 25.84 21.00
C VAL G 110 28.24 27.03 20.24
N ALA G 111 28.06 27.03 18.92
CA ALA G 111 28.53 28.11 18.06
C ALA G 111 27.39 28.51 17.13
N ALA G 112 27.17 29.80 17.01
CA ALA G 112 26.09 30.32 16.21
C ALA G 112 26.49 30.46 14.76
N PRO G 113 25.54 30.30 13.83
CA PRO G 113 25.88 30.43 12.42
C PRO G 113 26.10 31.87 12.01
N SER G 114 27.07 32.08 11.12
CA SER G 114 27.24 33.36 10.45
C SER G 114 26.41 33.31 9.17
N VAL G 115 25.50 34.26 9.01
CA VAL G 115 24.50 34.20 7.94
C VAL G 115 24.86 35.21 6.86
N PHE G 116 24.74 34.76 5.60
CA PHE G 116 25.02 35.58 4.43
C PHE G 116 23.96 35.27 3.38
N ILE G 117 23.48 36.31 2.70
CA ILE G 117 22.52 36.15 1.62
C ILE G 117 23.17 36.61 0.32
N PHE G 118 22.84 35.92 -0.77
CA PHE G 118 23.40 36.22 -2.09
C PHE G 118 22.27 36.41 -3.09
N PRO G 119 22.05 37.63 -3.59
CA PRO G 119 21.06 37.82 -4.65
C PRO G 119 21.47 37.08 -5.90
N PRO G 120 20.53 36.80 -6.81
CA PRO G 120 20.87 36.05 -8.02
C PRO G 120 21.84 36.80 -8.92
N SER G 121 22.58 36.04 -9.72
CA SER G 121 23.51 36.62 -10.67
C SER G 121 22.75 37.14 -11.88
N ASP G 122 23.29 38.19 -12.49
CA ASP G 122 22.68 38.74 -13.70
C ASP G 122 22.69 37.71 -14.82
N GLU G 123 23.75 36.91 -14.92
CA GLU G 123 23.81 35.88 -15.95
C GLU G 123 22.71 34.85 -15.76
N GLN G 124 22.43 34.49 -14.51
CA GLN G 124 21.34 33.56 -14.24
C GLN G 124 20.00 34.22 -14.52
N LEU G 125 19.81 35.46 -14.06
CA LEU G 125 18.55 36.15 -14.30
C LEU G 125 18.27 36.30 -15.79
N LYS G 126 19.32 36.48 -16.59
CA LYS G 126 19.17 36.49 -18.05
C LYS G 126 18.76 35.14 -18.60
N SER G 127 19.01 34.05 -17.86
CA SER G 127 18.63 32.72 -18.31
C SER G 127 17.17 32.37 -17.99
N GLY G 128 16.47 33.18 -17.21
CA GLY G 128 15.06 33.00 -16.94
C GLY G 128 14.74 32.48 -15.55
N THR G 129 15.73 32.15 -14.74
CA THR G 129 15.52 31.64 -13.39
C THR G 129 16.36 32.45 -12.41
N ALA G 130 15.86 32.56 -11.18
CA ALA G 130 16.56 33.28 -10.13
C ALA G 130 16.70 32.39 -8.91
N SER G 131 17.93 32.23 -8.44
CA SER G 131 18.23 31.48 -7.23
C SER G 131 18.76 32.44 -6.17
N VAL G 132 18.10 32.49 -5.03
CA VAL G 132 18.57 33.25 -3.88
C VAL G 132 19.17 32.26 -2.90
N VAL G 133 20.40 32.52 -2.46
CA VAL G 133 21.16 31.58 -1.65
C VAL G 133 21.37 32.20 -0.27
N CYS G 134 21.05 31.43 0.77
CA CYS G 134 21.34 31.81 2.14
C CYS G 134 22.33 30.81 2.70
N LEU G 135 23.41 31.33 3.28
CA LEU G 135 24.49 30.49 3.79
C LEU G 135 24.59 30.65 5.30
N LEU G 136 24.62 29.52 6.02
CA LEU G 136 24.82 29.48 7.46
C LEU G 136 26.18 28.82 7.68
N ASN G 137 27.13 29.59 8.18
CA ASN G 137 28.53 29.17 8.16
C ASN G 137 29.02 28.86 9.57
N ASN G 138 29.61 27.68 9.72
CA ASN G 138 30.36 27.25 10.91
C ASN G 138 29.56 27.44 12.20
N PHE G 139 28.59 26.54 12.38
CA PHE G 139 27.74 26.54 13.56
C PHE G 139 27.73 25.15 14.19
N TYR G 140 27.27 25.09 15.44
CA TYR G 140 27.09 23.86 16.18
C TYR G 140 26.04 24.09 17.27
N PRO G 141 25.14 23.14 17.53
CA PRO G 141 24.96 21.81 16.94
C PRO G 141 24.27 21.80 15.60
N ARG G 142 23.75 20.62 15.22
CA ARG G 142 23.36 20.43 13.83
C ARG G 142 21.95 20.92 13.45
N GLU G 143 20.89 21.01 14.32
CA GLU G 143 19.71 21.63 13.65
C GLU G 143 20.11 23.08 13.36
N ALA G 144 19.73 23.52 12.18
CA ALA G 144 19.46 24.91 11.92
C ALA G 144 18.20 24.88 11.08
N LYS G 145 17.27 25.79 11.36
CA LYS G 145 16.03 25.90 10.60
C LYS G 145 16.06 27.25 9.90
N VAL G 146 15.81 27.24 8.59
CA VAL G 146 15.81 28.45 7.77
C VAL G 146 14.41 28.70 7.25
N GLN G 147 14.00 29.96 7.26
CA GLN G 147 12.69 30.38 6.75
C GLN G 147 12.88 31.49 5.75
N TRP G 148 12.20 31.39 4.61
CA TRP G 148 12.30 32.37 3.54
C TRP G 148 11.08 33.29 3.54
N LYS G 149 11.34 34.58 3.36
CA LYS G 149 10.29 35.59 3.21
C LYS G 149 10.58 36.37 1.95
N VAL G 150 9.68 36.29 0.97
CA VAL G 150 9.88 37.11 -0.22
C VAL G 150 9.51 38.52 0.17
N ASP G 151 8.26 38.91 0.02
CA ASP G 151 7.86 40.28 0.36
C ASP G 151 7.17 40.29 1.72
N ASN G 152 7.91 39.75 2.70
CA ASN G 152 7.50 39.48 4.06
C ASN G 152 6.56 38.29 4.14
N ALA G 153 6.24 37.66 3.02
CA ALA G 153 5.33 36.52 3.00
C ALA G 153 6.12 35.22 3.19
N LEU G 154 5.68 34.41 4.16
CA LEU G 154 6.34 33.13 4.42
C LEU G 154 6.29 32.26 3.17
N GLN G 155 7.45 31.72 2.79
CA GLN G 155 7.58 31.01 1.54
C GLN G 155 7.68 29.51 1.76
N SER G 156 6.61 28.90 2.27
CA SER G 156 6.59 27.46 2.44
C SER G 156 6.30 26.77 1.12
N GLY G 157 7.03 27.16 0.08
CA GLY G 157 6.91 26.52 -1.21
C GLY G 157 8.08 25.61 -1.53
N ASN G 158 8.94 26.04 -2.45
CA ASN G 158 10.06 25.22 -2.93
C ASN G 158 11.37 25.94 -2.63
N SER G 159 12.17 25.34 -1.75
CA SER G 159 13.54 25.74 -1.48
C SER G 159 14.29 24.53 -0.96
N GLN G 160 15.60 24.52 -1.15
CA GLN G 160 16.41 23.34 -0.88
C GLN G 160 17.48 23.66 0.16
N GLU G 161 17.86 22.65 0.93
CA GLU G 161 18.93 22.80 1.91
C GLU G 161 20.03 21.79 1.59
N SER G 162 21.21 22.04 2.13
CA SER G 162 22.35 21.14 1.95
C SER G 162 23.32 21.40 3.09
N VAL G 163 23.68 20.36 3.83
CA VAL G 163 24.54 20.48 4.99
C VAL G 163 25.85 19.77 4.72
N THR G 164 26.96 20.40 5.11
CA THR G 164 28.24 19.72 5.04
C THR G 164 28.37 18.71 6.18
N GLU G 165 29.40 17.89 6.10
CA GLU G 165 29.74 17.05 7.23
C GLU G 165 30.49 17.88 8.26
N GLN G 166 30.61 17.34 9.47
CA GLN G 166 31.32 18.05 10.53
C GLN G 166 32.76 18.35 10.11
N ASP G 167 33.18 19.59 10.35
CA ASP G 167 34.51 20.01 9.91
C ASP G 167 35.57 19.25 10.70
N SER G 168 36.69 18.98 10.03
CA SER G 168 37.77 18.23 10.67
C SER G 168 38.47 19.05 11.75
N LYS G 169 38.56 20.36 11.57
CA LYS G 169 39.24 21.27 12.49
C LYS G 169 38.28 21.97 13.45
N ASP G 170 37.18 22.52 12.94
CA ASP G 170 36.24 23.29 13.76
C ASP G 170 35.31 22.37 14.54
N SER G 171 34.94 21.24 13.97
CA SER G 171 33.83 20.40 14.40
C SER G 171 32.48 21.10 14.27
N THR G 172 32.40 22.09 13.38
CA THR G 172 31.17 22.81 13.13
C THR G 172 30.51 22.31 11.84
N TYR G 173 29.32 22.83 11.57
CA TYR G 173 28.54 22.51 10.40
C TYR G 173 28.30 23.75 9.56
N SER G 174 28.03 23.55 8.28
CA SER G 174 27.66 24.62 7.39
C SER G 174 26.43 24.21 6.58
N LEU G 175 25.63 25.20 6.21
CA LEU G 175 24.36 24.97 5.55
C LEU G 175 24.12 26.02 4.48
N SER G 176 23.61 25.60 3.33
CA SER G 176 23.20 26.50 2.27
C SER G 176 21.75 26.21 1.91
N SER G 177 20.92 27.24 1.91
CA SER G 177 19.54 27.15 1.44
C SER G 177 19.41 27.90 0.12
N THR G 178 18.61 27.35 -0.80
CA THR G 178 18.49 27.92 -2.14
C THR G 178 17.02 28.06 -2.49
N LEU G 179 16.56 29.30 -2.61
CA LEU G 179 15.20 29.63 -3.04
C LEU G 179 15.21 29.91 -4.53
N THR G 180 14.36 29.21 -5.28
CA THR G 180 14.37 29.30 -6.74
C THR G 180 13.04 29.83 -7.23
N LEU G 181 13.10 30.86 -8.08
CA LEU G 181 11.92 31.47 -8.66
C LEU G 181 12.19 31.75 -10.13
N SER G 182 11.16 32.21 -10.83
CA SER G 182 11.29 32.61 -12.22
C SER G 182 11.81 34.05 -12.29
N LYS G 183 12.20 34.46 -13.50
CA LYS G 183 12.61 35.85 -13.67
C LYS G 183 11.45 36.79 -13.43
N ALA G 184 10.26 36.41 -13.89
CA ALA G 184 9.08 37.26 -13.71
C ALA G 184 8.68 37.32 -12.24
N ASP G 185 8.84 36.23 -11.50
CA ASP G 185 8.48 36.24 -10.09
C ASP G 185 9.52 37.00 -9.28
N TYR G 186 10.80 36.83 -9.60
CA TYR G 186 11.84 37.54 -8.86
C TYR G 186 11.71 39.05 -9.05
N GLU G 187 11.41 39.50 -10.28
CA GLU G 187 11.33 40.91 -10.57
C GLU G 187 10.03 41.55 -10.09
N LYS G 188 9.03 40.75 -9.74
CA LYS G 188 7.75 41.26 -9.25
C LYS G 188 7.78 41.63 -7.78
N HIS G 189 8.86 41.32 -7.06
CA HIS G 189 8.98 41.65 -5.65
C HIS G 189 10.26 42.44 -5.42
N LYS G 190 10.53 42.78 -4.16
CA LYS G 190 11.64 43.69 -3.86
C LYS G 190 12.49 43.16 -2.71
N VAL G 191 11.87 42.83 -1.59
CA VAL G 191 12.60 42.35 -0.43
C VAL G 191 12.78 40.84 -0.56
N TYR G 192 13.91 40.34 -0.04
CA TYR G 192 14.14 38.91 0.07
C TYR G 192 14.87 38.66 1.38
N ALA G 193 14.24 37.93 2.28
CA ALA G 193 14.76 37.74 3.63
C ALA G 193 15.06 36.27 3.90
N CYS G 194 15.92 36.05 4.89
CA CYS G 194 16.35 34.71 5.29
C CYS G 194 16.40 34.68 6.82
N GLU G 195 15.46 34.00 7.45
CA GLU G 195 15.36 33.95 8.90
C GLU G 195 15.94 32.64 9.41
N VAL G 196 16.94 32.74 10.29
CA VAL G 196 17.74 31.61 10.74
C VAL G 196 17.48 31.36 12.21
N THR G 197 17.14 30.11 12.55
CA THR G 197 16.91 29.68 13.92
C THR G 197 17.97 28.68 14.33
N HIS G 198 18.57 28.87 15.50
CA HIS G 198 19.64 28.00 15.96
C HIS G 198 19.79 28.13 17.46
N GLN G 199 20.35 27.08 18.06
CA GLN G 199 20.60 27.07 19.50
C GLN G 199 21.48 28.23 19.94
N GLY G 200 22.43 28.64 19.10
CA GLY G 200 23.32 29.75 19.42
C GLY G 200 22.76 31.13 19.17
N LEU G 201 21.47 31.25 18.86
CA LEU G 201 20.83 32.53 18.62
C LEU G 201 19.68 32.70 19.61
N SER G 202 19.83 33.62 20.55
CA SER G 202 18.78 33.86 21.53
C SER G 202 17.50 34.31 20.84
N SER G 203 17.63 35.09 19.78
CA SER G 203 16.56 35.45 18.87
C SER G 203 17.00 35.13 17.45
N PRO G 204 16.12 34.56 16.63
CA PRO G 204 16.48 34.27 15.24
C PRO G 204 16.99 35.52 14.54
N VAL G 205 17.89 35.31 13.59
CA VAL G 205 18.60 36.42 12.96
C VAL G 205 17.97 36.56 11.57
N THR G 206 17.84 37.78 11.05
CA THR G 206 17.26 37.97 9.72
C THR G 206 18.28 38.65 8.84
N LYS G 207 18.39 38.19 7.59
CA LYS G 207 19.31 38.76 6.62
C LYS G 207 18.56 38.97 5.32
N SER G 208 18.49 40.22 4.87
CA SER G 208 17.67 40.55 3.72
C SER G 208 18.41 41.44 2.74
N PHE G 209 17.90 41.46 1.51
CA PHE G 209 18.40 42.39 0.51
C PHE G 209 17.23 42.86 -0.33
N ASN G 210 17.39 44.05 -0.87
CA ASN G 210 16.45 44.81 -1.67
C ASN G 210 16.91 44.92 -3.12
N ARG G 211 15.93 45.14 -4.00
CA ARG G 211 16.01 45.19 -5.47
C ARG G 211 15.55 43.84 -6.00
N GLY G 212 15.59 43.68 -7.31
CA GLY G 212 15.11 42.46 -7.94
C GLY G 212 13.61 42.42 -8.12
N ASP H 1 9.48 -10.91 6.15
CA ASP H 1 8.56 -11.05 7.29
C ASP H 1 8.79 -9.98 8.35
N ILE H 2 8.18 -10.21 9.51
CA ILE H 2 8.12 -9.23 10.59
C ILE H 2 7.69 -9.97 11.85
N GLN H 3 8.63 -10.21 12.76
CA GLN H 3 8.40 -11.14 13.86
C GLN H 3 7.81 -10.42 15.07
N LEU H 4 7.05 -11.18 15.85
CA LEU H 4 6.49 -10.71 17.11
C LEU H 4 7.05 -11.57 18.22
N THR H 5 7.67 -10.94 19.22
CA THR H 5 8.20 -11.64 20.38
C THR H 5 7.26 -11.43 21.56
N GLN H 6 6.83 -12.53 22.17
CA GLN H 6 5.95 -12.48 23.33
C GLN H 6 6.77 -12.77 24.59
N SER H 7 6.53 -11.98 25.64
CA SER H 7 7.29 -12.10 26.87
C SER H 7 6.37 -11.97 28.07
N PRO H 8 6.44 -12.88 29.03
CA PRO H 8 7.26 -14.10 29.03
C PRO H 8 6.57 -15.19 28.21
N SER H 9 7.21 -16.33 28.01
CA SER H 9 6.57 -17.43 27.30
C SER H 9 5.72 -18.29 28.24
N PHE H 10 6.16 -18.47 29.48
CA PHE H 10 5.45 -19.24 30.49
C PHE H 10 5.21 -18.37 31.72
N LEU H 11 4.02 -18.51 32.31
CA LEU H 11 3.65 -17.66 33.45
C LEU H 11 2.75 -18.42 34.42
N SER H 12 3.12 -18.39 35.70
CA SER H 12 2.35 -18.98 36.79
C SER H 12 1.85 -17.93 37.77
N ALA H 13 0.56 -18.03 38.10
CA ALA H 13 -0.23 -17.27 39.05
C ALA H 13 -1.53 -18.00 39.21
N SER H 14 -2.15 -17.85 40.39
CA SER H 14 -3.45 -18.44 40.59
C SER H 14 -4.53 -17.40 40.40
N VAL H 15 -5.75 -17.93 40.48
CA VAL H 15 -6.97 -17.18 40.30
C VAL H 15 -6.93 -15.94 41.14
N GLY H 16 -7.39 -14.86 40.53
CA GLY H 16 -7.47 -13.57 41.16
C GLY H 16 -6.25 -12.70 40.99
N ASP H 17 -5.17 -13.21 40.41
CA ASP H 17 -3.96 -12.40 40.24
C ASP H 17 -4.13 -11.43 39.08
N LYS H 18 -3.54 -10.25 39.22
CA LYS H 18 -3.43 -9.32 38.11
C LYS H 18 -2.16 -9.61 37.33
N VAL H 19 -2.30 -9.81 36.02
CA VAL H 19 -1.21 -10.28 35.17
C VAL H 19 -1.23 -9.52 33.85
N THR H 20 -0.02 -9.32 33.28
CA THR H 20 0.14 -8.53 32.08
C THR H 20 1.10 -9.22 31.11
N ILE H 21 0.65 -9.39 29.86
CA ILE H 21 1.41 -10.06 28.80
C ILE H 21 1.97 -8.99 27.87
N THR H 22 3.16 -9.24 27.31
CA THR H 22 3.83 -8.26 26.48
C THR H 22 4.14 -8.84 25.10
N CYS H 23 3.84 -8.07 24.07
CA CYS H 23 4.18 -8.38 22.68
C CYS H 23 5.01 -7.22 22.15
N ARG H 24 6.21 -7.52 21.65
CA ARG H 24 7.07 -6.53 21.03
C ARG H 24 7.21 -6.86 19.55
N ALA H 25 6.99 -5.87 18.70
CA ALA H 25 6.99 -6.06 17.25
C ALA H 25 8.32 -5.63 16.65
N SER H 26 8.89 -6.50 15.81
CA SER H 26 10.13 -6.20 15.12
C SER H 26 10.08 -4.90 14.33
N GLN H 27 8.89 -4.46 13.94
CA GLN H 27 8.71 -3.26 13.13
C GLN H 27 7.44 -2.59 13.58
N GLY H 28 7.28 -1.33 13.19
CA GLY H 28 6.12 -0.57 13.58
C GLY H 28 4.86 -1.15 13.00
N VAL H 29 3.90 -1.52 13.85
CA VAL H 29 2.58 -1.94 13.39
C VAL H 29 1.54 -1.05 14.05
N ARG H 30 1.36 0.14 13.48
CA ARG H 30 0.50 1.14 14.08
C ARG H 30 -0.91 0.58 14.24
N ASN H 31 -1.28 0.16 15.46
CA ASN H 31 -2.67 -0.16 15.78
C ASN H 31 -3.16 -1.51 15.26
N GLU H 32 -2.53 -2.07 14.23
CA GLU H 32 -3.08 -3.24 13.53
C GLU H 32 -2.58 -4.53 14.16
N LEU H 33 -3.10 -4.81 15.36
CA LEU H 33 -2.65 -5.94 16.16
C LEU H 33 -3.85 -6.55 16.88
N ALA H 34 -3.83 -7.87 17.03
CA ALA H 34 -4.92 -8.59 17.65
C ALA H 34 -4.38 -9.56 18.69
N TRP H 35 -5.20 -9.86 19.69
CA TRP H 35 -4.86 -10.80 20.75
C TRP H 35 -5.82 -11.98 20.71
N TYR H 36 -5.26 -13.18 20.86
CA TYR H 36 -6.05 -14.40 20.84
C TYR H 36 -5.77 -15.22 22.08
N GLN H 37 -6.75 -16.00 22.48
CA GLN H 37 -6.64 -16.95 23.57
C GLN H 37 -6.97 -18.32 23.02
N GLN H 38 -6.10 -19.29 23.27
CA GLN H 38 -6.32 -20.66 22.81
C GLN H 38 -6.17 -21.60 23.99
N LYS H 39 -7.21 -22.33 24.27
CA LYS H 39 -7.23 -23.43 25.23
C LYS H 39 -6.86 -24.72 24.54
N PRO H 40 -6.21 -25.65 25.23
CA PRO H 40 -5.70 -26.85 24.56
C PRO H 40 -6.81 -27.67 23.94
N GLY H 41 -6.57 -28.11 22.70
CA GLY H 41 -7.56 -28.87 21.97
C GLY H 41 -8.56 -28.04 21.19
N LYS H 42 -8.63 -26.74 21.44
CA LYS H 42 -9.61 -25.87 20.80
C LYS H 42 -8.94 -24.92 19.84
N ALA H 43 -9.77 -24.29 18.99
CA ALA H 43 -9.32 -23.23 18.11
C ALA H 43 -9.12 -21.93 18.90
N PRO H 44 -8.23 -21.06 18.44
CA PRO H 44 -8.06 -19.78 19.13
C PRO H 44 -9.36 -18.98 19.15
N ASN H 45 -9.43 -18.05 20.10
CA ASN H 45 -10.56 -17.15 20.23
C ASN H 45 -10.06 -15.72 20.24
N LEU H 46 -10.73 -14.86 19.48
CA LEU H 46 -10.32 -13.46 19.40
C LEU H 46 -10.76 -12.72 20.66
N LEU H 47 -9.82 -12.01 21.28
CA LEU H 47 -10.13 -11.18 22.46
C LEU H 47 -10.07 -9.70 22.14
N ILE H 48 -8.99 -9.25 21.51
CA ILE H 48 -8.73 -7.84 21.30
C ILE H 48 -8.40 -7.63 19.81
N TYR H 49 -8.92 -6.56 19.24
CA TYR H 49 -8.49 -6.12 17.92
C TYR H 49 -8.32 -4.60 17.95
N TYR H 50 -7.70 -4.06 16.90
CA TYR H 50 -7.24 -2.68 16.88
C TYR H 50 -6.39 -2.38 18.11
N ALA H 51 -5.66 -3.39 18.60
CA ALA H 51 -4.72 -3.29 19.71
C ALA H 51 -5.38 -3.05 21.07
N SER H 52 -6.65 -2.64 21.10
CA SER H 52 -7.25 -2.29 22.38
C SER H 52 -8.75 -2.47 22.46
N THR H 53 -9.44 -2.85 21.38
CA THR H 53 -10.90 -2.95 21.40
C THR H 53 -11.31 -4.39 21.71
N LEU H 54 -12.15 -4.55 22.74
CA LEU H 54 -12.59 -5.88 23.15
C LEU H 54 -13.56 -6.47 22.13
N GLN H 55 -13.40 -7.75 21.85
CA GLN H 55 -14.34 -8.44 21.00
C GLN H 55 -15.62 -8.72 21.78
N SER H 56 -16.76 -8.66 21.08
CA SER H 56 -18.05 -8.94 21.70
C SER H 56 -18.02 -10.23 22.51
N GLY H 57 -18.53 -10.16 23.73
CA GLY H 57 -18.54 -11.31 24.61
C GLY H 57 -17.30 -11.52 25.44
N VAL H 58 -16.30 -10.64 25.33
CA VAL H 58 -15.08 -10.79 26.11
C VAL H 58 -15.28 -10.10 27.47
N PRO H 59 -15.00 -10.79 28.57
CA PRO H 59 -15.22 -10.19 29.89
C PRO H 59 -14.45 -8.90 30.09
N SER H 60 -15.01 -8.01 30.90
CA SER H 60 -14.44 -6.67 31.10
C SER H 60 -13.08 -6.69 31.77
N ARG H 61 -12.72 -7.79 32.45
CA ARG H 61 -11.42 -7.88 33.10
C ARG H 61 -10.28 -7.84 32.09
N PHE H 62 -10.54 -8.25 30.85
CA PHE H 62 -9.55 -8.19 29.79
C PHE H 62 -9.41 -6.76 29.29
N SER H 63 -8.16 -6.34 29.07
CA SER H 63 -7.90 -5.03 28.49
C SER H 63 -6.55 -5.09 27.80
N ALA H 64 -6.34 -4.17 26.87
CA ALA H 64 -5.11 -4.16 26.11
C ALA H 64 -4.82 -2.74 25.66
N THR H 65 -3.53 -2.45 25.49
CA THR H 65 -3.07 -1.19 24.93
C THR H 65 -1.80 -1.48 24.14
N GLY H 66 -1.33 -0.46 23.43
CA GLY H 66 -0.12 -0.66 22.65
C GLY H 66 0.06 0.31 21.51
N SER H 67 1.31 0.70 21.26
CA SER H 67 1.66 1.74 20.30
C SER H 67 2.82 1.27 19.45
N GLY H 68 2.56 1.01 18.17
CA GLY H 68 3.63 0.80 17.21
C GLY H 68 4.39 -0.50 17.31
N THR H 69 5.26 -0.63 18.32
CA THR H 69 6.04 -1.84 18.50
C THR H 69 5.92 -2.48 19.87
N HIS H 70 5.25 -1.83 20.83
CA HIS H 70 5.13 -2.35 22.18
C HIS H 70 3.64 -2.48 22.51
N PHE H 71 3.20 -3.70 22.79
CA PHE H 71 1.80 -3.98 23.09
C PHE H 71 1.71 -4.83 24.35
N THR H 72 0.66 -4.60 25.13
CA THR H 72 0.41 -5.34 26.35
C THR H 72 -1.04 -5.75 26.44
N LEU H 73 -1.27 -6.94 27.00
CA LEU H 73 -2.59 -7.44 27.34
C LEU H 73 -2.64 -7.68 28.84
N THR H 74 -3.77 -7.37 29.47
CA THR H 74 -3.89 -7.38 30.92
C THR H 74 -5.19 -8.06 31.33
N VAL H 75 -5.13 -8.87 32.38
CA VAL H 75 -6.30 -9.44 33.04
C VAL H 75 -6.39 -8.86 34.44
N SER H 76 -7.59 -8.38 34.82
CA SER H 76 -7.76 -7.73 36.11
C SER H 76 -7.48 -8.71 37.24
N SER H 77 -8.09 -9.88 37.16
CA SER H 77 -7.93 -10.93 38.16
C SER H 77 -8.23 -12.24 37.45
N LEU H 78 -7.23 -13.11 37.33
CA LEU H 78 -7.41 -14.34 36.57
C LEU H 78 -8.56 -15.16 37.14
N GLN H 79 -9.16 -15.96 36.26
CA GLN H 79 -10.25 -16.86 36.59
C GLN H 79 -9.92 -18.22 36.01
N PRO H 80 -10.61 -19.27 36.46
CA PRO H 80 -10.35 -20.61 35.89
C PRO H 80 -10.35 -20.66 34.37
N GLU H 81 -11.29 -19.96 33.73
CA GLU H 81 -11.38 -19.98 32.28
C GLU H 81 -10.27 -19.16 31.63
N ASP H 82 -9.66 -18.21 32.35
CA ASP H 82 -8.63 -17.36 31.76
C ASP H 82 -7.30 -18.07 31.57
N PHE H 83 -7.18 -19.31 32.04
CA PHE H 83 -5.93 -20.04 31.99
C PHE H 83 -5.82 -20.75 30.66
N ALA H 84 -4.91 -20.28 29.81
CA ALA H 84 -4.76 -20.73 28.42
C ALA H 84 -3.49 -20.11 27.86
N THR H 85 -3.30 -20.25 26.55
CA THR H 85 -2.16 -19.66 25.85
C THR H 85 -2.63 -18.48 25.02
N TYR H 86 -1.88 -17.39 25.07
CA TYR H 86 -2.28 -16.13 24.46
C TYR H 86 -1.31 -15.78 23.33
N PHE H 87 -1.87 -15.43 22.17
CA PHE H 87 -1.09 -15.07 20.99
C PHE H 87 -1.42 -13.65 20.58
N CYS H 88 -0.39 -12.89 20.22
CA CYS H 88 -0.62 -11.66 19.48
C CYS H 88 -0.49 -11.96 17.99
N GLN H 89 -1.11 -11.10 17.18
CA GLN H 89 -1.03 -11.22 15.74
C GLN H 89 -1.09 -9.82 15.14
N HIS H 90 -0.25 -9.59 14.14
CA HIS H 90 -0.28 -8.34 13.40
C HIS H 90 -0.86 -8.60 12.02
N MET H 91 -1.36 -7.54 11.41
CA MET H 91 -1.86 -7.62 10.04
C MET H 91 -1.42 -6.41 9.25
N SER H 92 -0.18 -5.97 9.47
CA SER H 92 0.30 -4.74 8.88
C SER H 92 0.97 -4.95 7.52
N SER H 93 1.40 -6.17 7.21
CA SER H 93 2.03 -6.48 5.93
C SER H 93 2.04 -7.98 5.74
N TYR H 94 2.31 -8.40 4.51
CA TYR H 94 2.33 -9.85 4.34
C TYR H 94 3.71 -10.39 4.68
N PRO H 95 3.78 -11.55 5.32
CA PRO H 95 2.66 -12.39 5.77
C PRO H 95 2.14 -11.97 7.13
N LEU H 96 0.87 -12.22 7.43
CA LEU H 96 0.40 -12.07 8.80
C LEU H 96 1.19 -13.01 9.69
N THR H 97 1.55 -12.52 10.88
CA THR H 97 2.44 -13.26 11.77
C THR H 97 1.88 -13.26 13.18
N PHE H 98 1.99 -14.41 13.84
CA PHE H 98 1.60 -14.57 15.23
C PHE H 98 2.82 -14.56 16.12
N GLY H 99 2.63 -14.15 17.37
CA GLY H 99 3.66 -14.32 18.37
C GLY H 99 3.86 -15.77 18.72
N GLY H 100 4.97 -16.04 19.40
CA GLY H 100 5.27 -17.40 19.82
C GLY H 100 4.33 -17.93 20.88
N GLY H 101 3.61 -17.06 21.56
CA GLY H 101 2.60 -17.47 22.51
C GLY H 101 3.08 -17.34 23.94
N THR H 102 2.14 -17.04 24.83
CA THR H 102 2.37 -17.03 26.27
C THR H 102 1.39 -18.00 26.91
N LYS H 103 1.91 -19.05 27.54
CA LYS H 103 1.09 -19.99 28.29
C LYS H 103 0.97 -19.49 29.72
N VAL H 104 -0.28 -19.28 30.16
CA VAL H 104 -0.55 -18.82 31.53
C VAL H 104 -1.06 -20.02 32.32
N GLU H 105 -0.36 -20.35 33.40
CA GLU H 105 -0.59 -21.59 34.14
C GLU H 105 -1.05 -21.30 35.57
N ILE H 106 -1.90 -22.18 36.09
CA ILE H 106 -2.42 -22.03 37.43
C ILE H 106 -1.30 -22.30 38.44
N LYS H 107 -1.00 -21.31 39.26
CA LYS H 107 -0.11 -21.53 40.40
C LYS H 107 -0.91 -22.11 41.56
N ARG H 108 -0.38 -23.19 42.13
CA ARG H 108 -1.03 -23.86 43.24
C ARG H 108 0.04 -24.24 44.25
N THR H 109 -0.39 -24.83 45.36
CA THR H 109 0.58 -25.23 46.36
C THR H 109 1.38 -26.42 45.86
N VAL H 110 2.65 -26.48 46.28
CA VAL H 110 3.51 -27.58 45.86
C VAL H 110 2.86 -28.90 46.24
N ALA H 111 2.78 -29.82 45.29
CA ALA H 111 2.20 -31.13 45.51
C ALA H 111 3.18 -32.18 45.01
N ALA H 112 3.39 -33.19 45.80
CA ALA H 112 4.36 -34.21 45.49
C ALA H 112 3.73 -35.31 44.65
N PRO H 113 4.50 -35.93 43.76
CA PRO H 113 3.93 -37.02 42.95
C PRO H 113 3.80 -38.30 43.75
N SER H 114 2.70 -39.00 43.53
CA SER H 114 2.53 -40.35 44.03
C SER H 114 3.01 -41.31 42.95
N VAL H 115 3.94 -42.20 43.32
CA VAL H 115 4.68 -42.99 42.34
C VAL H 115 4.17 -44.42 42.36
N PHE H 116 4.01 -45.00 41.16
CA PHE H 116 3.56 -46.36 40.96
C PHE H 116 4.39 -46.99 39.84
N ILE H 117 4.80 -48.24 40.02
CA ILE H 117 5.52 -48.96 38.98
C ILE H 117 4.66 -50.15 38.55
N PHE H 118 4.70 -50.44 37.25
CA PHE H 118 3.90 -51.51 36.66
C PHE H 118 4.81 -52.44 35.88
N PRO H 119 4.98 -53.68 36.33
CA PRO H 119 5.76 -54.66 35.54
C PRO H 119 5.07 -54.97 34.24
N PRO H 120 5.80 -55.49 33.25
CA PRO H 120 5.18 -55.78 31.95
C PRO H 120 4.13 -56.87 32.07
N SER H 121 3.17 -56.84 31.15
CA SER H 121 2.13 -57.84 31.12
C SER H 121 2.67 -59.14 30.51
N ASP H 122 2.09 -60.26 30.94
CA ASP H 122 2.48 -61.54 30.38
C ASP H 122 2.17 -61.61 28.88
N GLU H 123 1.06 -60.99 28.47
CA GLU H 123 0.71 -60.97 27.05
C GLU H 123 1.76 -60.22 26.24
N GLN H 124 2.28 -59.12 26.78
CA GLN H 124 3.32 -58.37 26.08
C GLN H 124 4.63 -59.16 26.05
N LEU H 125 5.04 -59.70 27.19
CA LEU H 125 6.30 -60.45 27.24
C LEU H 125 6.28 -61.63 26.29
N LYS H 126 5.11 -62.26 26.11
CA LYS H 126 4.98 -63.31 25.12
C LYS H 126 5.13 -62.78 23.70
N SER H 127 4.92 -61.48 23.48
CA SER H 127 5.09 -60.90 22.16
C SER H 127 6.54 -60.55 21.83
N GLY H 128 7.45 -60.62 22.80
CA GLY H 128 8.86 -60.38 22.55
C GLY H 128 9.40 -59.07 23.07
N THR H 129 8.55 -58.20 23.63
CA THR H 129 8.97 -56.92 24.17
C THR H 129 8.41 -56.77 25.58
N ALA H 130 9.16 -56.06 26.43
CA ALA H 130 8.75 -55.79 27.80
C ALA H 130 8.82 -54.29 28.05
N SER H 131 7.70 -53.71 28.48
CA SER H 131 7.63 -52.30 28.85
C SER H 131 7.30 -52.20 30.33
N VAL H 132 8.18 -51.52 31.08
CA VAL H 132 7.94 -51.23 32.48
C VAL H 132 7.55 -49.76 32.59
N VAL H 133 6.44 -49.49 33.28
CA VAL H 133 5.83 -48.16 33.32
C VAL H 133 5.94 -47.60 34.73
N CYS H 134 6.40 -46.36 34.83
CA CYS H 134 6.44 -45.61 36.08
C CYS H 134 5.52 -44.41 35.96
N LEU H 135 4.63 -44.24 36.93
CA LEU H 135 3.60 -43.20 36.89
C LEU H 135 3.82 -42.21 38.02
N LEU H 136 3.82 -40.92 37.69
CA LEU H 136 3.91 -39.83 38.65
C LEU H 136 2.57 -39.10 38.61
N ASN H 137 1.80 -39.19 39.70
CA ASN H 137 0.40 -38.78 39.67
C ASN H 137 0.17 -37.52 40.50
N ASN H 138 -0.48 -36.54 39.87
CA ASN H 138 -1.02 -35.34 40.53
C ASN H 138 0.05 -34.66 41.38
N PHE H 139 0.97 -34.00 40.68
CA PHE H 139 2.04 -33.26 41.32
C PHE H 139 2.06 -31.84 40.77
N TYR H 140 2.71 -30.96 41.52
CA TYR H 140 2.94 -29.58 41.09
C TYR H 140 4.16 -29.07 41.84
N PRO H 141 5.05 -28.32 41.18
CA PRO H 141 5.01 -27.86 39.78
C PRO H 141 5.33 -28.90 38.73
N ARG H 142 5.57 -28.43 37.51
CA ARG H 142 5.62 -29.33 36.38
C ARG H 142 6.95 -30.07 36.26
N GLU H 143 8.10 -29.56 36.74
CA GLU H 143 9.27 -30.43 36.67
C GLU H 143 9.22 -31.60 37.63
N ALA H 144 9.49 -32.76 37.04
CA ALA H 144 9.74 -34.02 37.70
C ALA H 144 10.80 -34.69 36.84
N LYS H 145 11.77 -35.33 37.47
CA LYS H 145 12.85 -36.04 36.80
C LYS H 145 12.73 -37.48 37.23
N VAL H 146 12.76 -38.38 36.27
CA VAL H 146 12.67 -39.82 36.50
C VAL H 146 13.99 -40.44 36.10
N GLN H 147 14.48 -41.38 36.91
CA GLN H 147 15.70 -42.10 36.62
C GLN H 147 15.40 -43.58 36.73
N TRP H 148 15.85 -44.35 35.74
CA TRP H 148 15.60 -45.78 35.70
C TRP H 148 16.85 -46.54 36.12
N LYS H 149 16.66 -47.57 36.94
CA LYS H 149 17.72 -48.48 37.34
C LYS H 149 17.22 -49.88 37.05
N VAL H 150 17.90 -50.59 36.16
CA VAL H 150 17.52 -51.98 35.94
C VAL H 150 18.09 -52.75 37.12
N ASP H 151 19.31 -53.27 37.02
CA ASP H 151 19.86 -54.03 38.15
C ASP H 151 20.79 -53.16 38.96
N ASN H 152 20.24 -52.03 39.39
CA ASN H 152 20.90 -50.90 40.06
C ASN H 152 21.72 -50.11 39.06
N ALA H 153 21.72 -50.48 37.79
CA ALA H 153 22.50 -49.79 36.78
C ALA H 153 21.69 -48.64 36.19
N LEU H 154 22.25 -47.43 36.24
CA LEU H 154 21.59 -46.27 35.66
C LEU H 154 21.35 -46.49 34.16
N GLN H 155 20.12 -46.29 33.72
CA GLN H 155 19.68 -46.66 32.38
C GLN H 155 19.49 -45.41 31.51
N SER H 156 20.59 -44.72 31.22
CA SER H 156 20.52 -43.59 30.32
C SER H 156 20.49 -44.06 28.87
N GLY H 157 19.63 -45.01 28.56
CA GLY H 157 19.49 -45.46 27.19
C GLY H 157 18.23 -44.93 26.57
N ASN H 158 17.23 -45.80 26.38
CA ASN H 158 16.00 -45.43 25.72
C ASN H 158 14.85 -45.64 26.70
N SER H 159 14.25 -44.53 27.11
CA SER H 159 12.96 -44.52 27.80
C SER H 159 12.36 -43.14 27.57
N GLN H 160 11.03 -43.08 27.42
CA GLN H 160 10.38 -41.85 27.04
C GLN H 160 9.23 -41.52 27.99
N GLU H 161 8.92 -40.24 28.07
CA GLU H 161 7.95 -39.70 29.01
C GLU H 161 6.76 -39.10 28.29
N SER H 162 5.73 -38.81 29.08
CA SER H 162 4.52 -38.18 28.59
C SER H 162 3.85 -37.47 29.77
N VAL H 163 3.60 -36.18 29.62
CA VAL H 163 3.01 -35.35 30.66
C VAL H 163 1.64 -34.90 30.19
N THR H 164 0.68 -34.92 31.11
CA THR H 164 -0.65 -34.41 30.83
C THR H 164 -0.64 -32.87 30.85
N GLU H 165 -1.76 -32.29 30.44
CA GLU H 165 -1.95 -30.87 30.68
C GLU H 165 -2.42 -30.67 32.13
N GLN H 166 -2.37 -29.41 32.58
CA GLN H 166 -2.80 -29.10 33.93
C GLN H 166 -4.25 -29.50 34.13
N ASP H 167 -4.52 -30.22 35.22
CA ASP H 167 -5.86 -30.74 35.45
C ASP H 167 -6.86 -29.62 35.72
N SER H 168 -8.11 -29.86 35.30
CA SER H 168 -9.17 -28.89 35.49
C SER H 168 -9.57 -28.74 36.96
N LYS H 169 -9.44 -29.82 37.74
CA LYS H 169 -9.87 -29.83 39.13
C LYS H 169 -8.71 -29.55 40.08
N ASP H 170 -7.60 -30.27 39.91
CA ASP H 170 -6.45 -30.16 40.80
C ASP H 170 -5.55 -28.99 40.47
N SER H 171 -5.41 -28.68 39.19
CA SER H 171 -4.34 -27.85 38.64
C SER H 171 -2.99 -28.55 38.77
N THR H 172 -2.98 -29.88 38.87
CA THR H 172 -1.75 -30.66 38.96
C THR H 172 -1.42 -31.29 37.61
N TYR H 173 -0.27 -31.95 37.58
CA TYR H 173 0.22 -32.65 36.40
C TYR H 173 0.40 -34.12 36.72
N SER H 174 0.41 -34.93 35.68
CA SER H 174 0.71 -36.35 35.79
C SER H 174 1.73 -36.70 34.72
N LEU H 175 2.55 -37.70 35.03
CA LEU H 175 3.67 -38.06 34.16
C LEU H 175 3.80 -39.57 34.12
N SER H 176 4.06 -40.09 32.93
CA SER H 176 4.30 -41.51 32.73
C SER H 176 5.65 -41.70 32.05
N SER H 177 6.49 -42.53 32.64
CA SER H 177 7.74 -42.97 32.03
C SER H 177 7.62 -44.43 31.65
N THR H 178 8.17 -44.78 30.49
CA THR H 178 8.05 -46.12 29.94
C THR H 178 9.43 -46.62 29.51
N LEU H 179 9.93 -47.63 30.21
CA LEU H 179 11.19 -48.26 29.86
C LEU H 179 10.89 -49.50 29.02
N THR H 180 11.53 -49.58 27.85
CA THR H 180 11.25 -50.64 26.89
C THR H 180 12.51 -51.46 26.66
N LEU H 181 12.38 -52.78 26.80
CA LEU H 181 13.49 -53.71 26.57
C LEU H 181 12.96 -54.92 25.81
N SER H 182 13.87 -55.82 25.46
CA SER H 182 13.49 -57.05 24.78
C SER H 182 13.05 -58.09 25.80
N LYS H 183 12.48 -59.18 25.30
CA LYS H 183 12.11 -60.28 26.19
C LYS H 183 13.34 -60.89 26.82
N ALA H 184 14.42 -61.02 26.05
CA ALA H 184 15.65 -61.60 26.56
C ALA H 184 16.33 -60.67 27.56
N ASP H 185 16.26 -59.36 27.33
CA ASP H 185 16.94 -58.43 28.24
C ASP H 185 16.17 -58.29 29.56
N TYR H 186 14.84 -58.25 29.50
CA TYR H 186 14.06 -58.10 30.71
C TYR H 186 14.25 -59.28 31.65
N GLU H 187 14.28 -60.50 31.09
CA GLU H 187 14.40 -61.70 31.91
C GLU H 187 15.82 -61.94 32.40
N LYS H 188 16.82 -61.26 31.84
CA LYS H 188 18.20 -61.45 32.27
C LYS H 188 18.55 -60.68 33.53
N HIS H 189 17.67 -59.83 34.02
CA HIS H 189 17.88 -59.04 35.24
C HIS H 189 16.75 -59.31 36.22
N LYS H 190 16.77 -58.62 37.35
CA LYS H 190 15.82 -58.92 38.42
C LYS H 190 15.13 -57.69 38.97
N VAL H 191 15.90 -56.69 39.40
CA VAL H 191 15.32 -55.49 39.99
C VAL H 191 15.00 -54.51 38.88
N TYR H 192 13.95 -53.71 39.09
CA TYR H 192 13.61 -52.60 38.21
C TYR H 192 13.12 -51.45 39.09
N ALA H 193 13.85 -50.33 39.06
CA ALA H 193 13.61 -49.22 39.96
C ALA H 193 13.22 -47.96 39.20
N CYS H 194 12.58 -47.06 39.93
CA CYS H 194 12.13 -45.78 39.37
C CYS H 194 12.40 -44.71 40.42
N GLU H 195 13.40 -43.87 40.18
CA GLU H 195 13.79 -42.83 41.13
C GLU H 195 13.19 -41.51 40.66
N VAL H 196 12.40 -40.88 41.52
CA VAL H 196 11.63 -39.69 41.16
C VAL H 196 12.14 -38.50 41.96
N THR H 197 12.46 -37.42 41.25
CA THR H 197 12.90 -36.16 41.83
C THR H 197 11.86 -35.08 41.58
N HIS H 198 11.54 -34.30 42.62
CA HIS H 198 10.52 -33.27 42.51
C HIS H 198 10.71 -32.26 43.64
N GLN H 199 10.18 -31.06 43.41
CA GLN H 199 10.23 -30.01 44.43
C GLN H 199 9.55 -30.44 45.72
N GLY H 200 8.49 -31.25 45.62
CA GLY H 200 7.76 -31.75 46.76
C GLY H 200 8.36 -32.96 47.46
N LEU H 201 9.55 -33.39 47.08
CA LEU H 201 10.23 -34.50 47.71
C LEU H 201 11.56 -34.02 48.26
N SER H 202 11.67 -33.92 49.59
CA SER H 202 12.91 -33.48 50.21
C SER H 202 14.05 -34.44 49.88
N SER H 203 13.74 -35.73 49.82
CA SER H 203 14.67 -36.73 49.30
C SER H 203 13.95 -37.49 48.20
N PRO H 204 14.64 -37.73 47.07
CA PRO H 204 13.99 -38.45 45.97
C PRO H 204 13.44 -39.80 46.42
N VAL H 205 12.36 -40.20 45.78
CA VAL H 205 11.66 -41.43 46.11
C VAL H 205 12.01 -42.47 45.05
N THR H 206 12.14 -43.72 45.50
CA THR H 206 12.42 -44.84 44.61
C THR H 206 11.31 -45.87 44.75
N LYS H 207 10.89 -46.44 43.62
CA LYS H 207 9.85 -47.45 43.58
C LYS H 207 10.36 -48.61 42.74
N SER H 208 10.44 -49.79 43.33
CA SER H 208 11.05 -50.95 42.68
C SER H 208 10.16 -52.17 42.82
N PHE H 209 10.43 -53.15 41.95
CA PHE H 209 9.80 -54.46 42.01
C PHE H 209 10.81 -55.50 41.58
N ASN H 210 10.62 -56.73 42.06
CA ASN H 210 11.51 -57.84 41.78
C ASN H 210 10.84 -58.82 40.83
N ARG H 211 11.67 -59.66 40.21
CA ARG H 211 11.35 -60.73 39.25
C ARG H 211 11.59 -60.26 37.82
N GLY H 212 11.26 -61.11 36.85
CA GLY H 212 11.52 -60.82 35.45
C GLY H 212 12.95 -61.10 35.04
N ASP I 1 -12.45 4.22 -9.28
CA ASP I 1 -11.55 4.29 -10.42
C ASP I 1 -10.76 5.60 -10.44
N ILE I 2 -10.12 5.87 -11.57
CA ILE I 2 -9.17 6.98 -11.70
C ILE I 2 -8.88 7.16 -13.18
N GLN I 3 -9.51 8.17 -13.80
CA GLN I 3 -9.58 8.29 -15.25
C GLN I 3 -8.43 9.12 -15.83
N LEU I 4 -8.09 8.81 -17.08
CA LEU I 4 -7.08 9.53 -17.84
C LEU I 4 -7.71 10.15 -19.08
N THR I 5 -7.54 11.45 -19.24
CA THR I 5 -8.06 12.17 -20.40
C THR I 5 -6.92 12.48 -21.37
N GLN I 6 -7.09 12.07 -22.62
CA GLN I 6 -6.10 12.30 -23.66
C GLN I 6 -6.56 13.43 -24.58
N SER I 7 -5.63 14.32 -24.92
CA SER I 7 -5.95 15.49 -25.71
C SER I 7 -4.86 15.65 -26.75
N PRO I 8 -5.23 15.86 -28.02
CA PRO I 8 -6.58 15.82 -28.57
C PRO I 8 -6.96 14.37 -28.86
N SER I 9 -8.19 14.07 -29.26
CA SER I 9 -8.51 12.68 -29.56
C SER I 9 -8.13 12.33 -31.00
N PHE I 10 -8.30 13.27 -31.91
CA PHE I 10 -7.91 13.10 -33.30
C PHE I 10 -6.94 14.20 -33.68
N LEU I 11 -5.92 13.83 -34.44
CA LEU I 11 -4.87 14.76 -34.81
C LEU I 11 -4.42 14.43 -36.22
N SER I 12 -4.40 15.45 -37.07
CA SER I 12 -3.90 15.31 -38.42
C SER I 12 -2.58 16.07 -38.50
N ALA I 13 -1.57 15.42 -39.07
CA ALA I 13 -0.27 16.02 -39.23
C ALA I 13 0.42 15.28 -40.35
N SER I 14 1.31 15.98 -41.05
CA SER I 14 1.99 15.39 -42.17
C SER I 14 3.35 14.85 -41.75
N VAL I 15 3.92 14.01 -42.61
CA VAL I 15 5.19 13.38 -42.29
C VAL I 15 6.25 14.45 -42.07
N GLY I 16 7.09 14.23 -41.05
CA GLY I 16 8.13 15.17 -40.71
C GLY I 16 7.72 16.22 -39.69
N ASP I 17 6.44 16.26 -39.31
CA ASP I 17 5.97 17.22 -38.32
C ASP I 17 6.35 16.79 -36.91
N LYS I 18 6.62 17.79 -36.06
CA LYS I 18 6.76 17.57 -34.63
C LYS I 18 5.39 17.71 -33.98
N VAL I 19 5.00 16.71 -33.18
CA VAL I 19 3.65 16.66 -32.61
C VAL I 19 3.76 16.25 -31.14
N THR I 20 2.80 16.72 -30.35
CA THR I 20 2.81 16.49 -28.91
C THR I 20 1.42 16.08 -28.44
N ILE I 21 1.36 14.95 -27.75
CA ILE I 21 0.12 14.39 -27.22
C ILE I 21 0.10 14.64 -25.71
N THR I 22 -1.08 14.88 -25.17
CA THR I 22 -1.22 15.19 -23.75
C THR I 22 -2.15 14.19 -23.09
N CYS I 23 -1.73 13.69 -21.91
CA CYS I 23 -2.55 12.84 -21.05
C CYS I 23 -2.66 13.52 -19.70
N ARG I 24 -3.90 13.76 -19.25
CA ARG I 24 -4.17 14.36 -17.95
C ARG I 24 -4.88 13.35 -17.05
N ALA I 25 -4.38 13.22 -15.82
CA ALA I 25 -4.87 12.22 -14.87
C ALA I 25 -5.81 12.88 -13.86
N SER I 26 -6.97 12.24 -13.65
CA SER I 26 -7.92 12.72 -12.65
C SER I 26 -7.30 12.85 -11.26
N GLN I 27 -6.21 12.12 -11.00
CA GLN I 27 -5.57 12.08 -9.70
C GLN I 27 -4.06 11.98 -9.92
N GLY I 28 -3.32 12.28 -8.86
CA GLY I 28 -1.88 12.21 -8.95
C GLY I 28 -1.40 10.79 -9.15
N VAL I 29 -0.63 10.56 -10.21
CA VAL I 29 0.03 9.28 -10.43
C VAL I 29 1.52 9.54 -10.58
N ARG I 30 2.20 9.67 -9.45
CA ARG I 30 3.60 10.10 -9.46
C ARG I 30 4.43 9.16 -10.34
N ASN I 31 4.74 9.59 -11.57
CA ASN I 31 5.73 8.90 -12.38
C ASN I 31 5.23 7.58 -12.97
N GLU I 32 4.20 6.98 -12.39
CA GLU I 32 3.80 5.60 -12.72
C GLU I 32 2.81 5.61 -13.89
N LEU I 33 3.35 5.88 -15.07
CA LEU I 33 2.56 6.05 -16.28
C LEU I 33 3.29 5.48 -17.49
N ALA I 34 2.54 4.89 -18.43
CA ALA I 34 3.12 4.29 -19.62
C ALA I 34 2.38 4.75 -20.87
N TRP I 35 3.08 4.75 -22.00
CA TRP I 35 2.52 5.13 -23.30
C TRP I 35 2.59 3.95 -24.26
N TYR I 36 1.51 3.76 -25.02
CA TYR I 36 1.43 2.67 -25.99
C TYR I 36 1.06 3.23 -27.35
N GLN I 37 1.45 2.49 -28.39
CA GLN I 37 1.07 2.80 -29.76
C GLN I 37 0.37 1.59 -30.36
N GLN I 38 -0.80 1.81 -30.95
CA GLN I 38 -1.55 0.75 -31.60
C GLN I 38 -1.98 1.19 -32.98
N LYS I 39 -1.59 0.43 -33.97
CA LYS I 39 -1.96 0.44 -35.38
C LYS I 39 -3.15 -0.50 -35.58
N PRO I 40 -4.02 -0.20 -36.54
CA PRO I 40 -5.25 -1.00 -36.69
C PRO I 40 -4.95 -2.46 -37.02
N GLY I 41 -5.68 -3.36 -36.37
CA GLY I 41 -5.54 -4.78 -36.55
C GLY I 41 -4.54 -5.47 -35.65
N LYS I 42 -3.62 -4.75 -35.00
CA LYS I 42 -2.62 -5.40 -34.17
C LYS I 42 -2.77 -4.98 -32.71
N ALA I 43 -2.06 -5.68 -31.84
CA ALA I 43 -2.02 -5.38 -30.41
C ALA I 43 -1.17 -4.15 -30.12
N PRO I 44 -1.44 -3.44 -29.03
CA PRO I 44 -0.61 -2.27 -28.69
C PRO I 44 0.84 -2.66 -28.50
N ASN I 45 1.72 -1.64 -28.62
CA ASN I 45 3.15 -1.79 -28.41
C ASN I 45 3.61 -0.76 -27.39
N LEU I 46 4.43 -1.20 -26.44
CA LEU I 46 4.92 -0.31 -25.40
C LEU I 46 5.98 0.64 -25.93
N LEU I 47 5.81 1.93 -25.68
CA LEU I 47 6.79 2.95 -26.06
C LEU I 47 7.54 3.54 -24.88
N ILE I 48 6.81 3.96 -23.85
CA ILE I 48 7.37 4.69 -22.73
C ILE I 48 6.87 4.07 -21.43
N TYR I 49 7.76 3.96 -20.45
CA TYR I 49 7.37 3.63 -19.09
C TYR I 49 8.12 4.54 -18.12
N TYR I 50 7.68 4.53 -16.85
CA TYR I 50 8.12 5.50 -15.86
C TYR I 50 7.94 6.93 -16.38
N ALA I 51 6.89 7.14 -17.18
CA ALA I 51 6.51 8.44 -17.72
C ALA I 51 7.52 9.01 -18.72
N SER I 52 8.74 8.48 -18.75
CA SER I 52 9.75 9.09 -19.60
C SER I 52 10.84 8.14 -20.11
N THR I 53 10.85 6.88 -19.69
CA THR I 53 11.93 5.99 -20.12
C THR I 53 11.50 5.23 -21.37
N LEU I 54 12.33 5.31 -22.40
CA LEU I 54 12.02 4.64 -23.64
C LEU I 54 12.17 3.14 -23.50
N GLN I 55 11.23 2.41 -24.06
CA GLN I 55 11.35 0.96 -24.11
C GLN I 55 12.38 0.59 -25.17
N SER I 56 13.12 -0.49 -24.90
CA SER I 56 14.12 -0.99 -25.85
C SER I 56 13.53 -1.12 -27.24
N GLY I 57 14.29 -0.63 -28.24
CA GLY I 57 13.86 -0.68 -29.62
C GLY I 57 13.00 0.47 -30.08
N VAL I 58 12.70 1.44 -29.20
CA VAL I 58 11.88 2.58 -29.61
C VAL I 58 12.80 3.66 -30.17
N PRO I 59 12.53 4.15 -31.38
CA PRO I 59 13.41 5.16 -31.99
C PRO I 59 13.50 6.43 -31.15
N SER I 60 14.64 7.12 -31.29
CA SER I 60 14.95 8.28 -30.47
C SER I 60 14.00 9.44 -30.69
N ARG I 61 13.27 9.47 -31.82
CA ARG I 61 12.35 10.57 -32.05
C ARG I 61 11.23 10.59 -31.03
N PHE I 62 10.92 9.45 -30.41
CA PHE I 62 9.93 9.40 -29.35
C PHE I 62 10.52 9.88 -28.03
N SER I 63 9.76 10.70 -27.32
CA SER I 63 10.15 11.17 -25.99
C SER I 63 8.89 11.53 -25.23
N ALA I 64 9.00 11.55 -23.90
CA ALA I 64 7.85 11.84 -23.06
C ALA I 64 8.32 12.43 -21.75
N THR I 65 7.47 13.24 -21.15
CA THR I 65 7.70 13.80 -19.83
C THR I 65 6.36 13.90 -19.11
N GLY I 66 6.43 14.21 -17.81
CA GLY I 66 5.20 14.34 -17.05
C GLY I 66 5.35 14.16 -15.55
N SER I 67 4.58 14.94 -14.82
CA SER I 67 4.70 15.03 -13.36
C SER I 67 3.31 14.95 -12.75
N GLY I 68 3.02 13.84 -12.08
CA GLY I 68 1.82 13.76 -11.27
C GLY I 68 0.50 13.63 -12.01
N THR I 69 0.01 14.74 -12.59
CA THR I 69 -1.27 14.72 -13.29
C THR I 69 -1.20 15.23 -14.72
N HIS I 70 -0.07 15.75 -15.17
CA HIS I 70 0.07 16.26 -16.54
C HIS I 70 1.23 15.55 -17.22
N PHE I 71 0.93 14.83 -18.30
CA PHE I 71 1.93 14.07 -19.04
C PHE I 71 1.82 14.38 -20.53
N THR I 72 2.97 14.39 -21.22
CA THR I 72 3.01 14.62 -22.65
C THR I 72 3.94 13.62 -23.32
N LEU I 73 3.58 13.19 -24.53
CA LEU I 73 4.41 12.39 -25.40
C LEU I 73 4.69 13.17 -26.68
N THR I 74 5.91 13.07 -27.19
CA THR I 74 6.31 13.90 -28.32
C THR I 74 7.08 13.05 -29.32
N VAL I 75 6.80 13.26 -30.60
CA VAL I 75 7.62 12.73 -31.69
C VAL I 75 8.25 13.93 -32.38
N SER I 76 9.58 13.93 -32.47
CA SER I 76 10.29 15.08 -33.03
C SER I 76 9.98 15.28 -34.51
N SER I 77 9.88 14.18 -35.27
CA SER I 77 9.58 14.26 -36.69
C SER I 77 8.83 12.99 -37.06
N LEU I 78 7.55 13.13 -37.39
CA LEU I 78 6.72 11.97 -37.67
C LEU I 78 7.25 11.19 -38.85
N GLN I 79 7.00 9.89 -38.85
CA GLN I 79 7.38 8.97 -39.90
C GLN I 79 6.18 8.12 -40.26
N PRO I 80 6.19 7.48 -41.43
CA PRO I 80 5.03 6.65 -41.82
C PRO I 80 4.60 5.64 -40.76
N GLU I 81 5.53 4.96 -40.09
CA GLU I 81 5.10 3.99 -39.09
C GLU I 81 4.55 4.66 -37.84
N ASP I 82 4.86 5.93 -37.60
CA ASP I 82 4.40 6.58 -36.38
C ASP I 82 2.91 6.91 -36.41
N PHE I 83 2.23 6.72 -37.53
CA PHE I 83 0.82 7.10 -37.64
C PHE I 83 -0.03 5.94 -37.14
N ALA I 84 -0.68 6.15 -36.01
CA ALA I 84 -1.41 5.11 -35.29
C ALA I 84 -2.17 5.79 -34.16
N THR I 85 -2.74 4.99 -33.26
CA THR I 85 -3.44 5.50 -32.08
C THR I 85 -2.58 5.25 -30.84
N TYR I 86 -2.50 6.27 -29.99
CA TYR I 86 -1.63 6.26 -28.83
C TYR I 86 -2.46 6.28 -27.55
N PHE I 87 -2.11 5.41 -26.61
CA PHE I 87 -2.79 5.31 -25.33
C PHE I 87 -1.81 5.57 -24.18
N CYS I 88 -2.25 6.34 -23.21
CA CYS I 88 -1.55 6.37 -21.93
C CYS I 88 -2.19 5.38 -20.95
N GLN I 89 -1.40 4.98 -19.96
CA GLN I 89 -1.89 4.06 -18.93
C GLN I 89 -1.17 4.36 -17.63
N HIS I 90 -1.93 4.36 -16.54
CA HIS I 90 -1.36 4.48 -15.21
C HIS I 90 -1.45 3.12 -14.52
N MET I 91 -0.60 2.94 -13.51
CA MET I 91 -0.62 1.73 -12.71
C MET I 91 -0.45 2.07 -11.24
N SER I 92 -1.06 3.18 -10.82
CA SER I 92 -0.86 3.69 -9.47
C SER I 92 -1.85 3.11 -8.46
N SER I 93 -2.97 2.57 -8.93
CA SER I 93 -3.96 1.94 -8.06
C SER I 93 -4.89 1.10 -8.92
N TYR I 94 -5.63 0.23 -8.26
CA TYR I 94 -6.56 -0.61 -9.01
C TYR I 94 -7.87 0.14 -9.23
N PRO I 95 -8.49 0.01 -10.41
CA PRO I 95 -8.02 -0.77 -11.56
C PRO I 95 -7.04 0.02 -12.42
N LEU I 96 -6.15 -0.67 -13.12
CA LEU I 96 -5.34 0.00 -14.14
C LEU I 96 -6.26 0.61 -15.19
N THR I 97 -5.91 1.79 -15.66
CA THR I 97 -6.77 2.55 -16.55
C THR I 97 -5.99 3.10 -17.73
N PHE I 98 -6.59 3.04 -18.91
CA PHE I 98 -6.02 3.61 -20.12
C PHE I 98 -6.72 4.92 -20.47
N GLY I 99 -6.01 5.79 -21.17
CA GLY I 99 -6.63 6.96 -21.77
C GLY I 99 -7.54 6.58 -22.92
N GLY I 100 -8.36 7.56 -23.32
CA GLY I 100 -9.28 7.36 -24.44
C GLY I 100 -8.60 7.20 -25.78
N GLY I 101 -7.34 7.61 -25.89
CA GLY I 101 -6.60 7.40 -27.11
C GLY I 101 -6.52 8.64 -27.97
N THR I 102 -5.40 8.78 -28.67
CA THR I 102 -5.21 9.83 -29.66
C THR I 102 -4.86 9.17 -30.98
N LYS I 103 -5.74 9.31 -31.98
CA LYS I 103 -5.47 8.79 -33.32
C LYS I 103 -4.73 9.85 -34.12
N VAL I 104 -3.55 9.50 -34.59
CA VAL I 104 -2.74 10.40 -35.39
C VAL I 104 -2.84 9.95 -36.84
N GLU I 105 -3.30 10.86 -37.69
CA GLU I 105 -3.63 10.57 -39.08
C GLU I 105 -2.73 11.41 -39.99
N ILE I 106 -2.39 10.84 -41.15
CA ILE I 106 -1.52 11.51 -42.12
C ILE I 106 -2.27 12.67 -42.75
N LYS I 107 -1.72 13.88 -42.64
CA LYS I 107 -2.23 15.01 -43.39
C LYS I 107 -1.67 15.00 -44.80
N ARG I 108 -2.55 15.11 -45.80
CA ARG I 108 -2.19 15.13 -47.20
C ARG I 108 -3.06 16.16 -47.92
N THR I 109 -2.84 16.34 -49.21
CA THR I 109 -3.61 17.33 -49.95
C THR I 109 -5.05 16.89 -50.15
N VAL I 110 -5.95 17.87 -50.18
CA VAL I 110 -7.37 17.60 -50.39
C VAL I 110 -7.57 16.86 -51.70
N ALA I 111 -8.28 15.74 -51.65
CA ALA I 111 -8.57 14.92 -52.82
C ALA I 111 -10.05 14.56 -52.84
N ALA I 112 -10.68 14.72 -53.98
CA ALA I 112 -12.11 14.50 -54.11
C ALA I 112 -12.41 13.04 -54.39
N PRO I 113 -13.55 12.54 -53.92
CA PRO I 113 -13.88 11.14 -54.16
C PRO I 113 -14.32 10.88 -55.59
N SER I 114 -13.91 9.73 -56.11
CA SER I 114 -14.43 9.23 -57.38
C SER I 114 -15.67 8.39 -57.07
N VAL I 115 -16.80 8.75 -57.66
CA VAL I 115 -18.09 8.19 -57.29
C VAL I 115 -18.53 7.19 -58.34
N PHE I 116 -19.03 6.04 -57.88
CA PHE I 116 -19.53 4.98 -58.74
C PHE I 116 -20.78 4.41 -58.10
N ILE I 117 -21.79 4.12 -58.91
CA ILE I 117 -23.02 3.49 -58.45
C ILE I 117 -23.13 2.12 -59.10
N PHE I 118 -23.66 1.16 -58.34
CA PHE I 118 -23.82 -0.22 -58.81
C PHE I 118 -25.27 -0.62 -58.60
N PRO I 119 -26.04 -0.82 -59.67
CA PRO I 119 -27.40 -1.35 -59.53
C PRO I 119 -27.34 -2.77 -58.98
N PRO I 120 -28.44 -3.26 -58.41
CA PRO I 120 -28.42 -4.61 -57.81
C PRO I 120 -28.19 -5.68 -58.86
N SER I 121 -27.63 -6.80 -58.40
CA SER I 121 -27.41 -7.95 -59.27
C SER I 121 -28.72 -8.68 -59.49
N ASP I 122 -28.83 -9.31 -60.66
CA ASP I 122 -30.03 -10.09 -60.95
C ASP I 122 -30.18 -11.25 -59.98
N GLU I 123 -29.06 -11.87 -59.57
CA GLU I 123 -29.13 -12.98 -58.62
C GLU I 123 -29.69 -12.51 -57.28
N GLN I 124 -29.31 -11.31 -56.83
CA GLN I 124 -29.87 -10.79 -55.59
C GLN I 124 -31.34 -10.43 -55.77
N LEU I 125 -31.67 -9.75 -56.88
CA LEU I 125 -33.05 -9.36 -57.13
C LEU I 125 -33.97 -10.57 -57.19
N LYS I 126 -33.47 -11.70 -57.71
CA LYS I 126 -34.23 -12.94 -57.68
C LYS I 126 -34.42 -13.48 -56.28
N SER I 127 -33.57 -13.09 -55.32
CA SER I 127 -33.70 -13.55 -53.94
C SER I 127 -34.69 -12.73 -53.13
N GLY I 128 -35.18 -11.62 -53.66
CA GLY I 128 -36.21 -10.83 -53.00
C GLY I 128 -35.73 -9.53 -52.39
N THR I 129 -34.42 -9.26 -52.44
CA THR I 129 -33.87 -8.02 -51.88
C THR I 129 -33.01 -7.35 -52.94
N ALA I 130 -32.96 -6.02 -52.87
CA ALA I 130 -32.16 -5.22 -53.79
C ALA I 130 -31.27 -4.30 -52.98
N SER I 131 -29.97 -4.37 -53.23
CA SER I 131 -29.00 -3.48 -52.60
C SER I 131 -28.38 -2.61 -53.69
N VAL I 132 -28.50 -1.30 -53.51
CA VAL I 132 -27.83 -0.33 -54.38
C VAL I 132 -26.61 0.18 -53.66
N VAL I 133 -25.46 0.12 -54.31
CA VAL I 133 -24.17 0.43 -53.70
C VAL I 133 -23.60 1.67 -54.35
N CYS I 134 -23.19 2.64 -53.54
CA CYS I 134 -22.48 3.82 -54.00
C CYS I 134 -21.09 3.79 -53.38
N LEU I 135 -20.07 3.96 -54.21
CA LEU I 135 -18.69 3.88 -53.76
C LEU I 135 -18.03 5.24 -53.95
N LEU I 136 -17.38 5.72 -52.90
CA LEU I 136 -16.60 6.94 -52.94
C LEU I 136 -15.14 6.52 -52.77
N ASN I 137 -14.35 6.69 -53.82
CA ASN I 137 -13.04 6.06 -53.91
C ASN I 137 -11.94 7.12 -53.78
N ASN I 138 -11.00 6.86 -52.86
CA ASN I 138 -9.76 7.61 -52.70
C ASN I 138 -9.98 9.11 -52.57
N PHE I 139 -10.44 9.55 -51.40
CA PHE I 139 -10.66 10.95 -51.11
C PHE I 139 -9.95 11.33 -49.81
N TYR I 140 -9.77 12.64 -49.62
CA TYR I 140 -9.23 13.18 -48.38
C TYR I 140 -9.74 14.61 -48.26
N PRO I 141 -10.13 15.07 -47.05
CA PRO I 141 -10.10 14.37 -45.76
C PRO I 141 -11.21 13.32 -45.59
N ARG I 142 -11.39 12.83 -44.37
CA ARG I 142 -12.21 11.65 -44.10
C ARG I 142 -13.71 11.92 -44.10
N GLU I 143 -14.13 13.14 -43.75
CA GLU I 143 -15.55 13.47 -43.66
C GLU I 143 -16.17 13.57 -45.06
N ALA I 144 -17.13 12.69 -45.32
CA ALA I 144 -17.91 12.72 -46.56
C ALA I 144 -19.33 12.31 -46.23
N LYS I 145 -20.30 13.00 -46.84
CA LYS I 145 -21.70 12.74 -46.58
C LYS I 145 -22.37 12.28 -47.86
N VAL I 146 -23.14 11.18 -47.77
CA VAL I 146 -23.84 10.60 -48.91
C VAL I 146 -25.33 10.72 -48.67
N GLN I 147 -26.07 11.06 -49.73
CA GLN I 147 -27.52 11.18 -49.69
C GLN I 147 -28.12 10.34 -50.81
N TRP I 148 -29.16 9.57 -50.47
CA TRP I 148 -29.82 8.71 -51.44
C TRP I 148 -31.12 9.32 -51.91
N LYS I 149 -31.37 9.25 -53.21
CA LYS I 149 -32.62 9.70 -53.81
C LYS I 149 -33.15 8.54 -54.64
N VAL I 150 -34.30 8.01 -54.27
CA VAL I 150 -34.90 6.97 -55.10
C VAL I 150 -35.48 7.67 -56.32
N ASP I 151 -36.74 8.05 -56.28
CA ASP I 151 -37.36 8.72 -57.43
C ASP I 151 -37.38 10.22 -57.19
N ASN I 152 -36.18 10.74 -56.93
CA ASN I 152 -35.88 12.11 -56.52
C ASN I 152 -36.29 12.37 -55.08
N ALA I 153 -36.81 11.37 -54.38
CA ALA I 153 -37.26 11.52 -53.00
C ALA I 153 -36.10 11.24 -52.04
N LEU I 154 -35.85 12.19 -51.13
CA LEU I 154 -34.79 12.02 -50.14
C LEU I 154 -35.05 10.78 -49.30
N GLN I 155 -34.04 9.93 -49.19
CA GLN I 155 -34.22 8.63 -48.57
C GLN I 155 -33.56 8.56 -47.20
N SER I 156 -34.03 9.37 -46.26
CA SER I 156 -33.51 9.31 -44.90
C SER I 156 -34.14 8.14 -44.15
N GLY I 157 -34.15 6.97 -44.77
CA GLY I 157 -34.65 5.77 -44.13
C GLY I 157 -33.51 4.87 -43.69
N ASN I 158 -33.31 3.77 -44.40
CA ASN I 158 -32.32 2.77 -44.03
C ASN I 158 -31.28 2.64 -45.15
N SER I 159 -30.06 3.08 -44.86
CA SER I 159 -28.89 2.81 -45.69
C SER I 159 -27.67 2.89 -44.78
N GLN I 160 -26.64 2.10 -45.11
CA GLN I 160 -25.50 1.94 -44.21
C GLN I 160 -24.19 2.25 -44.93
N GLU I 161 -23.21 2.72 -44.16
CA GLU I 161 -21.91 3.14 -44.69
C GLU I 161 -20.79 2.30 -44.09
N SER I 162 -19.63 2.39 -44.73
CA SER I 162 -18.43 1.70 -44.26
C SER I 162 -17.21 2.41 -44.83
N VAL I 163 -16.30 2.80 -43.96
CA VAL I 163 -15.11 3.55 -44.35
C VAL I 163 -13.87 2.69 -44.11
N THR I 164 -12.95 2.70 -45.06
CA THR I 164 -11.68 2.03 -44.87
C THR I 164 -10.78 2.85 -43.95
N GLU I 165 -9.68 2.24 -43.53
CA GLU I 165 -8.65 3.01 -42.85
C GLU I 165 -7.81 3.76 -43.89
N GLN I 166 -7.03 4.72 -43.41
CA GLN I 166 -6.20 5.51 -44.30
C GLN I 166 -5.25 4.61 -45.08
N ASP I 167 -5.20 4.83 -46.40
CA ASP I 167 -4.41 3.97 -47.26
C ASP I 167 -2.92 4.12 -46.95
N SER I 168 -2.18 3.00 -47.09
CA SER I 168 -0.76 3.03 -46.79
C SER I 168 0.04 3.85 -47.81
N LYS I 169 -0.40 3.87 -49.06
CA LYS I 169 0.29 4.57 -50.14
C LYS I 169 -0.30 5.94 -50.41
N ASP I 170 -1.63 6.03 -50.52
CA ASP I 170 -2.30 7.28 -50.89
C ASP I 170 -2.46 8.21 -49.70
N SER I 171 -2.67 7.66 -48.51
CA SER I 171 -3.16 8.38 -47.34
C SER I 171 -4.59 8.90 -47.54
N THR I 172 -5.33 8.29 -48.46
CA THR I 172 -6.71 8.67 -48.73
C THR I 172 -7.67 7.68 -48.07
N TYR I 173 -8.96 7.99 -48.17
CA TYR I 173 -10.02 7.18 -47.63
C TYR I 173 -10.96 6.71 -48.73
N SER I 174 -11.65 5.62 -48.47
CA SER I 174 -12.68 5.13 -49.36
C SER I 174 -13.92 4.79 -48.56
N LEU I 175 -15.08 4.92 -49.20
CA LEU I 175 -16.37 4.76 -48.54
C LEU I 175 -17.34 4.04 -49.45
N SER I 176 -18.11 3.12 -48.87
CA SER I 176 -19.19 2.44 -49.57
C SER I 176 -20.48 2.66 -48.80
N SER I 177 -21.51 3.15 -49.48
CA SER I 177 -22.86 3.25 -48.93
C SER I 177 -23.76 2.25 -49.63
N THR I 178 -24.65 1.64 -48.86
CA THR I 178 -25.50 0.55 -49.36
C THR I 178 -26.93 0.84 -48.99
N LEU I 179 -27.77 1.09 -50.00
CA LEU I 179 -29.20 1.27 -49.83
C LEU I 179 -29.89 -0.05 -50.10
N THR I 180 -30.73 -0.49 -49.15
CA THR I 180 -31.35 -1.80 -49.24
C THR I 180 -32.87 -1.65 -49.30
N LEU I 181 -33.48 -2.31 -50.29
CA LEU I 181 -34.92 -2.31 -50.45
C LEU I 181 -35.38 -3.72 -50.82
N SER I 182 -36.69 -3.88 -50.88
CA SER I 182 -37.28 -5.14 -51.30
C SER I 182 -37.35 -5.20 -52.82
N LYS I 183 -37.64 -6.38 -53.35
CA LYS I 183 -37.81 -6.50 -54.79
C LYS I 183 -38.99 -5.69 -55.27
N ALA I 184 -40.08 -5.68 -54.50
CA ALA I 184 -41.25 -4.92 -54.88
C ALA I 184 -41.00 -3.43 -54.82
N ASP I 185 -40.20 -2.97 -53.85
CA ASP I 185 -39.93 -1.55 -53.75
C ASP I 185 -38.95 -1.11 -54.82
N TYR I 186 -37.93 -1.92 -55.10
CA TYR I 186 -36.96 -1.55 -56.13
C TYR I 186 -37.63 -1.46 -57.51
N GLU I 187 -38.52 -2.41 -57.81
CA GLU I 187 -39.15 -2.45 -59.13
C GLU I 187 -40.26 -1.43 -59.28
N LYS I 188 -40.73 -0.83 -58.18
CA LYS I 188 -41.76 0.20 -58.22
C LYS I 188 -41.21 1.57 -58.58
N HIS I 189 -39.90 1.73 -58.67
CA HIS I 189 -39.29 3.02 -58.98
C HIS I 189 -38.37 2.89 -60.19
N LYS I 190 -37.74 3.99 -60.58
CA LYS I 190 -36.97 3.97 -61.82
C LYS I 190 -35.59 4.60 -61.67
N VAL I 191 -35.51 5.85 -61.22
CA VAL I 191 -34.22 6.50 -61.07
C VAL I 191 -33.69 6.15 -59.68
N TYR I 192 -32.36 6.05 -59.57
CA TYR I 192 -31.69 5.86 -58.29
C TYR I 192 -30.43 6.69 -58.31
N ALA I 193 -30.35 7.68 -57.41
CA ALA I 193 -29.27 8.65 -57.40
C ALA I 193 -28.47 8.55 -56.10
N CYS I 194 -27.25 9.08 -56.16
CA CYS I 194 -26.32 9.08 -55.04
C CYS I 194 -25.60 10.43 -55.03
N GLU I 195 -25.96 11.29 -54.07
CA GLU I 195 -25.40 12.64 -53.98
C GLU I 195 -24.30 12.65 -52.94
N VAL I 196 -23.11 13.09 -53.35
CA VAL I 196 -21.90 13.00 -52.53
C VAL I 196 -21.44 14.40 -52.15
N THR I 197 -21.21 14.61 -50.85
CA THR I 197 -20.72 15.88 -50.32
C THR I 197 -19.31 15.69 -49.75
N HIS I 198 -18.39 16.57 -50.13
CA HIS I 198 -17.01 16.46 -49.70
C HIS I 198 -16.30 17.79 -49.89
N GLN I 199 -15.25 17.98 -49.09
CA GLN I 199 -14.43 19.19 -49.18
C GLN I 199 -13.85 19.40 -50.58
N GLY I 200 -13.51 18.32 -51.27
CA GLY I 200 -12.93 18.42 -52.59
C GLY I 200 -13.92 18.62 -53.72
N LEU I 201 -15.19 18.86 -53.42
CA LEU I 201 -16.21 19.09 -54.43
C LEU I 201 -16.82 20.48 -54.20
N SER I 202 -16.54 21.40 -55.13
CA SER I 202 -17.10 22.74 -55.02
C SER I 202 -18.63 22.69 -55.03
N SER I 203 -19.20 21.79 -55.83
CA SER I 203 -20.60 21.45 -55.82
C SER I 203 -20.74 19.95 -55.66
N PRO I 204 -21.68 19.48 -54.83
CA PRO I 204 -21.86 18.04 -54.68
C PRO I 204 -22.12 17.37 -56.02
N VAL I 205 -21.64 16.13 -56.14
CA VAL I 205 -21.75 15.36 -57.37
C VAL I 205 -22.87 14.34 -57.21
N THR I 206 -23.60 14.11 -58.30
CA THR I 206 -24.68 13.14 -58.33
C THR I 206 -24.37 12.05 -59.35
N LYS I 207 -24.65 10.80 -58.97
CA LYS I 207 -24.45 9.65 -59.84
C LYS I 207 -25.71 8.82 -59.78
N SER I 208 -26.36 8.65 -60.92
CA SER I 208 -27.65 7.99 -60.98
C SER I 208 -27.67 6.96 -62.11
N PHE I 209 -28.64 6.06 -62.01
CA PHE I 209 -28.87 5.06 -63.04
C PHE I 209 -30.37 4.83 -63.16
N ASN I 210 -30.78 4.41 -64.35
CA ASN I 210 -32.19 4.16 -64.65
C ASN I 210 -32.44 2.66 -64.77
N ARG I 211 -33.72 2.30 -64.68
CA ARG I 211 -34.29 0.96 -64.74
C ARG I 211 -34.51 0.45 -63.32
N GLY I 212 -34.98 -0.78 -63.19
CA GLY I 212 -35.32 -1.34 -61.90
C GLY I 212 -36.69 -0.90 -61.42
N ALA J 1 -4.30 -1.56 7.50
CA ALA J 1 -3.82 -2.93 7.37
C ALA J 1 -3.97 -3.43 5.94
N VAL J 2 -3.58 -4.69 5.74
CA VAL J 2 -3.66 -5.29 4.41
C VAL J 2 -5.12 -5.54 4.04
N GLY J 3 -5.45 -5.29 2.78
CA GLY J 3 -6.77 -5.50 2.25
C GLY J 3 -6.69 -5.56 0.74
N THR J 4 -5.58 -6.11 0.25
CA THR J 4 -5.32 -6.16 -1.18
C THR J 4 -6.29 -7.09 -1.92
N ILE J 5 -6.90 -8.04 -1.23
CA ILE J 5 -7.81 -8.97 -1.87
C ILE J 5 -9.13 -8.30 -2.23
N GLY J 6 -9.32 -7.04 -1.85
CA GLY J 6 -10.46 -6.31 -2.39
C GLY J 6 -11.39 -5.78 -1.33
N ALA J 7 -12.56 -5.36 -1.78
CA ALA J 7 -13.65 -4.83 -0.97
C ALA J 7 -14.85 -5.77 -1.06
N MET J 8 -15.68 -5.75 -0.02
CA MET J 8 -16.87 -6.62 0.04
C MET J 8 -18.12 -5.95 0.62
N ALA K 1 -32.08 14.10 -13.92
CA ALA K 1 -31.25 13.58 -12.83
C ALA K 1 -31.76 12.22 -12.35
N VAL K 2 -31.06 11.65 -11.36
CA VAL K 2 -31.42 10.33 -10.84
C VAL K 2 -32.67 10.44 -9.98
N GLY K 3 -33.63 9.53 -10.18
CA GLY K 3 -34.88 9.60 -9.44
C GLY K 3 -35.63 8.28 -9.44
N THR K 4 -34.85 7.20 -9.37
CA THR K 4 -35.36 5.85 -9.43
C THR K 4 -36.17 5.45 -8.19
N ILE K 5 -35.99 6.12 -7.06
CA ILE K 5 -36.69 5.76 -5.84
C ILE K 5 -38.18 6.06 -5.94
N GLY K 6 -38.61 6.62 -7.05
CA GLY K 6 -40.03 6.72 -7.31
C GLY K 6 -40.49 8.13 -7.54
N ALA K 7 -41.81 8.28 -7.52
CA ALA K 7 -42.50 9.55 -7.67
C ALA K 7 -43.21 9.87 -6.36
N MET K 8 -43.46 11.15 -6.13
CA MET K 8 -44.10 11.61 -4.91
C MET K 8 -45.11 12.70 -5.20
N ALA L 1 3.98 1.77 -7.58
CA ALA L 1 2.80 1.28 -8.27
C ALA L 1 2.26 0.02 -7.58
N VAL L 2 1.16 -0.53 -8.11
CA VAL L 2 0.55 -1.70 -7.51
C VAL L 2 1.42 -2.93 -7.74
N GLY L 3 1.49 -3.78 -6.72
CA GLY L 3 2.27 -5.00 -6.78
C GLY L 3 1.79 -5.96 -5.71
N THR L 4 0.48 -5.95 -5.47
CA THR L 4 -0.10 -6.74 -4.39
C THR L 4 -0.04 -8.24 -4.67
N ILE L 5 0.03 -8.64 -5.95
CA ILE L 5 0.00 -10.06 -6.30
C ILE L 5 1.28 -10.79 -5.94
N GLY L 6 2.27 -10.08 -5.41
CA GLY L 6 3.44 -10.73 -4.84
C GLY L 6 4.72 -10.27 -5.48
N ALA L 7 5.80 -11.00 -5.18
CA ALA L 7 7.11 -10.71 -5.72
C ALA L 7 7.60 -11.88 -6.56
N MET L 8 8.38 -11.55 -7.60
CA MET L 8 8.98 -12.57 -8.46
C MET L 8 10.33 -12.11 -9.02
#